data_8F42
# 
_entry.id   8F42 
# 
_audit_conform.dict_name       mmcif_pdbx.dic 
_audit_conform.dict_version    5.389 
_audit_conform.dict_location   http://mmcif.pdb.org/dictionaries/ascii/mmcif_pdbx.dic 
# 
loop_
_database_2.database_id 
_database_2.database_code 
_database_2.pdbx_database_accession 
_database_2.pdbx_DOI 
PDB   8F42         pdb_00008f42 10.2210/pdb8f42/pdb 
WWPDB D_1000269169 ?            ?                   
# 
loop_
_pdbx_audit_revision_history.ordinal 
_pdbx_audit_revision_history.data_content_type 
_pdbx_audit_revision_history.major_revision 
_pdbx_audit_revision_history.minor_revision 
_pdbx_audit_revision_history.revision_date 
1 'Structure model' 1 0 2023-03-08 
2 'Structure model' 1 1 2023-03-15 
3 'Structure model' 1 2 2024-04-03 
# 
_pdbx_audit_revision_details.ordinal             1 
_pdbx_audit_revision_details.revision_ordinal    1 
_pdbx_audit_revision_details.data_content_type   'Structure model' 
_pdbx_audit_revision_details.provider            repository 
_pdbx_audit_revision_details.type                'Initial release' 
_pdbx_audit_revision_details.description         ? 
_pdbx_audit_revision_details.details             ? 
# 
loop_
_pdbx_audit_revision_group.ordinal 
_pdbx_audit_revision_group.revision_ordinal 
_pdbx_audit_revision_group.data_content_type 
_pdbx_audit_revision_group.group 
1 2 'Structure model' 'Database references'    
2 3 'Structure model' 'Data collection'        
3 3 'Structure model' 'Refinement description' 
# 
loop_
_pdbx_audit_revision_category.ordinal 
_pdbx_audit_revision_category.revision_ordinal 
_pdbx_audit_revision_category.data_content_type 
_pdbx_audit_revision_category.category 
1 2 'Structure model' citation                      
2 2 'Structure model' citation_author               
3 3 'Structure model' chem_comp_atom                
4 3 'Structure model' chem_comp_bond                
5 3 'Structure model' pdbx_initial_refinement_model 
# 
loop_
_pdbx_audit_revision_item.ordinal 
_pdbx_audit_revision_item.revision_ordinal 
_pdbx_audit_revision_item.data_content_type 
_pdbx_audit_revision_item.item 
1 2 'Structure model' '_citation.journal_volume'          
2 2 'Structure model' '_citation.page_first'              
3 2 'Structure model' '_citation.page_last'               
4 2 'Structure model' '_citation_author.identifier_ORCID' 
# 
_pdbx_database_status.status_code                     REL 
_pdbx_database_status.status_code_sf                  REL 
_pdbx_database_status.status_code_mr                  ? 
_pdbx_database_status.entry_id                        8F42 
_pdbx_database_status.recvd_initial_deposition_date   2022-11-10 
_pdbx_database_status.SG_entry                        N 
_pdbx_database_status.deposit_site                    RCSB 
_pdbx_database_status.process_site                    RCSB 
_pdbx_database_status.status_code_cs                  ? 
_pdbx_database_status.status_code_nmr_data            ? 
_pdbx_database_status.methods_development_category    ? 
_pdbx_database_status.pdb_format_compatible           Y 
# 
_pdbx_contact_author.id                 2 
_pdbx_contact_author.email              mao@purdue.edu 
_pdbx_contact_author.name_first         Chengde 
_pdbx_contact_author.name_last          Mao 
_pdbx_contact_author.name_mi            ? 
_pdbx_contact_author.role               'principal investigator/group leader' 
_pdbx_contact_author.identifier_ORCID   0000-0001-7516-8666 
# 
loop_
_audit_author.name 
_audit_author.pdbx_ordinal 
_audit_author.identifier_ORCID 
'Zhang, C.'    1 0000-0003-3342-7003 
'Zhao, J.'     2 ?                   
'Lu, B.'       3 ?                   
'Sha, R.'      4 0000-0002-0807-734X 
'Seeman, N.C.' 5 0000-0002-9680-4649 
'Noinaj, N.'   6 ?                   
'Mao, C.'      7 0000-0001-7516-8666 
# 
_citation.abstract                  ? 
_citation.abstract_id_CAS           ? 
_citation.book_id_ISBN              ? 
_citation.book_publisher            ? 
_citation.book_publisher_city       ? 
_citation.book_title                ? 
_citation.coordinate_linkage        ? 
_citation.country                   US 
_citation.database_id_Medline       ? 
_citation.details                   ? 
_citation.id                        primary 
_citation.journal_abbrev            J.Am.Chem.Soc. 
_citation.journal_id_ASTM           JACSAT 
_citation.journal_id_CSD            ? 
_citation.journal_id_ISSN           1520-5126 
_citation.journal_full              ? 
_citation.journal_issue             ? 
_citation.journal_volume            145 
_citation.language                  ? 
_citation.page_first                4853 
_citation.page_last                 4859 
_citation.title                     'Engineering DNA Crystals toward Studying DNA-Guest Molecule Interactions.' 
_citation.year                      2023 
_citation.database_id_CSD           ? 
_citation.pdbx_database_id_DOI      10.1021/jacs.3c00081 
_citation.pdbx_database_id_PubMed   36791277 
_citation.pdbx_database_id_patent   ? 
_citation.unpublished_flag          ? 
# 
loop_
_citation_author.citation_id 
_citation_author.name 
_citation_author.ordinal 
_citation_author.identifier_ORCID 
primary 'Zhang, C.'    1 ? 
primary 'Zhao, J.'     2 ? 
primary 'Lu, B.'       3 ? 
primary 'Seeman, N.C.' 4 ? 
primary 'Sha, R.'      5 ? 
primary 'Noinaj, N.'   6 ? 
primary 'Mao, C.'      7 ? 
# 
loop_
_entity.id 
_entity.type 
_entity.src_method 
_entity.pdbx_description 
_entity.formula_weight 
_entity.pdbx_number_of_molecules 
_entity.pdbx_ec 
_entity.pdbx_mutation 
_entity.pdbx_fragment 
_entity.details 
1 polymer     syn 
;DNA (5'-D(*CP*GP*CP*TP*TP*AP*AP*GP*GP*AP*AP*TP*TP*CP*GP*C)-3')
;
4898.191 2 ? ? ? ? 
2 non-polymer syn "2'-(4-ETHOXYPHENYL)-5-(4-METHYL-1-PIPERAZINYL)-2,5'-BI-BENZIMIDAZOLE" 452.551  1 ? ? ? ? 
# 
_entity_poly.entity_id                      1 
_entity_poly.type                           polydeoxyribonucleotide 
_entity_poly.nstd_linkage                   no 
_entity_poly.nstd_monomer                   no 
_entity_poly.pdbx_seq_one_letter_code       '(DC)(DG)(DC)(DT)(DT)(DA)(DA)(DG)(DG)(DA)(DA)(DT)(DT)(DC)(DG)(DC)' 
_entity_poly.pdbx_seq_one_letter_code_can   CGCTTAAGGAATTCGC 
_entity_poly.pdbx_strand_id                 A,B 
_entity_poly.pdbx_target_identifier         ? 
# 
_pdbx_entity_nonpoly.entity_id   2 
_pdbx_entity_nonpoly.name        "2'-(4-ETHOXYPHENYL)-5-(4-METHYL-1-PIPERAZINYL)-2,5'-BI-BENZIMIDAZOLE" 
_pdbx_entity_nonpoly.comp_id     HT1 
# 
loop_
_entity_poly_seq.entity_id 
_entity_poly_seq.num 
_entity_poly_seq.mon_id 
_entity_poly_seq.hetero 
1 1  DC n 
1 2  DG n 
1 3  DC n 
1 4  DT n 
1 5  DT n 
1 6  DA n 
1 7  DA n 
1 8  DG n 
1 9  DG n 
1 10 DA n 
1 11 DA n 
1 12 DT n 
1 13 DT n 
1 14 DC n 
1 15 DG n 
1 16 DC n 
# 
_pdbx_entity_src_syn.entity_id              1 
_pdbx_entity_src_syn.pdbx_src_id            1 
_pdbx_entity_src_syn.pdbx_alt_source_flag   sample 
_pdbx_entity_src_syn.pdbx_beg_seq_num       1 
_pdbx_entity_src_syn.pdbx_end_seq_num       16 
_pdbx_entity_src_syn.organism_scientific    'synthetic construct' 
_pdbx_entity_src_syn.organism_common_name   ? 
_pdbx_entity_src_syn.ncbi_taxonomy_id       32630 
_pdbx_entity_src_syn.details                ? 
# 
loop_
_chem_comp.id 
_chem_comp.type 
_chem_comp.mon_nstd_flag 
_chem_comp.name 
_chem_comp.pdbx_synonyms 
_chem_comp.formula 
_chem_comp.formula_weight 
DA  'DNA linking' y "2'-DEOXYADENOSINE-5'-MONOPHOSPHATE"                                   ?               'C10 H14 N5 O6 P' 
331.222 
DC  'DNA linking' y "2'-DEOXYCYTIDINE-5'-MONOPHOSPHATE"                                    ?               'C9 H14 N3 O7 P'  
307.197 
DG  'DNA linking' y "2'-DEOXYGUANOSINE-5'-MONOPHOSPHATE"                                   ?               'C10 H14 N5 O7 P' 
347.221 
DT  'DNA linking' y "THYMIDINE-5'-MONOPHOSPHATE"                                           ?               'C10 H15 N2 O8 P' 
322.208 
HT1 non-polymer   . "2'-(4-ETHOXYPHENYL)-5-(4-METHYL-1-PIPERAZINYL)-2,5'-BI-BENZIMIDAZOLE" 'HOECHST 33342' 'C27 H28 N6 O'    
452.551 
# 
loop_
_pdbx_poly_seq_scheme.asym_id 
_pdbx_poly_seq_scheme.entity_id 
_pdbx_poly_seq_scheme.seq_id 
_pdbx_poly_seq_scheme.mon_id 
_pdbx_poly_seq_scheme.ndb_seq_num 
_pdbx_poly_seq_scheme.pdb_seq_num 
_pdbx_poly_seq_scheme.auth_seq_num 
_pdbx_poly_seq_scheme.pdb_mon_id 
_pdbx_poly_seq_scheme.auth_mon_id 
_pdbx_poly_seq_scheme.pdb_strand_id 
_pdbx_poly_seq_scheme.pdb_ins_code 
_pdbx_poly_seq_scheme.hetero 
A 1 1  DC 1  1  1  DC DC A . n 
A 1 2  DG 2  2  2  DG DG A . n 
A 1 3  DC 3  3  3  DC DC A . n 
A 1 4  DT 4  4  4  DT DT A . n 
A 1 5  DT 5  5  5  DT DT A . n 
A 1 6  DA 6  6  6  DA DA A . n 
A 1 7  DA 7  7  7  DA DA A . n 
A 1 8  DG 8  8  8  DG DG A . n 
A 1 9  DG 9  9  9  DG DG A . n 
A 1 10 DA 10 10 10 DA DA A . n 
A 1 11 DA 11 11 11 DA DA A . n 
A 1 12 DT 12 12 12 DT DT A . n 
A 1 13 DT 13 13 13 DT DT A . n 
A 1 14 DC 14 14 14 DC DC A . n 
A 1 15 DG 15 15 15 DG DG A . n 
A 1 16 DC 16 16 16 DC DC A . n 
B 1 1  DC 1  1  1  DC DC B . n 
B 1 2  DG 2  2  2  DG DG B . n 
B 1 3  DC 3  3  3  DC DC B . n 
B 1 4  DT 4  4  4  DT DT B . n 
B 1 5  DT 5  5  5  DT DT B . n 
B 1 6  DA 6  6  6  DA DA B . n 
B 1 7  DA 7  7  7  DA DA B . n 
B 1 8  DG 8  8  8  DG DG B . n 
B 1 9  DG 9  9  9  DG DG B . n 
B 1 10 DA 10 10 10 DA DA B . n 
B 1 11 DA 11 11 11 DA DA B . n 
B 1 12 DT 12 12 12 DT DT B . n 
B 1 13 DT 13 13 13 DT DT B . n 
B 1 14 DC 14 14 14 DC DC B . n 
B 1 15 DG 15 15 15 DG DG B . n 
B 1 16 DC 16 16 16 DC DC B . n 
# 
_pdbx_nonpoly_scheme.asym_id         C 
_pdbx_nonpoly_scheme.entity_id       2 
_pdbx_nonpoly_scheme.mon_id          HT1 
_pdbx_nonpoly_scheme.ndb_seq_num     1 
_pdbx_nonpoly_scheme.pdb_seq_num     101 
_pdbx_nonpoly_scheme.auth_seq_num    25 
_pdbx_nonpoly_scheme.pdb_mon_id      HT1 
_pdbx_nonpoly_scheme.auth_mon_id     HT1 
_pdbx_nonpoly_scheme.pdb_strand_id   B 
_pdbx_nonpoly_scheme.pdb_ins_code    . 
# 
loop_
_software.citation_id 
_software.classification 
_software.compiler_name 
_software.compiler_version 
_software.contact_author 
_software.contact_author_email 
_software.date 
_software.description 
_software.dependencies 
_software.hardware 
_software.language 
_software.location 
_software.mods 
_software.name 
_software.os 
_software.os_version 
_software.type 
_software.version 
_software.pdbx_ordinal 
? refinement       ? ? ? ? ? ? ? ? ? ? ? PHENIX    ? ? ? 1.20.1_4487 1 
? 'data reduction' ? ? ? ? ? ? ? ? ? ? ? autoPROC  ? ? ? .           2 
? 'data scaling'   ? ? ? ? ? ? ? ? ? ? ? STARANISO ? ? ? .           3 
? phasing          ? ? ? ? ? ? ? ? ? ? ? PHASER    ? ? ? .           4 
# 
_cell.angle_alpha                  90.000 
_cell.angle_alpha_esd              ? 
_cell.angle_beta                   90.000 
_cell.angle_beta_esd               ? 
_cell.angle_gamma                  90.000 
_cell.angle_gamma_esd              ? 
_cell.entry_id                     8F42 
_cell.details                      ? 
_cell.formula_units_Z              ? 
_cell.length_a                     35.363 
_cell.length_a_esd                 ? 
_cell.length_b                     35.363 
_cell.length_b_esd                 ? 
_cell.length_c                     103.291 
_cell.length_c_esd                 ? 
_cell.volume                       129169.710 
_cell.volume_esd                   ? 
_cell.Z_PDB                        8 
_cell.reciprocal_angle_alpha       ? 
_cell.reciprocal_angle_beta        ? 
_cell.reciprocal_angle_gamma       ? 
_cell.reciprocal_angle_alpha_esd   ? 
_cell.reciprocal_angle_beta_esd    ? 
_cell.reciprocal_angle_gamma_esd   ? 
_cell.reciprocal_length_a          ? 
_cell.reciprocal_length_b          ? 
_cell.reciprocal_length_c          ? 
_cell.reciprocal_length_a_esd      ? 
_cell.reciprocal_length_b_esd      ? 
_cell.reciprocal_length_c_esd      ? 
_cell.pdbx_unique_axis             ? 
_cell.pdbx_esd_method              ? 
# 
_symmetry.entry_id                         8F42 
_symmetry.cell_setting                     ? 
_symmetry.Int_Tables_number                78 
_symmetry.space_group_name_Hall            'P 4cw' 
_symmetry.space_group_name_H-M             'P 43' 
_symmetry.pdbx_full_space_group_name_H-M   ? 
# 
_exptl.absorpt_coefficient_mu     ? 
_exptl.absorpt_correction_T_max   ? 
_exptl.absorpt_correction_T_min   ? 
_exptl.absorpt_correction_type    ? 
_exptl.absorpt_process_details    ? 
_exptl.entry_id                   8F42 
_exptl.crystals_number            1 
_exptl.details                    ? 
_exptl.method                     'X-RAY DIFFRACTION' 
_exptl.method_details             ? 
# 
_exptl_crystal.colour                       ? 
_exptl_crystal.density_diffrn               ? 
_exptl_crystal.density_Matthews             3.54 
_exptl_crystal.density_method               ? 
_exptl_crystal.density_percent_sol          65.27 
_exptl_crystal.description                  ? 
_exptl_crystal.F_000                        ? 
_exptl_crystal.id                           1 
_exptl_crystal.preparation                  ? 
_exptl_crystal.size_max                     ? 
_exptl_crystal.size_mid                     ? 
_exptl_crystal.size_min                     ? 
_exptl_crystal.size_rad                     ? 
_exptl_crystal.colour_lustre                ? 
_exptl_crystal.colour_modifier              ? 
_exptl_crystal.colour_primary               ? 
_exptl_crystal.density_meas                 ? 
_exptl_crystal.density_meas_esd             ? 
_exptl_crystal.density_meas_gt              ? 
_exptl_crystal.density_meas_lt              ? 
_exptl_crystal.density_meas_temp            ? 
_exptl_crystal.density_meas_temp_esd        ? 
_exptl_crystal.density_meas_temp_gt         ? 
_exptl_crystal.density_meas_temp_lt         ? 
_exptl_crystal.pdbx_crystal_image_url       ? 
_exptl_crystal.pdbx_crystal_image_format    ? 
_exptl_crystal.pdbx_mosaicity               ? 
_exptl_crystal.pdbx_mosaicity_esd           ? 
_exptl_crystal.pdbx_mosaic_method           ? 
_exptl_crystal.pdbx_mosaic_block_size       ? 
_exptl_crystal.pdbx_mosaic_block_size_esd   ? 
# 
_exptl_crystal_grow.apparatus       ? 
_exptl_crystal_grow.atmosphere      ? 
_exptl_crystal_grow.crystal_id      1 
_exptl_crystal_grow.details         ? 
_exptl_crystal_grow.method          'VAPOR DIFFUSION, HANGING DROP' 
_exptl_crystal_grow.method_ref      ? 
_exptl_crystal_grow.pH              ? 
_exptl_crystal_grow.pressure        ? 
_exptl_crystal_grow.pressure_esd    ? 
_exptl_crystal_grow.seeding         ? 
_exptl_crystal_grow.seeding_ref     ? 
_exptl_crystal_grow.temp            295 
_exptl_crystal_grow.temp_details    ? 
_exptl_crystal_grow.temp_esd        ? 
_exptl_crystal_grow.time            ? 
_exptl_crystal_grow.pdbx_details    
;30 uM motif
60 uM Hoechst 33342, 0.005 M magnesium sulfate hydrate, 0.005 M HEPES sodium pH 7.0, 0.16 M lithium sulfate monohydrate, 6 % MPD at pH 7.0
;
_exptl_crystal_grow.pdbx_pH_range   ? 
# 
_diffrn.ambient_environment              ? 
_diffrn.ambient_temp                     100 
_diffrn.ambient_temp_details             ? 
_diffrn.ambient_temp_esd                 ? 
_diffrn.crystal_id                       1 
_diffrn.crystal_support                  ? 
_diffrn.crystal_treatment                ? 
_diffrn.details                          ? 
_diffrn.id                               1 
_diffrn.ambient_pressure                 ? 
_diffrn.ambient_pressure_esd             ? 
_diffrn.ambient_pressure_gt              ? 
_diffrn.ambient_pressure_lt              ? 
_diffrn.ambient_temp_gt                  ? 
_diffrn.ambient_temp_lt                  ? 
_diffrn.pdbx_serial_crystal_experiment   N 
# 
_diffrn_detector.details                      ? 
_diffrn_detector.detector                     PIXEL 
_diffrn_detector.diffrn_id                    1 
_diffrn_detector.type                         'DECTRIS EIGER X 16M' 
_diffrn_detector.area_resol_mean              ? 
_diffrn_detector.dtime                        ? 
_diffrn_detector.pdbx_frames_total            ? 
_diffrn_detector.pdbx_collection_time_total   ? 
_diffrn_detector.pdbx_collection_date         2022-11-04 
_diffrn_detector.pdbx_frequency               ? 
# 
_diffrn_radiation.collimation                      ? 
_diffrn_radiation.diffrn_id                        1 
_diffrn_radiation.filter_edge                      ? 
_diffrn_radiation.inhomogeneity                    ? 
_diffrn_radiation.monochromator                    ? 
_diffrn_radiation.polarisn_norm                    ? 
_diffrn_radiation.polarisn_ratio                   ? 
_diffrn_radiation.probe                            ? 
_diffrn_radiation.type                             ? 
_diffrn_radiation.xray_symbol                      ? 
_diffrn_radiation.wavelength_id                    1 
_diffrn_radiation.pdbx_monochromatic_or_laue_m_l   M 
_diffrn_radiation.pdbx_wavelength_list             ? 
_diffrn_radiation.pdbx_wavelength                  ? 
_diffrn_radiation.pdbx_diffrn_protocol             'SINGLE WAVELENGTH' 
_diffrn_radiation.pdbx_analyzer                    ? 
_diffrn_radiation.pdbx_scattering_type             x-ray 
# 
_diffrn_radiation_wavelength.id           1 
_diffrn_radiation_wavelength.wavelength   1.03 
_diffrn_radiation_wavelength.wt           1.0 
# 
_diffrn_source.current                     ? 
_diffrn_source.details                     ? 
_diffrn_source.diffrn_id                   1 
_diffrn_source.power                       ? 
_diffrn_source.size                        ? 
_diffrn_source.source                      SYNCHROTRON 
_diffrn_source.target                      ? 
_diffrn_source.type                        'APS BEAMLINE 23-ID-B' 
_diffrn_source.voltage                     ? 
_diffrn_source.take-off_angle              ? 
_diffrn_source.pdbx_wavelength_list        1.03 
_diffrn_source.pdbx_wavelength             ? 
_diffrn_source.pdbx_synchrotron_beamline   23-ID-B 
_diffrn_source.pdbx_synchrotron_site       APS 
# 
_reflns.B_iso_Wilson_estimate                          ? 
_reflns.entry_id                                       8F42 
_reflns.data_reduction_details                         ? 
_reflns.data_reduction_method                          ? 
_reflns.d_resolution_high                              2.55 
_reflns.d_resolution_low                               35.363 
_reflns.details                                        ? 
_reflns.limit_h_max                                    ? 
_reflns.limit_h_min                                    ? 
_reflns.limit_k_max                                    ? 
_reflns.limit_k_min                                    ? 
_reflns.limit_l_max                                    ? 
_reflns.limit_l_min                                    ? 
_reflns.number_all                                     ? 
_reflns.number_obs                                     4231 
_reflns.observed_criterion                             ? 
_reflns.observed_criterion_F_max                       ? 
_reflns.observed_criterion_F_min                       ? 
_reflns.observed_criterion_I_max                       ? 
_reflns.observed_criterion_I_min                       ? 
_reflns.observed_criterion_sigma_F                     ? 
_reflns.observed_criterion_sigma_I                     ? 
_reflns.percent_possible_obs                           80.0 
_reflns.R_free_details                                 ? 
_reflns.Rmerge_F_all                                   ? 
_reflns.Rmerge_F_obs                                   ? 
_reflns.Friedel_coverage                               ? 
_reflns.number_gt                                      ? 
_reflns.threshold_expression                           ? 
_reflns.pdbx_redundancy                                6.5 
_reflns.pdbx_Rmerge_I_obs                              ? 
_reflns.pdbx_Rmerge_I_all                              ? 
_reflns.pdbx_Rsym_value                                ? 
_reflns.pdbx_netI_over_av_sigmaI                       ? 
_reflns.pdbx_netI_over_sigmaI                          12.7 
_reflns.pdbx_res_netI_over_av_sigmaI_2                 ? 
_reflns.pdbx_res_netI_over_sigmaI_2                    ? 
_reflns.pdbx_chi_squared                               ? 
_reflns.pdbx_scaling_rejects                           ? 
_reflns.pdbx_d_res_high_opt                            ? 
_reflns.pdbx_d_res_low_opt                             ? 
_reflns.pdbx_d_res_opt_method                          ? 
_reflns.phase_calculation_details                      ? 
_reflns.pdbx_Rrim_I_all                                ? 
_reflns.pdbx_Rpim_I_all                                ? 
_reflns.pdbx_d_opt                                     ? 
_reflns.pdbx_number_measured_all                       ? 
_reflns.pdbx_diffrn_id                                 1 
_reflns.pdbx_ordinal                                   1 
_reflns.pdbx_CC_half                                   1.00 
_reflns.pdbx_CC_star                                   ? 
_reflns.pdbx_R_split                                   ? 
_reflns.pdbx_aniso_diffraction_limit_axis_1_ortho[1]   ? 
_reflns.pdbx_aniso_diffraction_limit_axis_1_ortho[2]   ? 
_reflns.pdbx_aniso_diffraction_limit_axis_1_ortho[3]   ? 
_reflns.pdbx_aniso_diffraction_limit_axis_2_ortho[1]   ? 
_reflns.pdbx_aniso_diffraction_limit_axis_2_ortho[2]   ? 
_reflns.pdbx_aniso_diffraction_limit_axis_2_ortho[3]   ? 
_reflns.pdbx_aniso_diffraction_limit_axis_3_ortho[1]   ? 
_reflns.pdbx_aniso_diffraction_limit_axis_3_ortho[2]   ? 
_reflns.pdbx_aniso_diffraction_limit_axis_3_ortho[3]   ? 
_reflns.pdbx_aniso_diffraction_limit_1                 ? 
_reflns.pdbx_aniso_diffraction_limit_2                 ? 
_reflns.pdbx_aniso_diffraction_limit_3                 ? 
_reflns.pdbx_aniso_B_tensor_eigenvector_1_ortho[1]     ? 
_reflns.pdbx_aniso_B_tensor_eigenvector_1_ortho[2]     ? 
_reflns.pdbx_aniso_B_tensor_eigenvector_1_ortho[3]     ? 
_reflns.pdbx_aniso_B_tensor_eigenvector_2_ortho[1]     ? 
_reflns.pdbx_aniso_B_tensor_eigenvector_2_ortho[2]     ? 
_reflns.pdbx_aniso_B_tensor_eigenvector_2_ortho[3]     ? 
_reflns.pdbx_aniso_B_tensor_eigenvector_3_ortho[1]     ? 
_reflns.pdbx_aniso_B_tensor_eigenvector_3_ortho[2]     ? 
_reflns.pdbx_aniso_B_tensor_eigenvector_3_ortho[3]     ? 
_reflns.pdbx_aniso_B_tensor_eigenvalue_1               ? 
_reflns.pdbx_aniso_B_tensor_eigenvalue_2               ? 
_reflns.pdbx_aniso_B_tensor_eigenvalue_3               ? 
_reflns.pdbx_orthogonalization_convention              ? 
_reflns.pdbx_percent_possible_ellipsoidal              ? 
_reflns.pdbx_percent_possible_spherical                ? 
_reflns.pdbx_percent_possible_ellipsoidal_anomalous    ? 
_reflns.pdbx_percent_possible_spherical_anomalous      ? 
_reflns.pdbx_redundancy_anomalous                      ? 
_reflns.pdbx_CC_half_anomalous                         ? 
_reflns.pdbx_absDiff_over_sigma_anomalous              ? 
_reflns.pdbx_percent_possible_anomalous                ? 
_reflns.pdbx_observed_signal_threshold                 ? 
_reflns.pdbx_signal_type                               ? 
_reflns.pdbx_signal_details                            ? 
_reflns.pdbx_signal_software_id                        ? 
_reflns.pdbx_CC_split_method                           ? 
# 
_reflns_shell.d_res_high                                    2.55 
_reflns_shell.d_res_low                                     2.93 
_reflns_shell.meanI_over_sigI_all                           ? 
_reflns_shell.meanI_over_sigI_obs                           ? 
_reflns_shell.number_measured_all                           ? 
_reflns_shell.number_measured_obs                           ? 
_reflns_shell.number_possible                               ? 
_reflns_shell.number_unique_all                             ? 
_reflns_shell.number_unique_obs                             396 
_reflns_shell.percent_possible_all                          ? 
_reflns_shell.percent_possible_obs                          ? 
_reflns_shell.Rmerge_F_all                                  ? 
_reflns_shell.Rmerge_F_obs                                  ? 
_reflns_shell.Rmerge_I_all                                  ? 
_reflns_shell.Rmerge_I_obs                                  ? 
_reflns_shell.meanI_over_sigI_gt                            ? 
_reflns_shell.meanI_over_uI_all                             ? 
_reflns_shell.meanI_over_uI_gt                              ? 
_reflns_shell.number_measured_gt                            ? 
_reflns_shell.number_unique_gt                              ? 
_reflns_shell.percent_possible_gt                           ? 
_reflns_shell.Rmerge_F_gt                                   ? 
_reflns_shell.Rmerge_I_gt                                   ? 
_reflns_shell.pdbx_redundancy                               ? 
_reflns_shell.pdbx_Rsym_value                               ? 
_reflns_shell.pdbx_chi_squared                              ? 
_reflns_shell.pdbx_netI_over_sigmaI_all                     ? 
_reflns_shell.pdbx_netI_over_sigmaI_obs                     ? 
_reflns_shell.pdbx_Rrim_I_all                               ? 
_reflns_shell.pdbx_Rpim_I_all                               ? 
_reflns_shell.pdbx_rejects                                  ? 
_reflns_shell.pdbx_ordinal                                  1 
_reflns_shell.pdbx_diffrn_id                                1 
_reflns_shell.pdbx_CC_half                                  0.743 
_reflns_shell.pdbx_CC_star                                  ? 
_reflns_shell.pdbx_R_split                                  ? 
_reflns_shell.pdbx_percent_possible_ellipsoidal             ? 
_reflns_shell.pdbx_percent_possible_spherical               ? 
_reflns_shell.pdbx_percent_possible_ellipsoidal_anomalous   ? 
_reflns_shell.pdbx_percent_possible_spherical_anomalous     ? 
_reflns_shell.pdbx_redundancy_anomalous                     ? 
_reflns_shell.pdbx_CC_half_anomalous                        ? 
_reflns_shell.pdbx_absDiff_over_sigma_anomalous             ? 
_reflns_shell.pdbx_percent_possible_anomalous               ? 
# 
_refine.aniso_B[1][1]                            ? 
_refine.aniso_B[1][2]                            ? 
_refine.aniso_B[1][3]                            ? 
_refine.aniso_B[2][2]                            ? 
_refine.aniso_B[2][3]                            ? 
_refine.aniso_B[3][3]                            ? 
_refine.B_iso_max                                ? 
_refine.B_iso_mean                               54.37 
_refine.B_iso_min                                ? 
_refine.correlation_coeff_Fo_to_Fc               ? 
_refine.correlation_coeff_Fo_to_Fc_free          ? 
_refine.details                                  ? 
_refine.diff_density_max                         ? 
_refine.diff_density_max_esd                     ? 
_refine.diff_density_min                         ? 
_refine.diff_density_min_esd                     ? 
_refine.diff_density_rms                         ? 
_refine.diff_density_rms_esd                     ? 
_refine.entry_id                                 8F42 
_refine.pdbx_refine_id                           'X-RAY DIFFRACTION' 
_refine.ls_abs_structure_details                 ? 
_refine.ls_abs_structure_Flack                   ? 
_refine.ls_abs_structure_Flack_esd               ? 
_refine.ls_abs_structure_Rogers                  ? 
_refine.ls_abs_structure_Rogers_esd              ? 
_refine.ls_d_res_high                            2.55 
_refine.ls_d_res_low                             35.36 
_refine.ls_extinction_coef                       ? 
_refine.ls_extinction_coef_esd                   ? 
_refine.ls_extinction_expression                 ? 
_refine.ls_extinction_method                     ? 
_refine.ls_goodness_of_fit_all                   ? 
_refine.ls_goodness_of_fit_all_esd               ? 
_refine.ls_goodness_of_fit_obs                   ? 
_refine.ls_goodness_of_fit_obs_esd               ? 
_refine.ls_hydrogen_treatment                    ? 
_refine.ls_matrix_type                           ? 
_refine.ls_number_constraints                    ? 
_refine.ls_number_parameters                     ? 
_refine.ls_number_reflns_all                     ? 
_refine.ls_number_reflns_obs                     4231 
_refine.ls_number_reflns_R_free                  187 
_refine.ls_number_reflns_R_work                  4044 
_refine.ls_number_restraints                     ? 
_refine.ls_percent_reflns_obs                    51.88 
_refine.ls_percent_reflns_R_free                 4.42 
_refine.ls_R_factor_all                          ? 
_refine.ls_R_factor_obs                          0.2277 
_refine.ls_R_factor_R_free                       0.2788 
_refine.ls_R_factor_R_free_error                 ? 
_refine.ls_R_factor_R_free_error_details         ? 
_refine.ls_R_factor_R_work                       0.2252 
_refine.ls_R_Fsqd_factor_obs                     ? 
_refine.ls_R_I_factor_obs                        ? 
_refine.ls_redundancy_reflns_all                 ? 
_refine.ls_redundancy_reflns_obs                 ? 
_refine.ls_restrained_S_all                      ? 
_refine.ls_restrained_S_obs                      ? 
_refine.ls_shift_over_esd_max                    ? 
_refine.ls_shift_over_esd_mean                   ? 
_refine.ls_structure_factor_coef                 ? 
_refine.ls_weighting_details                     ? 
_refine.ls_weighting_scheme                      ? 
_refine.ls_wR_factor_all                         ? 
_refine.ls_wR_factor_obs                         ? 
_refine.ls_wR_factor_R_free                      ? 
_refine.ls_wR_factor_R_work                      ? 
_refine.occupancy_max                            ? 
_refine.occupancy_min                            ? 
_refine.solvent_model_details                    'FLAT BULK SOLVENT MODEL' 
_refine.solvent_model_param_bsol                 ? 
_refine.solvent_model_param_ksol                 ? 
_refine.pdbx_R_complete                          ? 
_refine.ls_R_factor_gt                           ? 
_refine.ls_goodness_of_fit_gt                    ? 
_refine.ls_goodness_of_fit_ref                   ? 
_refine.ls_shift_over_su_max                     ? 
_refine.ls_shift_over_su_max_lt                  ? 
_refine.ls_shift_over_su_mean                    ? 
_refine.ls_shift_over_su_mean_lt                 ? 
_refine.pdbx_ls_sigma_I                          ? 
_refine.pdbx_ls_sigma_F                          1.92 
_refine.pdbx_ls_sigma_Fsqd                       ? 
_refine.pdbx_data_cutoff_high_absF               ? 
_refine.pdbx_data_cutoff_high_rms_absF           ? 
_refine.pdbx_data_cutoff_low_absF                ? 
_refine.pdbx_isotropic_thermal_model             ? 
_refine.pdbx_ls_cross_valid_method               'FREE R-VALUE' 
_refine.pdbx_method_to_determine_struct          'MOLECULAR REPLACEMENT' 
_refine.pdbx_starting_model                      'ideal B type DNA duplexes generated in Cadnano' 
_refine.pdbx_stereochemistry_target_values       'GeoStd + Monomer Library + CDL v1.2' 
_refine.pdbx_R_Free_selection_details            ? 
_refine.pdbx_stereochem_target_val_spec_case     ? 
_refine.pdbx_overall_ESU_R                       ? 
_refine.pdbx_overall_ESU_R_Free                  ? 
_refine.pdbx_solvent_vdw_probe_radii             1.1000 
_refine.pdbx_solvent_ion_probe_radii             ? 
_refine.pdbx_solvent_shrinkage_radii             0.9000 
_refine.pdbx_real_space_R                        ? 
_refine.pdbx_density_correlation                 ? 
_refine.pdbx_pd_number_of_powder_patterns        ? 
_refine.pdbx_pd_number_of_points                 ? 
_refine.pdbx_pd_meas_number_of_points            ? 
_refine.pdbx_pd_proc_ls_prof_R_factor            ? 
_refine.pdbx_pd_proc_ls_prof_wR_factor           ? 
_refine.pdbx_pd_Marquardt_correlation_coeff      ? 
_refine.pdbx_pd_Fsqrd_R_factor                   ? 
_refine.pdbx_pd_ls_matrix_band_width             ? 
_refine.pdbx_overall_phase_error                 29.1347 
_refine.pdbx_overall_SU_R_free_Cruickshank_DPI   ? 
_refine.pdbx_overall_SU_R_free_Blow_DPI          ? 
_refine.pdbx_overall_SU_R_Blow_DPI               ? 
_refine.pdbx_TLS_residual_ADP_flag               ? 
_refine.pdbx_diffrn_id                           1 
_refine.overall_SU_B                             ? 
_refine.overall_SU_ML                            0.3376 
_refine.overall_SU_R_Cruickshank_DPI             ? 
_refine.overall_SU_R_free                        ? 
_refine.overall_FOM_free_R_set                   ? 
_refine.overall_FOM_work_R_set                   ? 
_refine.pdbx_average_fsc_overall                 ? 
_refine.pdbx_average_fsc_work                    ? 
_refine.pdbx_average_fsc_free                    ? 
# 
_refine_hist.pdbx_refine_id                   'X-RAY DIFFRACTION' 
_refine_hist.cycle_id                         LAST 
_refine_hist.details                          ? 
_refine_hist.d_res_high                       2.55 
_refine_hist.d_res_low                        35.36 
_refine_hist.number_atoms_solvent             0 
_refine_hist.number_atoms_total               684 
_refine_hist.number_reflns_all                ? 
_refine_hist.number_reflns_obs                ? 
_refine_hist.number_reflns_R_free             ? 
_refine_hist.number_reflns_R_work             ? 
_refine_hist.R_factor_all                     ? 
_refine_hist.R_factor_obs                     ? 
_refine_hist.R_factor_R_free                  ? 
_refine_hist.R_factor_R_work                  ? 
_refine_hist.pdbx_number_residues_total       ? 
_refine_hist.pdbx_B_iso_mean_ligand           ? 
_refine_hist.pdbx_B_iso_mean_solvent          ? 
_refine_hist.pdbx_number_atoms_protein        0 
_refine_hist.pdbx_number_atoms_nucleic_acid   650 
_refine_hist.pdbx_number_atoms_ligand         34 
_refine_hist.pdbx_number_atoms_lipid          ? 
_refine_hist.pdbx_number_atoms_carb           ? 
_refine_hist.pdbx_pseudo_atom_details         ? 
# 
loop_
_refine_ls_restr.pdbx_refine_id 
_refine_ls_restr.criterion 
_refine_ls_restr.dev_ideal 
_refine_ls_restr.dev_ideal_target 
_refine_ls_restr.number 
_refine_ls_restr.rejects 
_refine_ls_restr.type 
_refine_ls_restr.weight 
_refine_ls_restr.pdbx_restraint_function 
'X-RAY DIFFRACTION' ? 0.0122  ? 767  ? f_bond_d           ? ? 
'X-RAY DIFFRACTION' ? 1.6511  ? 1176 ? f_angle_d          ? ? 
'X-RAY DIFFRACTION' ? 0.0631  ? 126  ? f_chiral_restr     ? ? 
'X-RAY DIFFRACTION' ? 0.0060  ? 35   ? f_plane_restr      ? ? 
'X-RAY DIFFRACTION' ? 39.3225 ? 329  ? f_dihedral_angle_d ? ? 
# 
_refine_ls_shell.pdbx_refine_id                   'X-RAY DIFFRACTION' 
_refine_ls_shell.d_res_high                       2.55 
_refine_ls_shell.d_res_low                        35.36 
_refine_ls_shell.number_reflns_all                ? 
_refine_ls_shell.number_reflns_obs                ? 
_refine_ls_shell.number_reflns_R_free             187 
_refine_ls_shell.number_reflns_R_work             4044 
_refine_ls_shell.percent_reflns_obs               51.88 
_refine_ls_shell.percent_reflns_R_free            ? 
_refine_ls_shell.R_factor_all                     ? 
_refine_ls_shell.R_factor_obs                     ? 
_refine_ls_shell.R_factor_R_free                  0.2788 
_refine_ls_shell.R_factor_R_free_error            ? 
_refine_ls_shell.R_factor_R_work                  0.2252 
_refine_ls_shell.redundancy_reflns_all            ? 
_refine_ls_shell.redundancy_reflns_obs            ? 
_refine_ls_shell.wR_factor_all                    ? 
_refine_ls_shell.wR_factor_obs                    ? 
_refine_ls_shell.wR_factor_R_free                 ? 
_refine_ls_shell.wR_factor_R_work                 ? 
_refine_ls_shell.pdbx_R_complete                  ? 
_refine_ls_shell.pdbx_total_number_of_bins_used   ? 
_refine_ls_shell.pdbx_phase_error                 ? 
_refine_ls_shell.pdbx_fsc_work                    ? 
_refine_ls_shell.pdbx_fsc_free                    ? 
# 
_struct.entry_id                     8F42 
_struct.title                        'Engineering Crystals with Tunable Symmetries from 14- or 16-Base-Long DNA Strands' 
_struct.pdbx_model_details           ? 
_struct.pdbx_formula_weight          ? 
_struct.pdbx_formula_weight_method   ? 
_struct.pdbx_model_type_details      ? 
_struct.pdbx_CASP_flag               N 
# 
_struct_keywords.entry_id        8F42 
_struct_keywords.text            'DNA, Four-Fold Rotational Axis, Left-Handed, Parallel' 
_struct_keywords.pdbx_keywords   DNA 
# 
loop_
_struct_asym.id 
_struct_asym.pdbx_blank_PDB_chainid_flag 
_struct_asym.pdbx_modified 
_struct_asym.entity_id 
_struct_asym.details 
A N N 1 ? 
B N N 1 ? 
C N N 2 ? 
# 
_struct_ref.id                         1 
_struct_ref.db_name                    PDB 
_struct_ref.db_code                    8F42 
_struct_ref.pdbx_db_accession          8F42 
_struct_ref.pdbx_db_isoform            ? 
_struct_ref.entity_id                  1 
_struct_ref.pdbx_seq_one_letter_code   ? 
_struct_ref.pdbx_align_begin           1 
# 
loop_
_struct_ref_seq.align_id 
_struct_ref_seq.ref_id 
_struct_ref_seq.pdbx_PDB_id_code 
_struct_ref_seq.pdbx_strand_id 
_struct_ref_seq.seq_align_beg 
_struct_ref_seq.pdbx_seq_align_beg_ins_code 
_struct_ref_seq.seq_align_end 
_struct_ref_seq.pdbx_seq_align_end_ins_code 
_struct_ref_seq.pdbx_db_accession 
_struct_ref_seq.db_align_beg 
_struct_ref_seq.pdbx_db_align_beg_ins_code 
_struct_ref_seq.db_align_end 
_struct_ref_seq.pdbx_db_align_end_ins_code 
_struct_ref_seq.pdbx_auth_seq_align_beg 
_struct_ref_seq.pdbx_auth_seq_align_end 
1 1 8F42 A 1 ? 16 ? 8F42 1 ? 16 ? 1 16 
2 1 8F42 B 1 ? 16 ? 8F42 1 ? 16 ? 1 16 
# 
_pdbx_struct_assembly.id                   1 
_pdbx_struct_assembly.details              author_and_software_defined_assembly 
_pdbx_struct_assembly.method_details       PISA 
_pdbx_struct_assembly.oligomeric_details   dimeric 
_pdbx_struct_assembly.oligomeric_count     2 
# 
loop_
_pdbx_struct_assembly_prop.biol_id 
_pdbx_struct_assembly_prop.type 
_pdbx_struct_assembly_prop.value 
_pdbx_struct_assembly_prop.details 
1 'ABSA (A^2)' 2280 ? 
1 MORE         -0   ? 
1 'SSA (A^2)'  5850 ? 
# 
_pdbx_struct_assembly_gen.assembly_id       1 
_pdbx_struct_assembly_gen.oper_expression   1 
_pdbx_struct_assembly_gen.asym_id_list      A,B,C 
# 
_pdbx_struct_assembly_auth_evidence.id                     1 
_pdbx_struct_assembly_auth_evidence.assembly_id            1 
_pdbx_struct_assembly_auth_evidence.experimental_support   'native gel electrophoresis' 
_pdbx_struct_assembly_auth_evidence.details                ? 
# 
_pdbx_struct_oper_list.id                   1 
_pdbx_struct_oper_list.type                 'identity operation' 
_pdbx_struct_oper_list.name                 1_555 
_pdbx_struct_oper_list.symmetry_operation   x,y,z 
_pdbx_struct_oper_list.matrix[1][1]         1.0000000000 
_pdbx_struct_oper_list.matrix[1][2]         0.0000000000 
_pdbx_struct_oper_list.matrix[1][3]         0.0000000000 
_pdbx_struct_oper_list.vector[1]            0.0000000000 
_pdbx_struct_oper_list.matrix[2][1]         0.0000000000 
_pdbx_struct_oper_list.matrix[2][2]         1.0000000000 
_pdbx_struct_oper_list.matrix[2][3]         0.0000000000 
_pdbx_struct_oper_list.vector[2]            0.0000000000 
_pdbx_struct_oper_list.matrix[3][1]         0.0000000000 
_pdbx_struct_oper_list.matrix[3][2]         0.0000000000 
_pdbx_struct_oper_list.matrix[3][3]         1.0000000000 
_pdbx_struct_oper_list.vector[3]            0.0000000000 
# 
loop_
_struct_conn.id 
_struct_conn.conn_type_id 
_struct_conn.pdbx_leaving_atom_flag 
_struct_conn.pdbx_PDB_id 
_struct_conn.ptnr1_label_asym_id 
_struct_conn.ptnr1_label_comp_id 
_struct_conn.ptnr1_label_seq_id 
_struct_conn.ptnr1_label_atom_id 
_struct_conn.pdbx_ptnr1_label_alt_id 
_struct_conn.pdbx_ptnr1_PDB_ins_code 
_struct_conn.pdbx_ptnr1_standard_comp_id 
_struct_conn.ptnr1_symmetry 
_struct_conn.ptnr2_label_asym_id 
_struct_conn.ptnr2_label_comp_id 
_struct_conn.ptnr2_label_seq_id 
_struct_conn.ptnr2_label_atom_id 
_struct_conn.pdbx_ptnr2_label_alt_id 
_struct_conn.pdbx_ptnr2_PDB_ins_code 
_struct_conn.ptnr1_auth_asym_id 
_struct_conn.ptnr1_auth_comp_id 
_struct_conn.ptnr1_auth_seq_id 
_struct_conn.ptnr2_auth_asym_id 
_struct_conn.ptnr2_auth_comp_id 
_struct_conn.ptnr2_auth_seq_id 
_struct_conn.ptnr2_symmetry 
_struct_conn.pdbx_ptnr3_label_atom_id 
_struct_conn.pdbx_ptnr3_label_seq_id 
_struct_conn.pdbx_ptnr3_label_comp_id 
_struct_conn.pdbx_ptnr3_label_asym_id 
_struct_conn.pdbx_ptnr3_label_alt_id 
_struct_conn.pdbx_ptnr3_PDB_ins_code 
_struct_conn.details 
_struct_conn.pdbx_dist_value 
_struct_conn.pdbx_value_order 
_struct_conn.pdbx_role 
hydrog1  hydrog ? ? A DC 3  N3 ? ? ? 1_555 B DG 8  N1 ? ? A DC 3  B DG 8  1_555 ? ? ? ? ? ? WATSON-CRICK ? ? ? 
hydrog2  hydrog ? ? A DC 3  N4 ? ? ? 1_555 B DG 8  O6 ? ? A DC 3  B DG 8  1_555 ? ? ? ? ? ? WATSON-CRICK ? ? ? 
hydrog3  hydrog ? ? A DC 3  O2 ? ? ? 1_555 B DG 8  N2 ? ? A DC 3  B DG 8  1_555 ? ? ? ? ? ? WATSON-CRICK ? ? ? 
hydrog4  hydrog ? ? A DT 4  N3 ? ? ? 1_555 B DA 7  N1 ? ? A DT 4  B DA 7  1_555 ? ? ? ? ? ? WATSON-CRICK ? ? ? 
hydrog5  hydrog ? ? A DT 4  O4 ? ? ? 1_555 B DA 7  N6 ? ? A DT 4  B DA 7  1_555 ? ? ? ? ? ? WATSON-CRICK ? ? ? 
hydrog6  hydrog ? ? A DT 5  N3 ? ? ? 1_555 B DA 6  N1 ? ? A DT 5  B DA 6  1_555 ? ? ? ? ? ? WATSON-CRICK ? ? ? 
hydrog7  hydrog ? ? A DT 5  O4 ? ? ? 1_555 B DA 6  N6 ? ? A DT 5  B DA 6  1_555 ? ? ? ? ? ? WATSON-CRICK ? ? ? 
hydrog8  hydrog ? ? A DA 6  N1 ? ? ? 1_555 B DT 5  N3 ? ? A DA 6  B DT 5  1_555 ? ? ? ? ? ? WATSON-CRICK ? ? ? 
hydrog9  hydrog ? ? A DA 6  N6 ? ? ? 1_555 B DT 5  O4 ? ? A DA 6  B DT 5  1_555 ? ? ? ? ? ? WATSON-CRICK ? ? ? 
hydrog10 hydrog ? ? A DA 7  N1 ? ? ? 1_555 B DT 4  N3 ? ? A DA 7  B DT 4  1_555 ? ? ? ? ? ? WATSON-CRICK ? ? ? 
hydrog11 hydrog ? ? A DA 7  N6 ? ? ? 1_555 B DT 4  O4 ? ? A DA 7  B DT 4  1_555 ? ? ? ? ? ? WATSON-CRICK ? ? ? 
hydrog12 hydrog ? ? A DG 8  N1 ? ? ? 1_555 B DC 3  N3 ? ? A DG 8  B DC 3  1_555 ? ? ? ? ? ? WATSON-CRICK ? ? ? 
hydrog13 hydrog ? ? A DG 8  N2 ? ? ? 1_555 B DC 3  O2 ? ? A DG 8  B DC 3  1_555 ? ? ? ? ? ? WATSON-CRICK ? ? ? 
hydrog14 hydrog ? ? A DG 8  O6 ? ? ? 1_555 B DC 3  N4 ? ? A DG 8  B DC 3  1_555 ? ? ? ? ? ? WATSON-CRICK ? ? ? 
hydrog15 hydrog ? ? A DG 9  N1 ? ? ? 1_555 B DC 14 N3 ? ? A DG 9  B DC 14 1_555 ? ? ? ? ? ? WATSON-CRICK ? ? ? 
hydrog16 hydrog ? ? A DG 9  N2 ? ? ? 1_555 B DC 14 O2 ? ? A DG 9  B DC 14 1_555 ? ? ? ? ? ? WATSON-CRICK ? ? ? 
hydrog17 hydrog ? ? A DG 9  O6 ? ? ? 1_555 B DC 14 N4 ? ? A DG 9  B DC 14 1_555 ? ? ? ? ? ? WATSON-CRICK ? ? ? 
hydrog18 hydrog ? ? A DA 10 N1 ? ? ? 1_555 B DT 13 N3 ? ? A DA 10 B DT 13 1_555 ? ? ? ? ? ? WATSON-CRICK ? ? ? 
hydrog19 hydrog ? ? A DA 10 N6 ? ? ? 1_555 B DT 13 O4 ? ? A DA 10 B DT 13 1_555 ? ? ? ? ? ? WATSON-CRICK ? ? ? 
hydrog20 hydrog ? ? A DA 11 N1 ? ? ? 1_555 B DT 12 N3 ? ? A DA 11 B DT 12 1_555 ? ? ? ? ? ? WATSON-CRICK ? ? ? 
hydrog21 hydrog ? ? A DA 11 N6 ? ? ? 1_555 B DT 12 O4 ? ? A DA 11 B DT 12 1_555 ? ? ? ? ? ? WATSON-CRICK ? ? ? 
hydrog22 hydrog ? ? A DT 12 N3 ? ? ? 1_555 B DA 11 N1 ? ? A DT 12 B DA 11 1_555 ? ? ? ? ? ? WATSON-CRICK ? ? ? 
hydrog23 hydrog ? ? A DT 12 O4 ? ? ? 1_555 B DA 11 N6 ? ? A DT 12 B DA 11 1_555 ? ? ? ? ? ? WATSON-CRICK ? ? ? 
hydrog24 hydrog ? ? A DT 13 N3 ? ? ? 1_555 B DA 10 N1 ? ? A DT 13 B DA 10 1_555 ? ? ? ? ? ? WATSON-CRICK ? ? ? 
hydrog25 hydrog ? ? A DT 13 O4 ? ? ? 1_555 B DA 10 N6 ? ? A DT 13 B DA 10 1_555 ? ? ? ? ? ? WATSON-CRICK ? ? ? 
hydrog26 hydrog ? ? A DC 14 N3 ? ? ? 1_555 B DG 9  N1 ? ? A DC 14 B DG 9  1_555 ? ? ? ? ? ? WATSON-CRICK ? ? ? 
hydrog27 hydrog ? ? A DC 14 N4 ? ? ? 1_555 B DG 9  O6 ? ? A DC 14 B DG 9  1_555 ? ? ? ? ? ? WATSON-CRICK ? ? ? 
hydrog28 hydrog ? ? A DC 14 O2 ? ? ? 1_555 B DG 9  N2 ? ? A DC 14 B DG 9  1_555 ? ? ? ? ? ? WATSON-CRICK ? ? ? 
# 
_struct_conn_type.id          hydrog 
_struct_conn_type.criteria    ? 
_struct_conn_type.reference   ? 
# 
loop_
_pdbx_validate_rmsd_bond.id 
_pdbx_validate_rmsd_bond.PDB_model_num 
_pdbx_validate_rmsd_bond.auth_atom_id_1 
_pdbx_validate_rmsd_bond.auth_asym_id_1 
_pdbx_validate_rmsd_bond.auth_comp_id_1 
_pdbx_validate_rmsd_bond.auth_seq_id_1 
_pdbx_validate_rmsd_bond.PDB_ins_code_1 
_pdbx_validate_rmsd_bond.label_alt_id_1 
_pdbx_validate_rmsd_bond.auth_atom_id_2 
_pdbx_validate_rmsd_bond.auth_asym_id_2 
_pdbx_validate_rmsd_bond.auth_comp_id_2 
_pdbx_validate_rmsd_bond.auth_seq_id_2 
_pdbx_validate_rmsd_bond.PDB_ins_code_2 
_pdbx_validate_rmsd_bond.label_alt_id_2 
_pdbx_validate_rmsd_bond.bond_value 
_pdbx_validate_rmsd_bond.bond_target_value 
_pdbx_validate_rmsd_bond.bond_deviation 
_pdbx_validate_rmsd_bond.bond_standard_deviation 
_pdbx_validate_rmsd_bond.linker_flag 
1 1 "O3'" A DC 1  ? ? "C3'" A DC 1  ? ? 1.382 1.419 -0.037 0.006 N 
2 1 "O3'" A DT 5  ? ? "C3'" A DT 5  ? ? 1.358 1.419 -0.061 0.006 N 
3 1 "O3'" B DT 5  ? ? "C3'" B DT 5  ? ? 1.373 1.419 -0.046 0.006 N 
4 1 "O3'" B DA 6  ? ? "C3'" B DA 6  ? ? 1.380 1.419 -0.039 0.006 N 
5 1 "O3'" B DC 16 ? ? "C3'" B DC 16 ? ? 1.374 1.419 -0.045 0.006 N 
# 
loop_
_pdbx_validate_rmsd_angle.id 
_pdbx_validate_rmsd_angle.PDB_model_num 
_pdbx_validate_rmsd_angle.auth_atom_id_1 
_pdbx_validate_rmsd_angle.auth_asym_id_1 
_pdbx_validate_rmsd_angle.auth_comp_id_1 
_pdbx_validate_rmsd_angle.auth_seq_id_1 
_pdbx_validate_rmsd_angle.PDB_ins_code_1 
_pdbx_validate_rmsd_angle.label_alt_id_1 
_pdbx_validate_rmsd_angle.auth_atom_id_2 
_pdbx_validate_rmsd_angle.auth_asym_id_2 
_pdbx_validate_rmsd_angle.auth_comp_id_2 
_pdbx_validate_rmsd_angle.auth_seq_id_2 
_pdbx_validate_rmsd_angle.PDB_ins_code_2 
_pdbx_validate_rmsd_angle.label_alt_id_2 
_pdbx_validate_rmsd_angle.auth_atom_id_3 
_pdbx_validate_rmsd_angle.auth_asym_id_3 
_pdbx_validate_rmsd_angle.auth_comp_id_3 
_pdbx_validate_rmsd_angle.auth_seq_id_3 
_pdbx_validate_rmsd_angle.PDB_ins_code_3 
_pdbx_validate_rmsd_angle.label_alt_id_3 
_pdbx_validate_rmsd_angle.angle_value 
_pdbx_validate_rmsd_angle.angle_target_value 
_pdbx_validate_rmsd_angle.angle_deviation 
_pdbx_validate_rmsd_angle.angle_standard_deviation 
_pdbx_validate_rmsd_angle.linker_flag 
1 1 "O4'" A DT 5  ? ? "C1'" A DT 5  ? ? N1    A DT 5  ? ? 112.01 108.30 3.71  0.30 N 
2 1 "O4'" B DG 2  ? ? "C1'" B DG 2  ? ? N9    B DG 2  ? ? 111.15 108.30 2.85  0.30 N 
3 1 "C3'" B DA 10 ? ? "C2'" B DA 10 ? ? "C1'" B DA 10 ? ? 96.46  102.40 -5.94 0.80 N 
4 1 "O4'" B DA 10 ? ? "C1'" B DA 10 ? ? N9    B DA 10 ? ? 111.38 108.30 3.08  0.30 N 
5 1 "O4'" B DA 11 ? ? "C1'" B DA 11 ? ? N9    B DA 11 ? ? 110.11 108.30 1.81  0.30 N 
# 
loop_
_space_group_symop.id 
_space_group_symop.operation_xyz 
1 x,y,z       
2 -y,x,z+3/4  
3 y,-x,z+1/4  
4 -x,-y,z+1/2 
# 
_pdbx_refine_tls.id               1 
_pdbx_refine_tls.pdbx_refine_id   'X-RAY DIFFRACTION' 
_pdbx_refine_tls.details          ? 
_pdbx_refine_tls.method           refined 
_pdbx_refine_tls.origin_x         0.00089870821 
_pdbx_refine_tls.origin_y         -0.02056231015 
_pdbx_refine_tls.origin_z         0.0322025541 
_pdbx_refine_tls.T[1][1]          0.049128489127 
_pdbx_refine_tls.T[1][1]_esd      ? 
_pdbx_refine_tls.T[1][2]          0.172544402558 
_pdbx_refine_tls.T[1][2]_esd      ? 
_pdbx_refine_tls.T[1][3]          0.303564345784 
_pdbx_refine_tls.T[1][3]_esd      ? 
_pdbx_refine_tls.T[2][2]          0.177941595998 
_pdbx_refine_tls.T[2][2]_esd      ? 
_pdbx_refine_tls.T[2][3]          -0.523787605807 
_pdbx_refine_tls.T[2][3]_esd      ? 
_pdbx_refine_tls.T[3][3]          0.070419540816 
_pdbx_refine_tls.T[3][3]_esd      ? 
_pdbx_refine_tls.L[1][1]          1.123314838123 
_pdbx_refine_tls.L[1][1]_esd      ? 
_pdbx_refine_tls.L[1][2]          0.356240716699 
_pdbx_refine_tls.L[1][2]_esd      ? 
_pdbx_refine_tls.L[1][3]          0.220622384726 
_pdbx_refine_tls.L[1][3]_esd      ? 
_pdbx_refine_tls.L[2][2]          0.722899605509 
_pdbx_refine_tls.L[2][2]_esd      ? 
_pdbx_refine_tls.L[2][3]          0.535896885665 
_pdbx_refine_tls.L[2][3]_esd      ? 
_pdbx_refine_tls.L[3][3]          0.79339383399 
_pdbx_refine_tls.L[3][3]_esd      ? 
_pdbx_refine_tls.S[1][1]          0.9331773031 
_pdbx_refine_tls.S[1][1]_esd      ? 
_pdbx_refine_tls.S[1][2]          0.005002671016 
_pdbx_refine_tls.S[1][2]_esd      ? 
_pdbx_refine_tls.S[1][3]          -0.061984155415 
_pdbx_refine_tls.S[1][3]_esd      ? 
_pdbx_refine_tls.S[2][1]          -0.059521670361 
_pdbx_refine_tls.S[2][1]_esd      ? 
_pdbx_refine_tls.S[2][2]          0.85886649516 
_pdbx_refine_tls.S[2][2]_esd      ? 
_pdbx_refine_tls.S[2][3]          0.197731202742 
_pdbx_refine_tls.S[2][3]_esd      ? 
_pdbx_refine_tls.S[3][1]          -0.117370265833 
_pdbx_refine_tls.S[3][1]_esd      ? 
_pdbx_refine_tls.S[3][2]          0.27634767383 
_pdbx_refine_tls.S[3][2]_esd      ? 
_pdbx_refine_tls.S[3][3]          0.898964079705 
_pdbx_refine_tls.S[3][3]_esd      ? 
# 
_pdbx_refine_tls_group.id                  1 
_pdbx_refine_tls_group.pdbx_refine_id      'X-RAY DIFFRACTION' 
_pdbx_refine_tls_group.refine_tls_id       1 
_pdbx_refine_tls_group.beg_label_asym_id   A 
_pdbx_refine_tls_group.beg_label_seq_id    ? 
_pdbx_refine_tls_group.beg_auth_asym_id    A 
_pdbx_refine_tls_group.beg_auth_seq_id     1 
_pdbx_refine_tls_group.beg_PDB_ins_code    ? 
_pdbx_refine_tls_group.end_label_asym_id   C 
_pdbx_refine_tls_group.end_label_seq_id    ? 
_pdbx_refine_tls_group.end_auth_asym_id    B 
_pdbx_refine_tls_group.end_auth_seq_id     16 
_pdbx_refine_tls_group.end_PDB_ins_code    ? 
_pdbx_refine_tls_group.selection           ? 
_pdbx_refine_tls_group.selection_details   all 
# 
_pdbx_entry_details.entry_id                 8F42 
_pdbx_entry_details.has_ligand_of_interest   Y 
_pdbx_entry_details.compound_details         ? 
_pdbx_entry_details.source_details           ? 
_pdbx_entry_details.nonpolymer_details       ? 
_pdbx_entry_details.sequence_details         ? 
# 
loop_
_chem_comp_atom.comp_id 
_chem_comp_atom.atom_id 
_chem_comp_atom.type_symbol 
_chem_comp_atom.pdbx_aromatic_flag 
_chem_comp_atom.pdbx_stereo_config 
_chem_comp_atom.pdbx_ordinal 
DA  OP3    O N N 1   
DA  P      P N N 2   
DA  OP1    O N N 3   
DA  OP2    O N N 4   
DA  "O5'"  O N N 5   
DA  "C5'"  C N N 6   
DA  "C4'"  C N R 7   
DA  "O4'"  O N N 8   
DA  "C3'"  C N S 9   
DA  "O3'"  O N N 10  
DA  "C2'"  C N N 11  
DA  "C1'"  C N R 12  
DA  N9     N Y N 13  
DA  C8     C Y N 14  
DA  N7     N Y N 15  
DA  C5     C Y N 16  
DA  C6     C Y N 17  
DA  N6     N N N 18  
DA  N1     N Y N 19  
DA  C2     C Y N 20  
DA  N3     N Y N 21  
DA  C4     C Y N 22  
DA  HOP3   H N N 23  
DA  HOP2   H N N 24  
DA  "H5'"  H N N 25  
DA  "H5''" H N N 26  
DA  "H4'"  H N N 27  
DA  "H3'"  H N N 28  
DA  "HO3'" H N N 29  
DA  "H2'"  H N N 30  
DA  "H2''" H N N 31  
DA  "H1'"  H N N 32  
DA  H8     H N N 33  
DA  H61    H N N 34  
DA  H62    H N N 35  
DA  H2     H N N 36  
DC  OP3    O N N 37  
DC  P      P N N 38  
DC  OP1    O N N 39  
DC  OP2    O N N 40  
DC  "O5'"  O N N 41  
DC  "C5'"  C N N 42  
DC  "C4'"  C N R 43  
DC  "O4'"  O N N 44  
DC  "C3'"  C N S 45  
DC  "O3'"  O N N 46  
DC  "C2'"  C N N 47  
DC  "C1'"  C N R 48  
DC  N1     N N N 49  
DC  C2     C N N 50  
DC  O2     O N N 51  
DC  N3     N N N 52  
DC  C4     C N N 53  
DC  N4     N N N 54  
DC  C5     C N N 55  
DC  C6     C N N 56  
DC  HOP3   H N N 57  
DC  HOP2   H N N 58  
DC  "H5'"  H N N 59  
DC  "H5''" H N N 60  
DC  "H4'"  H N N 61  
DC  "H3'"  H N N 62  
DC  "HO3'" H N N 63  
DC  "H2'"  H N N 64  
DC  "H2''" H N N 65  
DC  "H1'"  H N N 66  
DC  H41    H N N 67  
DC  H42    H N N 68  
DC  H5     H N N 69  
DC  H6     H N N 70  
DG  OP3    O N N 71  
DG  P      P N N 72  
DG  OP1    O N N 73  
DG  OP2    O N N 74  
DG  "O5'"  O N N 75  
DG  "C5'"  C N N 76  
DG  "C4'"  C N R 77  
DG  "O4'"  O N N 78  
DG  "C3'"  C N S 79  
DG  "O3'"  O N N 80  
DG  "C2'"  C N N 81  
DG  "C1'"  C N R 82  
DG  N9     N Y N 83  
DG  C8     C Y N 84  
DG  N7     N Y N 85  
DG  C5     C Y N 86  
DG  C6     C N N 87  
DG  O6     O N N 88  
DG  N1     N N N 89  
DG  C2     C N N 90  
DG  N2     N N N 91  
DG  N3     N N N 92  
DG  C4     C Y N 93  
DG  HOP3   H N N 94  
DG  HOP2   H N N 95  
DG  "H5'"  H N N 96  
DG  "H5''" H N N 97  
DG  "H4'"  H N N 98  
DG  "H3'"  H N N 99  
DG  "HO3'" H N N 100 
DG  "H2'"  H N N 101 
DG  "H2''" H N N 102 
DG  "H1'"  H N N 103 
DG  H8     H N N 104 
DG  H1     H N N 105 
DG  H21    H N N 106 
DG  H22    H N N 107 
DT  OP3    O N N 108 
DT  P      P N N 109 
DT  OP1    O N N 110 
DT  OP2    O N N 111 
DT  "O5'"  O N N 112 
DT  "C5'"  C N N 113 
DT  "C4'"  C N R 114 
DT  "O4'"  O N N 115 
DT  "C3'"  C N S 116 
DT  "O3'"  O N N 117 
DT  "C2'"  C N N 118 
DT  "C1'"  C N R 119 
DT  N1     N N N 120 
DT  C2     C N N 121 
DT  O2     O N N 122 
DT  N3     N N N 123 
DT  C4     C N N 124 
DT  O4     O N N 125 
DT  C5     C N N 126 
DT  C7     C N N 127 
DT  C6     C N N 128 
DT  HOP3   H N N 129 
DT  HOP2   H N N 130 
DT  "H5'"  H N N 131 
DT  "H5''" H N N 132 
DT  "H4'"  H N N 133 
DT  "H3'"  H N N 134 
DT  "HO3'" H N N 135 
DT  "H2'"  H N N 136 
DT  "H2''" H N N 137 
DT  "H1'"  H N N 138 
DT  H3     H N N 139 
DT  H71    H N N 140 
DT  H72    H N N 141 
DT  H73    H N N 142 
DT  H6     H N N 143 
HT1 C1     C Y N 144 
HT1 O1     O N N 145 
HT1 C2     C Y N 146 
HT1 C3     C Y N 147 
HT1 C4     C Y N 148 
HT1 C5     C Y N 149 
HT1 C6     C Y N 150 
HT1 C7     C Y N 151 
HT1 N1     N Y N 152 
HT1 C8     C Y N 153 
HT1 C9     C Y N 154 
HT1 N2     N Y N 155 
HT1 C10    C Y N 156 
HT1 C11    C Y N 157 
HT1 C12    C Y N 158 
HT1 C13    C Y N 159 
HT1 C14    C Y N 160 
HT1 N3     N Y N 161 
HT1 C15    C Y N 162 
HT1 C16    C Y N 163 
HT1 N4     N Y N 164 
HT1 C17    C Y N 165 
HT1 C18    C Y N 166 
HT1 C19    C Y N 167 
HT1 C20    C Y N 168 
HT1 N5     N N N 169 
HT1 C21    C N N 170 
HT1 C22    C N N 171 
HT1 N6     N N N 172 
HT1 C23    C N N 173 
HT1 C24    C N N 174 
HT1 C25    C N N 175 
HT1 C26    C N N 176 
HT1 C27    C N N 177 
HT1 H2     H N N 178 
HT1 H3     H N N 179 
HT1 H5     H N N 180 
HT1 H6     H N N 181 
HT1 HN1    H N N 182 
HT1 H10    H N N 183 
HT1 H11    H N N 184 
HT1 H13    H N N 185 
HT1 HN3    H N N 186 
HT1 H17    H N N 187 
HT1 H18    H N N 188 
HT1 H20    H N N 189 
HT1 H211   H N N 190 
HT1 H212   H N N 191 
HT1 H221   H N N 192 
HT1 H222   H N N 193 
HT1 H231   H N N 194 
HT1 H232   H N N 195 
HT1 H241   H N N 196 
HT1 H242   H N N 197 
HT1 H251   H N N 198 
HT1 H252   H N N 199 
HT1 H253   H N N 200 
HT1 H261   H N N 201 
HT1 H262   H N N 202 
HT1 H271   H N N 203 
HT1 H272   H N N 204 
HT1 H273   H N N 205 
# 
loop_
_chem_comp_bond.comp_id 
_chem_comp_bond.atom_id_1 
_chem_comp_bond.atom_id_2 
_chem_comp_bond.value_order 
_chem_comp_bond.pdbx_aromatic_flag 
_chem_comp_bond.pdbx_stereo_config 
_chem_comp_bond.pdbx_ordinal 
DA  OP3   P      sing N N 1   
DA  OP3   HOP3   sing N N 2   
DA  P     OP1    doub N N 3   
DA  P     OP2    sing N N 4   
DA  P     "O5'"  sing N N 5   
DA  OP2   HOP2   sing N N 6   
DA  "O5'" "C5'"  sing N N 7   
DA  "C5'" "C4'"  sing N N 8   
DA  "C5'" "H5'"  sing N N 9   
DA  "C5'" "H5''" sing N N 10  
DA  "C4'" "O4'"  sing N N 11  
DA  "C4'" "C3'"  sing N N 12  
DA  "C4'" "H4'"  sing N N 13  
DA  "O4'" "C1'"  sing N N 14  
DA  "C3'" "O3'"  sing N N 15  
DA  "C3'" "C2'"  sing N N 16  
DA  "C3'" "H3'"  sing N N 17  
DA  "O3'" "HO3'" sing N N 18  
DA  "C2'" "C1'"  sing N N 19  
DA  "C2'" "H2'"  sing N N 20  
DA  "C2'" "H2''" sing N N 21  
DA  "C1'" N9     sing N N 22  
DA  "C1'" "H1'"  sing N N 23  
DA  N9    C8     sing Y N 24  
DA  N9    C4     sing Y N 25  
DA  C8    N7     doub Y N 26  
DA  C8    H8     sing N N 27  
DA  N7    C5     sing Y N 28  
DA  C5    C6     sing Y N 29  
DA  C5    C4     doub Y N 30  
DA  C6    N6     sing N N 31  
DA  C6    N1     doub Y N 32  
DA  N6    H61    sing N N 33  
DA  N6    H62    sing N N 34  
DA  N1    C2     sing Y N 35  
DA  C2    N3     doub Y N 36  
DA  C2    H2     sing N N 37  
DA  N3    C4     sing Y N 38  
DC  OP3   P      sing N N 39  
DC  OP3   HOP3   sing N N 40  
DC  P     OP1    doub N N 41  
DC  P     OP2    sing N N 42  
DC  P     "O5'"  sing N N 43  
DC  OP2   HOP2   sing N N 44  
DC  "O5'" "C5'"  sing N N 45  
DC  "C5'" "C4'"  sing N N 46  
DC  "C5'" "H5'"  sing N N 47  
DC  "C5'" "H5''" sing N N 48  
DC  "C4'" "O4'"  sing N N 49  
DC  "C4'" "C3'"  sing N N 50  
DC  "C4'" "H4'"  sing N N 51  
DC  "O4'" "C1'"  sing N N 52  
DC  "C3'" "O3'"  sing N N 53  
DC  "C3'" "C2'"  sing N N 54  
DC  "C3'" "H3'"  sing N N 55  
DC  "O3'" "HO3'" sing N N 56  
DC  "C2'" "C1'"  sing N N 57  
DC  "C2'" "H2'"  sing N N 58  
DC  "C2'" "H2''" sing N N 59  
DC  "C1'" N1     sing N N 60  
DC  "C1'" "H1'"  sing N N 61  
DC  N1    C2     sing N N 62  
DC  N1    C6     sing N N 63  
DC  C2    O2     doub N N 64  
DC  C2    N3     sing N N 65  
DC  N3    C4     doub N N 66  
DC  C4    N4     sing N N 67  
DC  C4    C5     sing N N 68  
DC  N4    H41    sing N N 69  
DC  N4    H42    sing N N 70  
DC  C5    C6     doub N N 71  
DC  C5    H5     sing N N 72  
DC  C6    H6     sing N N 73  
DG  OP3   P      sing N N 74  
DG  OP3   HOP3   sing N N 75  
DG  P     OP1    doub N N 76  
DG  P     OP2    sing N N 77  
DG  P     "O5'"  sing N N 78  
DG  OP2   HOP2   sing N N 79  
DG  "O5'" "C5'"  sing N N 80  
DG  "C5'" "C4'"  sing N N 81  
DG  "C5'" "H5'"  sing N N 82  
DG  "C5'" "H5''" sing N N 83  
DG  "C4'" "O4'"  sing N N 84  
DG  "C4'" "C3'"  sing N N 85  
DG  "C4'" "H4'"  sing N N 86  
DG  "O4'" "C1'"  sing N N 87  
DG  "C3'" "O3'"  sing N N 88  
DG  "C3'" "C2'"  sing N N 89  
DG  "C3'" "H3'"  sing N N 90  
DG  "O3'" "HO3'" sing N N 91  
DG  "C2'" "C1'"  sing N N 92  
DG  "C2'" "H2'"  sing N N 93  
DG  "C2'" "H2''" sing N N 94  
DG  "C1'" N9     sing N N 95  
DG  "C1'" "H1'"  sing N N 96  
DG  N9    C8     sing Y N 97  
DG  N9    C4     sing Y N 98  
DG  C8    N7     doub Y N 99  
DG  C8    H8     sing N N 100 
DG  N7    C5     sing Y N 101 
DG  C5    C6     sing N N 102 
DG  C5    C4     doub Y N 103 
DG  C6    O6     doub N N 104 
DG  C6    N1     sing N N 105 
DG  N1    C2     sing N N 106 
DG  N1    H1     sing N N 107 
DG  C2    N2     sing N N 108 
DG  C2    N3     doub N N 109 
DG  N2    H21    sing N N 110 
DG  N2    H22    sing N N 111 
DG  N3    C4     sing N N 112 
DT  OP3   P      sing N N 113 
DT  OP3   HOP3   sing N N 114 
DT  P     OP1    doub N N 115 
DT  P     OP2    sing N N 116 
DT  P     "O5'"  sing N N 117 
DT  OP2   HOP2   sing N N 118 
DT  "O5'" "C5'"  sing N N 119 
DT  "C5'" "C4'"  sing N N 120 
DT  "C5'" "H5'"  sing N N 121 
DT  "C5'" "H5''" sing N N 122 
DT  "C4'" "O4'"  sing N N 123 
DT  "C4'" "C3'"  sing N N 124 
DT  "C4'" "H4'"  sing N N 125 
DT  "O4'" "C1'"  sing N N 126 
DT  "C3'" "O3'"  sing N N 127 
DT  "C3'" "C2'"  sing N N 128 
DT  "C3'" "H3'"  sing N N 129 
DT  "O3'" "HO3'" sing N N 130 
DT  "C2'" "C1'"  sing N N 131 
DT  "C2'" "H2'"  sing N N 132 
DT  "C2'" "H2''" sing N N 133 
DT  "C1'" N1     sing N N 134 
DT  "C1'" "H1'"  sing N N 135 
DT  N1    C2     sing N N 136 
DT  N1    C6     sing N N 137 
DT  C2    O2     doub N N 138 
DT  C2    N3     sing N N 139 
DT  N3    C4     sing N N 140 
DT  N3    H3     sing N N 141 
DT  C4    O4     doub N N 142 
DT  C4    C5     sing N N 143 
DT  C5    C7     sing N N 144 
DT  C5    C6     doub N N 145 
DT  C7    H71    sing N N 146 
DT  C7    H72    sing N N 147 
DT  C7    H73    sing N N 148 
DT  C6    H6     sing N N 149 
HT1 C1    O1     sing N N 150 
HT1 C1    C2     doub Y N 151 
HT1 C1    C6     sing Y N 152 
HT1 O1    C26    sing N N 153 
HT1 C2    C3     sing Y N 154 
HT1 C2    H2     sing N N 155 
HT1 C3    C4     doub Y N 156 
HT1 C3    H3     sing N N 157 
HT1 C4    C5     sing Y N 158 
HT1 C4    C7     sing Y N 159 
HT1 C5    C6     doub Y N 160 
HT1 C5    H5     sing N N 161 
HT1 C6    H6     sing N N 162 
HT1 C7    N1     sing Y N 163 
HT1 C7    N2     doub Y N 164 
HT1 N1    C8     sing Y N 165 
HT1 N1    HN1    sing N N 166 
HT1 C8    C9     doub Y N 167 
HT1 C8    C13    sing Y N 168 
HT1 C9    N2     sing Y N 169 
HT1 C9    C10    sing Y N 170 
HT1 C10   C11    doub Y N 171 
HT1 C10   H10    sing N N 172 
HT1 C11   C12    sing Y N 173 
HT1 C11   H11    sing N N 174 
HT1 C12   C13    doub Y N 175 
HT1 C12   C14    sing Y N 176 
HT1 C13   H13    sing N N 177 
HT1 C14   N3     sing Y N 178 
HT1 C14   N4     doub Y N 179 
HT1 N3    C15    sing Y N 180 
HT1 N3    HN3    sing N N 181 
HT1 C15   C16    doub Y N 182 
HT1 C15   C20    sing Y N 183 
HT1 C16   N4     sing Y N 184 
HT1 C16   C17    sing Y N 185 
HT1 C17   C18    doub Y N 186 
HT1 C17   H17    sing N N 187 
HT1 C18   C19    sing Y N 188 
HT1 C18   H18    sing N N 189 
HT1 C19   C20    doub Y N 190 
HT1 C19   N5     sing N N 191 
HT1 C20   H20    sing N N 192 
HT1 N5    C21    sing N N 193 
HT1 N5    C24    sing N N 194 
HT1 C21   C22    sing N N 195 
HT1 C21   H211   sing N N 196 
HT1 C21   H212   sing N N 197 
HT1 C22   N6     sing N N 198 
HT1 C22   H221   sing N N 199 
HT1 C22   H222   sing N N 200 
HT1 N6    C23    sing N N 201 
HT1 N6    C25    sing N N 202 
HT1 C23   C24    sing N N 203 
HT1 C23   H231   sing N N 204 
HT1 C23   H232   sing N N 205 
HT1 C24   H241   sing N N 206 
HT1 C24   H242   sing N N 207 
HT1 C25   H251   sing N N 208 
HT1 C25   H252   sing N N 209 
HT1 C25   H253   sing N N 210 
HT1 C26   C27    sing N N 211 
HT1 C26   H261   sing N N 212 
HT1 C26   H262   sing N N 213 
HT1 C27   H271   sing N N 214 
HT1 C27   H272   sing N N 215 
HT1 C27   H273   sing N N 216 
# 
loop_
_ndb_struct_conf_na.entry_id 
_ndb_struct_conf_na.feature 
8F42 'double helix'        
8F42 'b-form double helix' 
# 
loop_
_ndb_struct_na_base_pair.model_number 
_ndb_struct_na_base_pair.i_label_asym_id 
_ndb_struct_na_base_pair.i_label_comp_id 
_ndb_struct_na_base_pair.i_label_seq_id 
_ndb_struct_na_base_pair.i_symmetry 
_ndb_struct_na_base_pair.j_label_asym_id 
_ndb_struct_na_base_pair.j_label_comp_id 
_ndb_struct_na_base_pair.j_label_seq_id 
_ndb_struct_na_base_pair.j_symmetry 
_ndb_struct_na_base_pair.shear 
_ndb_struct_na_base_pair.stretch 
_ndb_struct_na_base_pair.stagger 
_ndb_struct_na_base_pair.buckle 
_ndb_struct_na_base_pair.propeller 
_ndb_struct_na_base_pair.opening 
_ndb_struct_na_base_pair.pair_number 
_ndb_struct_na_base_pair.pair_name 
_ndb_struct_na_base_pair.i_auth_asym_id 
_ndb_struct_na_base_pair.i_auth_seq_id 
_ndb_struct_na_base_pair.i_PDB_ins_code 
_ndb_struct_na_base_pair.j_auth_asym_id 
_ndb_struct_na_base_pair.j_auth_seq_id 
_ndb_struct_na_base_pair.j_PDB_ins_code 
_ndb_struct_na_base_pair.hbond_type_28 
_ndb_struct_na_base_pair.hbond_type_12 
1 A DC 3  1_555 B DG 8  1_555 0.108  -0.122 0.103  -7.953 -1.042  0.463  1  A_DC3:DG8_B   A 3  ? B 8  ? 19 1 
1 A DT 4  1_555 B DA 7  1_555 -0.235 -0.161 0.500  -5.290 1.532   1.867  2  A_DT4:DA7_B   A 4  ? B 7  ? 20 1 
1 A DT 5  1_555 B DA 6  1_555 -0.101 0.010  0.484  -5.369 0.945   1.655  3  A_DT5:DA6_B   A 5  ? B 6  ? 20 1 
1 A DA 6  1_555 B DT 5  1_555 0.075  0.389  0.699  7.805  -2.330  7.775  4  A_DA6:DT5_B   A 6  ? B 5  ? 20 1 
1 A DA 7  1_555 B DT 4  1_555 0.103  -0.242 0.496  4.518  -3.132  2.134  5  A_DA7:DT4_B   A 7  ? B 4  ? 20 1 
1 A DG 8  1_555 B DC 3  1_555 -0.069 -0.064 0.352  8.282  -0.790  0.592  6  A_DG8:DC3_B   A 8  ? B 3  ? 19 1 
1 A DG 9  1_555 B DC 14 1_555 -0.056 -0.129 0.305  8.057  -7.169  -0.819 7  A_DG9:DC14_B  A 9  ? B 14 ? 19 1 
1 A DA 10 1_555 B DT 13 1_555 0.131  -0.068 -0.114 -0.118 -12.886 4.336  8  A_DA10:DT13_B A 10 ? B 13 ? 20 1 
1 A DA 11 1_555 B DT 12 1_555 0.031  -0.175 -0.039 -0.190 -16.411 0.427  9  A_DA11:DT12_B A 11 ? B 12 ? 20 1 
1 A DT 12 1_555 B DA 11 1_555 -0.012 -0.261 -0.061 -2.597 -12.277 1.403  10 A_DT12:DA11_B A 12 ? B 11 ? 20 1 
1 A DT 13 1_555 B DA 10 1_555 -0.065 -0.214 -0.181 -5.714 -11.579 2.267  11 A_DT13:DA10_B A 13 ? B 10 ? 20 1 
1 A DC 14 1_555 B DG 9  1_555 0.060  -0.142 0.095  -9.417 -8.166  0.808  12 A_DC14:DG9_B  A 14 ? B 9  ? 19 1 
# 
loop_
_ndb_struct_na_base_pair_step.model_number 
_ndb_struct_na_base_pair_step.i_label_asym_id_1 
_ndb_struct_na_base_pair_step.i_label_comp_id_1 
_ndb_struct_na_base_pair_step.i_label_seq_id_1 
_ndb_struct_na_base_pair_step.i_symmetry_1 
_ndb_struct_na_base_pair_step.j_label_asym_id_1 
_ndb_struct_na_base_pair_step.j_label_comp_id_1 
_ndb_struct_na_base_pair_step.j_label_seq_id_1 
_ndb_struct_na_base_pair_step.j_symmetry_1 
_ndb_struct_na_base_pair_step.i_label_asym_id_2 
_ndb_struct_na_base_pair_step.i_label_comp_id_2 
_ndb_struct_na_base_pair_step.i_label_seq_id_2 
_ndb_struct_na_base_pair_step.i_symmetry_2 
_ndb_struct_na_base_pair_step.j_label_asym_id_2 
_ndb_struct_na_base_pair_step.j_label_comp_id_2 
_ndb_struct_na_base_pair_step.j_label_seq_id_2 
_ndb_struct_na_base_pair_step.j_symmetry_2 
_ndb_struct_na_base_pair_step.shift 
_ndb_struct_na_base_pair_step.slide 
_ndb_struct_na_base_pair_step.rise 
_ndb_struct_na_base_pair_step.tilt 
_ndb_struct_na_base_pair_step.roll 
_ndb_struct_na_base_pair_step.twist 
_ndb_struct_na_base_pair_step.x_displacement 
_ndb_struct_na_base_pair_step.y_displacement 
_ndb_struct_na_base_pair_step.helical_rise 
_ndb_struct_na_base_pair_step.inclination 
_ndb_struct_na_base_pair_step.tip 
_ndb_struct_na_base_pair_step.helical_twist 
_ndb_struct_na_base_pair_step.step_number 
_ndb_struct_na_base_pair_step.step_name 
_ndb_struct_na_base_pair_step.i_auth_asym_id_1 
_ndb_struct_na_base_pair_step.i_auth_seq_id_1 
_ndb_struct_na_base_pair_step.i_PDB_ins_code_1 
_ndb_struct_na_base_pair_step.j_auth_asym_id_1 
_ndb_struct_na_base_pair_step.j_auth_seq_id_1 
_ndb_struct_na_base_pair_step.j_PDB_ins_code_1 
_ndb_struct_na_base_pair_step.i_auth_asym_id_2 
_ndb_struct_na_base_pair_step.i_auth_seq_id_2 
_ndb_struct_na_base_pair_step.i_PDB_ins_code_2 
_ndb_struct_na_base_pair_step.j_auth_asym_id_2 
_ndb_struct_na_base_pair_step.j_auth_seq_id_2 
_ndb_struct_na_base_pair_step.j_PDB_ins_code_2 
1 A DC 3  1_555 B DG 8  1_555 A DT 4  1_555 B DA 7  1_555 -0.433 -0.467 3.380 -2.490 0.456  27.954 -1.073 0.284  3.397 0.941  
5.141  28.066 1  AA_DC3DT4:DA7DG8_BB     A 3  ? B 8  ? A 4  ? B 7  ? 
1 A DT 4  1_555 B DA 7  1_555 A DT 5  1_555 B DA 6  1_555 0.493  -0.373 3.154 2.714  2.630  35.001 -0.995 -0.425 3.147 4.357  
-4.495 35.198 2  AA_DT4DT5:DA6DA7_BB     A 4  ? B 7  ? A 5  ? B 6  ? 
1 A DT 5  1_555 B DA 6  1_555 A DA 6  1_555 B DT 5  1_555 0.276  1.137  2.904 -0.963 4.698  44.826 1.101  -0.438 2.996 6.140  
1.258  45.069 3  AA_DT5DA6:DT5DA6_BB     A 5  ? B 6  ? A 6  ? B 5  ? 
1 A DA 6  1_555 B DT 5  1_555 A DA 7  1_555 B DT 4  1_555 -0.751 -0.225 3.284 -2.626 2.473  34.049 -0.775 0.858  3.307 4.209  
4.469  34.234 4  AA_DA6DA7:DT4DT5_BB     A 6  ? B 5  ? A 7  ? B 4  ? 
1 A DA 7  1_555 B DT 4  1_555 A DG 8  1_555 B DC 3  1_555 0.354  -0.499 3.277 0.621  -1.055 29.613 -0.752 -0.560 3.299 -2.063 
-1.215 29.638 5  AA_DA7DG8:DC3DT4_BB     A 7  ? B 4  ? A 8  ? B 3  ? 
1 A DG 9  1_555 B DC 14 1_555 A DA 10 1_555 B DT 13 1_555 0.286  0.063  3.597 2.393  2.715  33.924 -0.368 -0.069 3.602 4.637  
-4.087 34.111 6  AA_DG9DA10:DT13DC14_BB  A 9  ? B 14 ? A 10 ? B 13 ? 
1 A DA 10 1_555 B DT 13 1_555 A DA 11 1_555 B DT 12 1_555 -0.368 -0.477 3.264 -3.731 0.126  33.406 -0.846 0.024  3.283 0.218  
6.466  33.608 7  AA_DA10DA11:DT12DT13_BB A 10 ? B 13 ? A 11 ? B 12 ? 
1 A DA 11 1_555 B DT 12 1_555 A DT 12 1_555 B DA 11 1_555 -0.053 -0.204 3.254 -0.402 -2.616 39.224 0.007  0.031  3.261 -3.891 
0.598  39.310 8  AA_DA11DT12:DA11DT12_BB A 11 ? B 12 ? A 12 ? B 11 ? 
1 A DT 12 1_555 B DA 11 1_555 A DT 13 1_555 B DA 10 1_555 0.202  -0.104 3.283 4.003  1.361  37.834 -0.334 0.202  3.281 2.091  
-6.150 38.061 9  AA_DT12DT13:DA10DA11_BB A 12 ? B 11 ? A 13 ? B 10 ? 
1 A DT 13 1_555 B DA 10 1_555 A DC 14 1_555 B DG 9  1_555 -0.449 -0.122 3.534 -4.076 3.187  29.169 -0.971 -0.060 3.529 6.265  
8.015  29.614 10 AA_DT13DC14:DG9DA10_BB  A 13 ? B 10 ? A 14 ? B 9  ? 
# 
loop_
_pdbx_audit_support.funding_organization 
_pdbx_audit_support.country 
_pdbx_audit_support.grant_number 
_pdbx_audit_support.ordinal 
'National Science Foundation (NSF, United States)'                                         'United States' CMMI-2025187 1 
'National Science Foundation (NSF, United States)'                                         'United States' CCF-2107393  2 
'National Institutes of Health/National Institute of General Medical Sciences (NIH/NIGMS)' 'United States' 1R01GM127884 3 
'National Institutes of Health/National Institute of General Medical Sciences (NIH/NIGMS)' 'United States' 1R01GM127896 4 
# 
_pdbx_entity_instance_feature.ordinal        1 
_pdbx_entity_instance_feature.comp_id        HT1 
_pdbx_entity_instance_feature.asym_id        ? 
_pdbx_entity_instance_feature.seq_num        ? 
_pdbx_entity_instance_feature.auth_comp_id   HT1 
_pdbx_entity_instance_feature.auth_asym_id   ? 
_pdbx_entity_instance_feature.auth_seq_num   ? 
_pdbx_entity_instance_feature.feature_type   'SUBJECT OF INVESTIGATION' 
_pdbx_entity_instance_feature.details        ? 
# 
_pdbx_initial_refinement_model.accession_code   ? 
_pdbx_initial_refinement_model.id               1 
_pdbx_initial_refinement_model.entity_id_list   ? 
_pdbx_initial_refinement_model.type             'in silico model' 
_pdbx_initial_refinement_model.source_name      Other 
_pdbx_initial_refinement_model.details          'ideal B type DNA duplexes generated in Cadnano' 
# 
_space_group.name_H-M_alt     'P 43' 
_space_group.name_Hall        'P 4cw' 
_space_group.IT_number        78 
_space_group.crystal_system   tetragonal 
_space_group.id               1 
# 
_atom_sites.entry_id                    8F42 
_atom_sites.Cartn_transf_matrix[1][1]   ? 
_atom_sites.Cartn_transf_matrix[1][2]   ? 
_atom_sites.Cartn_transf_matrix[1][3]   ? 
_atom_sites.Cartn_transf_matrix[2][1]   ? 
_atom_sites.Cartn_transf_matrix[2][2]   ? 
_atom_sites.Cartn_transf_matrix[2][3]   ? 
_atom_sites.Cartn_transf_matrix[3][1]   ? 
_atom_sites.Cartn_transf_matrix[3][2]   ? 
_atom_sites.Cartn_transf_matrix[3][3]   ? 
_atom_sites.Cartn_transf_vector[1]      ? 
_atom_sites.Cartn_transf_vector[2]      ? 
_atom_sites.Cartn_transf_vector[3]      ? 
_atom_sites.fract_transf_matrix[1][1]   -0.01096333 
_atom_sites.fract_transf_matrix[1][2]   -0.00331660 
_atom_sites.fract_transf_matrix[1][3]   0.02585442 
_atom_sites.fract_transf_matrix[2][1]   -0.01258600 
_atom_sites.fract_transf_matrix[2][2]   0.02523547 
_atom_sites.fract_transf_matrix[2][3]   -0.00209978 
_atom_sites.fract_transf_matrix[3][1]   -0.00781463 
_atom_sites.fract_transf_matrix[3][2]   -0.00421824 
_atom_sites.fract_transf_matrix[3][3]   -0.00385484 
_atom_sites.fract_transf_vector[1]      0.240899 
_atom_sites.fract_transf_vector[2]      -0.243896 
_atom_sites.fract_transf_vector[3]      -0.124235 
_atom_sites.solution_primary            ? 
_atom_sites.solution_secondary          ? 
_atom_sites.solution_hydrogens          ? 
_atom_sites.special_details             ? 
# 
loop_
_atom_type.symbol 
_atom_type.scat_dispersion_real 
_atom_type.scat_dispersion_imag 
_atom_type.scat_Cromer_Mann_a1 
_atom_type.scat_Cromer_Mann_a2 
_atom_type.scat_Cromer_Mann_a3 
_atom_type.scat_Cromer_Mann_a4 
_atom_type.scat_Cromer_Mann_b1 
_atom_type.scat_Cromer_Mann_b2 
_atom_type.scat_Cromer_Mann_b3 
_atom_type.scat_Cromer_Mann_b4 
_atom_type.scat_Cromer_Mann_c 
_atom_type.scat_source 
_atom_type.scat_dispersion_source 
C ? ? 3.54356 2.42580 ? ? 25.62398 1.50364  ? ? 0.0 
;2-Gaussian fit: Grosse-Kunstleve RW, Sauter NK, Adams PD: Newsletter of the IUCr Commission on Crystallographic Computing 2004, 3, 22-31.
;
? 
N ? ? 4.01032 2.96436 ? ? 19.97189 1.75589  ? ? 0.0 
;2-Gaussian fit: Grosse-Kunstleve RW, Sauter NK, Adams PD: Newsletter of the IUCr Commission on Crystallographic Computing 2004, 3, 22-31.
;
? 
O ? ? 4.49882 3.47563 ? ? 15.80542 1.70748  ? ? 0.0 
;2-Gaussian fit: Grosse-Kunstleve RW, Sauter NK, Adams PD: Newsletter of the IUCr Commission on Crystallographic Computing 2004, 3, 22-31.
;
? 
P ? ? 9.51135 5.44231 ? ? 1.42069  35.72801 ? ? 0.0 
;2-Gaussian fit: Grosse-Kunstleve RW, Sauter NK, Adams PD: Newsletter of the IUCr Commission on Crystallographic Computing 2004, 3, 22-31.
;
? 
# 
loop_
_atom_site.group_PDB 
_atom_site.id 
_atom_site.type_symbol 
_atom_site.label_atom_id 
_atom_site.label_alt_id 
_atom_site.label_comp_id 
_atom_site.label_asym_id 
_atom_site.label_entity_id 
_atom_site.label_seq_id 
_atom_site.pdbx_PDB_ins_code 
_atom_site.Cartn_x 
_atom_site.Cartn_y 
_atom_site.Cartn_z 
_atom_site.occupancy 
_atom_site.B_iso_or_equiv 
_atom_site.pdbx_formal_charge 
_atom_site.auth_seq_id 
_atom_site.auth_comp_id 
_atom_site.auth_asym_id 
_atom_site.auth_atom_id 
_atom_site.pdbx_PDB_model_num 
ATOM   1   O "O5'" . DC  A 1 1  ? -14.99460 -13.51970 12.86621  1.000 52.94853 ? 1   DC  A "O5'" 1 
ATOM   2   C "C5'" . DC  A 1 1  ? -14.42316 -13.75101 11.54600  1.000 55.57343 ? 1   DC  A "C5'" 1 
ATOM   3   C "C4'" . DC  A 1 1  ? -14.04640 -15.22098 11.32416  1.000 45.25530 ? 1   DC  A "C4'" 1 
ATOM   4   O "O4'" . DC  A 1 1  ? -14.67161 -15.69196 10.11749  1.000 42.10691 ? 1   DC  A "O4'" 1 
ATOM   5   C "C3'" . DC  A 1 1  ? -12.56657 -15.47452 11.13720  1.000 45.00584 ? 1   DC  A "C3'" 1 
ATOM   6   O "O3'" . DC  A 1 1  ? -12.03834 -15.86362 12.35313  1.000 47.55236 ? 1   DC  A "O3'" 1 
ATOM   7   C "C2'" . DC  A 1 1  ? -12.53327 -16.62005 10.13224  1.000 45.43123 ? 1   DC  A "C2'" 1 
ATOM   8   C "C1'" . DC  A 1 1  ? -13.73861 -16.32632 9.27738   1.000 40.81207 ? 1   DC  A "C1'" 1 
ATOM   9   N N1    . DC  A 1 1  ? -13.47064 -15.43355 8.11167   1.000 41.25611 ? 1   DC  A N1    1 
ATOM   10  C C2    . DC  A 1 1  ? -12.73566 -15.90849 7.01894   1.000 45.76808 ? 1   DC  A C2    1 
ATOM   11  O O2    . DC  A 1 1  ? -12.30445 -17.06446 7.04088   1.000 47.15784 ? 1   DC  A O2    1 
ATOM   12  N N3    . DC  A 1 1  ? -12.49910 -15.07363 5.96756   1.000 46.07893 ? 1   DC  A N3    1 
ATOM   13  C C4    . DC  A 1 1  ? -12.99205 -13.83571 5.97744   1.000 43.83617 ? 1   DC  A C4    1 
ATOM   14  N N4    . DC  A 1 1  ? -12.76291 -13.06009 4.91985   1.000 40.48092 ? 1   DC  A N4    1 
ATOM   15  C C5    . DC  A 1 1  ? -13.74779 -13.34375 7.07541   1.000 45.62591 ? 1   DC  A C5    1 
ATOM   16  C C6    . DC  A 1 1  ? -13.95781 -14.16549 8.11015   1.000 41.94696 ? 1   DC  A C6    1 
ATOM   17  P P     . DG  A 1 2  ? -10.45103 -15.93816 12.58788  1.000 67.60377 ? 2   DG  A P     1 
ATOM   18  O OP1   . DG  A 1 2  ? -10.43422 -16.84598 13.75105  1.000 71.05127 ? 2   DG  A OP1   1 
ATOM   19  O OP2   . DG  A 1 2  ? -9.81700  -14.60846 12.70954  1.000 66.30375 ? 2   DG  A OP2   1 
ATOM   20  O "O5'" . DG  A 1 2  ? -9.83528  -16.60205 11.25694  1.000 49.78188 ? 2   DG  A "O5'" 1 
ATOM   21  C "C5'" . DG  A 1 2  ? -9.61357  -17.97250 11.19783  1.000 48.40597 ? 2   DG  A "C5'" 1 
ATOM   22  C "C4'" . DG  A 1 2  ? -8.69779  -18.28477 10.05254  1.000 53.32504 ? 2   DG  A "C4'" 1 
ATOM   23  O "O4'" . DG  A 1 2  ? -9.38685  -18.01943 8.80557   1.000 51.40727 ? 2   DG  A "O4'" 1 
ATOM   24  C "C3'" . DG  A 1 2  ? -7.48183  -17.39215 9.95447   1.000 60.03763 ? 2   DG  A "C3'" 1 
ATOM   25  O "O3'" . DG  A 1 2  ? -6.45538  -17.74250 10.92942  1.000 67.80553 ? 2   DG  A "O3'" 1 
ATOM   26  C "C2'" . DG  A 1 2  ? -7.08218  -17.61404 8.51162   1.000 60.12126 ? 2   DG  A "C2'" 1 
ATOM   27  C "C1'" . DG  A 1 2  ? -8.42790  -17.53417 7.84409   1.000 55.53141 ? 2   DG  A "C1'" 1 
ATOM   28  N N9    . DG  A 1 2  ? -8.78696  -16.17385 7.42479   1.000 49.68301 ? 2   DG  A N9    1 
ATOM   29  C C8    . DG  A 1 2  ? -9.50468  -15.24751 8.13245   1.000 48.97419 ? 2   DG  A C8    1 
ATOM   30  N N7    . DG  A 1 2  ? -9.70902  -14.13872 7.47847   1.000 46.11721 ? 2   DG  A N7    1 
ATOM   31  C C5    . DG  A 1 2  ? -9.07904  -14.33887 6.27108   1.000 45.03053 ? 2   DG  A C5    1 
ATOM   32  C C6    . DG  A 1 2  ? -8.96402  -13.48178 5.15654   1.000 45.57729 ? 2   DG  A C6    1 
ATOM   33  O O6    . DG  A 1 2  ? -9.40309  -12.33064 5.02247   1.000 42.41888 ? 2   DG  A O6    1 
ATOM   34  N N1    . DG  A 1 2  ? -8.24873  -14.08097 4.12444   1.000 47.36721 ? 2   DG  A N1    1 
ATOM   35  C C2    . DG  A 1 2  ? -7.71501  -15.34354 4.17493   1.000 47.71861 ? 2   DG  A C2    1 
ATOM   36  N N2    . DG  A 1 2  ? -7.04397  -15.74762 3.08978   1.000 48.14030 ? 2   DG  A N2    1 
ATOM   37  N N3    . DG  A 1 2  ? -7.82410  -16.15425 5.21468   1.000 47.72127 ? 2   DG  A N3    1 
ATOM   38  C C4    . DG  A 1 2  ? -8.50708  -15.58680 6.22124   1.000 46.86434 ? 2   DG  A C4    1 
ATOM   39  P P     . DC  A 1 3  ? -5.19809  -18.72865 10.65858  1.000 59.69993 ? 3   DC  A P     1 
ATOM   40  O OP1   . DC  A 1 3  ? -5.69177  -20.11676 10.51900  1.000 56.79444 ? 3   DC  A OP1   1 
ATOM   41  O OP2   . DC  A 1 3  ? -4.25407  -18.30537 11.71795  1.000 61.48486 ? 3   DC  A OP2   1 
ATOM   42  O "O5'" . DC  A 1 3  ? -4.50913  -18.32875 9.27777   1.000 56.27779 ? 3   DC  A "O5'" 1 
ATOM   43  C "C5'" . DC  A 1 3  ? -4.29467  -19.34799 8.31493   1.000 59.09324 ? 3   DC  A "C5'" 1 
ATOM   44  C "C4'" . DC  A 1 3  ? -3.65984  -18.76782 7.08559   1.000 66.29125 ? 3   DC  A "C4'" 1 
ATOM   45  O "O4'" . DC  A 1 3  ? -4.48230  -17.68177 6.56771   1.000 61.49531 ? 3   DC  A "O4'" 1 
ATOM   46  C "C3'" . DC  A 1 3  ? -2.27828  -18.16494 7.33687   1.000 75.20834 ? 3   DC  A "C3'" 1 
ATOM   47  O "O3'" . DC  A 1 3  ? -1.40143  -18.52115 6.28097   1.000 82.20480 ? 3   DC  A "O3'" 1 
ATOM   48  C "C2'" . DC  A 1 3  ? -2.55350  -16.66403 7.35061   1.000 66.77103 ? 3   DC  A "C2'" 1 
ATOM   49  C "C1'" . DC  A 1 3  ? -3.65214  -16.56162 6.31341   1.000 61.92583 ? 3   DC  A "C1'" 1 
ATOM   50  N N1    . DC  A 1 3  ? -4.46725  -15.31226 6.42800   1.000 56.11715 ? 3   DC  A N1    1 
ATOM   51  C C2    . DC  A 1 3  ? -4.48467  -14.37390 5.38187   1.000 51.56786 ? 3   DC  A C2    1 
ATOM   52  O O2    . DC  A 1 3  ? -3.81850  -14.58952 4.37564   1.000 55.57879 ? 3   DC  A O2    1 
ATOM   53  N N3    . DC  A 1 3  ? -5.23944  -13.25590 5.51389   1.000 46.81062 ? 3   DC  A N3    1 
ATOM   54  C C4    . DC  A 1 3  ? -5.95346  -13.06761 6.62695   1.000 52.02603 ? 3   DC  A C4    1 
ATOM   55  N N4    . DC  A 1 3  ? -6.68975  -11.95402 6.73805   1.000 54.03760 ? 3   DC  A N4    1 
ATOM   56  C C5    . DC  A 1 3  ? -5.94871  -14.01260 7.68987   1.000 58.32080 ? 3   DC  A C5    1 
ATOM   57  C C6    . DC  A 1 3  ? -5.19172  -15.10214 7.55045   1.000 57.52282 ? 3   DC  A C6    1 
ATOM   58  P P     . DT  A 1 4  ? 0.17920   -18.61030 6.53268   1.000 80.10453 ? 4   DT  A P     1 
ATOM   59  O OP1   . DT  A 1 4  ? 0.52977   -19.97349 6.06458   1.000 78.68364 ? 4   DT  A OP1   1 
ATOM   60  O OP2   . DT  A 1 4  ? 0.51424   -18.14173 7.90577   1.000 71.70374 ? 4   DT  A OP2   1 
ATOM   61  O "O5'" . DT  A 1 4  ? 0.75942   -17.54740 5.50814   1.000 61.25782 ? 4   DT  A "O5'" 1 
ATOM   62  C "C5'" . DT  A 1 4  ? 0.31773   -17.58364 4.18200   1.000 63.11995 ? 4   DT  A "C5'" 1 
ATOM   63  C "C4'" . DT  A 1 4  ? 0.70113   -16.31309 3.47363   1.000 67.44938 ? 4   DT  A "C4'" 1 
ATOM   64  O "O4'" . DT  A 1 4  ? -0.26838  -15.28373 3.78794   1.000 66.36951 ? 4   DT  A "O4'" 1 
ATOM   65  C "C3'" . DT  A 1 4  ? 2.04840   -15.72560 3.89493   1.000 72.57873 ? 4   DT  A "C3'" 1 
ATOM   66  O "O3'" . DT  A 1 4  ? 2.65477   -15.07558 2.78081   1.000 71.94284 ? 4   DT  A "O3'" 1 
ATOM   67  C "C2'" . DT  A 1 4  ? 1.62883   -14.70254 4.94362   1.000 70.84864 ? 4   DT  A "C2'" 1 
ATOM   68  C "C1'" . DT  A 1 4  ? 0.43047   -14.14204 4.22570   1.000 64.07665 ? 4   DT  A "C1'" 1 
ATOM   69  N N1    . DT  A 1 4  ? -0.47175  -13.30522 5.04354   1.000 60.00456 ? 4   DT  A N1    1 
ATOM   70  C C2    . DT  A 1 4  ? -0.89193  -12.12120 4.51766   1.000 56.83047 ? 4   DT  A C2    1 
ATOM   71  O O2    . DT  A 1 4  ? -0.52171  -11.71854 3.42511   1.000 58.65566 ? 4   DT  A O2    1 
ATOM   72  N N3    . DT  A 1 4  ? -1.75194  -11.41413 5.31575   1.000 52.34366 ? 4   DT  A N3    1 
ATOM   73  C C4    . DT  A 1 4  ? -2.21152  -11.76877 6.55954   1.000 51.92856 ? 4   DT  A C4    1 
ATOM   74  O O4    . DT  A 1 4  ? -2.96939  -11.05999 7.20734   1.000 52.72510 ? 4   DT  A O4    1 
ATOM   75  C C5    . DT  A 1 4  ? -1.74557  -13.03164 7.04955   1.000 53.76108 ? 4   DT  A C5    1 
ATOM   76  C C7    . DT  A 1 4  ? -2.19866  -13.50891 8.39281   1.000 56.24360 ? 4   DT  A C7    1 
ATOM   77  C C6    . DT  A 1 4  ? -0.90723  -13.74223 6.27691   1.000 58.98933 ? 4   DT  A C6    1 
ATOM   78  P P     . DT  A 1 5  ? 4.24951   -14.97184 2.71605   1.000 72.64791 ? 5   DT  A P     1 
ATOM   79  O OP1   . DT  A 1 5  ? 4.68405   -15.88646 1.62922   1.000 69.28224 ? 5   DT  A OP1   1 
ATOM   80  O OP2   . DT  A 1 5  ? 4.71226   -15.04502 4.13093   1.000 66.79631 ? 5   DT  A OP2   1 
ATOM   81  O "O5'" . DT  A 1 5  ? 4.56668   -13.47899 2.27416   1.000 64.42363 ? 5   DT  A "O5'" 1 
ATOM   82  C "C5'" . DT  A 1 5  ? 3.92194   -12.90946 1.17093   1.000 63.73350 ? 5   DT  A "C5'" 1 
ATOM   83  C "C4'" . DT  A 1 5  ? 3.71200   -11.43297 1.42713   1.000 65.03851 ? 5   DT  A "C4'" 1 
ATOM   84  O "O4'" . DT  A 1 5  ? 2.61222   -11.23317 2.38452   1.000 71.50472 ? 5   DT  A "O4'" 1 
ATOM   85  C "C3'" . DT  A 1 5  ? 4.92769   -10.72627 2.05142   1.000 57.77906 ? 5   DT  A "C3'" 1 
ATOM   86  O "O3'" . DT  A 1 5  ? 5.12391   -9.53015  1.43959   1.000 52.10139 ? 5   DT  A "O3'" 1 
ATOM   87  C "C2'" . DT  A 1 5  ? 4.50425   -10.50300 3.48941   1.000 61.44409 ? 5   DT  A "C2'" 1 
ATOM   88  C "C1'" . DT  A 1 5  ? 3.03275   -10.21572 3.26865   1.000 65.56911 ? 5   DT  A "C1'" 1 
ATOM   89  N N1    . DT  A 1 5  ? 2.20359   -10.18129 4.52419   1.000 55.58975 ? 5   DT  A N1    1 
ATOM   90  C C2    . DT  A 1 5  ? 1.41008   -9.10172  4.71392   1.000 52.25302 ? 5   DT  A C2    1 
ATOM   91  O O2    . DT  A 1 5  ? 1.31681   -8.21106  3.88657   1.000 53.20991 ? 5   DT  A O2    1 
ATOM   92  N N3    . DT  A 1 5  ? 0.71297   -9.09690  5.89205   1.000 53.95855 ? 5   DT  A N3    1 
ATOM   93  C C4    . DT  A 1 5  ? 0.75604   -10.05935 6.89057   1.000 58.23370 ? 5   DT  A C4    1 
ATOM   94  O O4    . DT  A 1 5  ? 0.07932   -9.97439  7.92727   1.000 62.02234 ? 5   DT  A O4    1 
ATOM   95  C C5    . DT  A 1 5  ? 1.63599   -11.17333 6.62956   1.000 51.57691 ? 5   DT  A C5    1 
ATOM   96  C C7    . DT  A 1 5  ? 1.76341   -12.28252 7.63351   1.000 46.33481 ? 5   DT  A C7    1 
ATOM   97  C C6    . DT  A 1 5  ? 2.31914   -11.17355 5.47625   1.000 54.45641 ? 5   DT  A C6    1 
ATOM   98  P P     . DA  A 1 6  ? 6.56528   -9.22915  0.83508   1.000 62.57636 ? 6   DA  A P     1 
ATOM   99  O OP1   . DA  A 1 6  ? 6.54203   -9.80115  -0.53176  1.000 48.14819 ? 6   DA  A OP1   1 
ATOM   100 O OP2   . DA  A 1 6  ? 7.52515   -9.61754  1.90556   1.000 56.25850 ? 6   DA  A OP2   1 
ATOM   101 O "O5'" . DA  A 1 6  ? 6.62885   -7.63655  0.69439   1.000 62.39328 ? 6   DA  A "O5'" 1 
ATOM   102 C "C5'" . DA  A 1 6  ? 5.78841   -6.98491  -0.23168  1.000 54.97587 ? 6   DA  A "C5'" 1 
ATOM   103 C "C4'" . DA  A 1 6  ? 5.30699   -5.66777  0.33067   1.000 49.04838 ? 6   DA  A "C4'" 1 
ATOM   104 O "O4'" . DA  A 1 6  ? 4.45186   -5.88442  1.48144   1.000 60.07520 ? 6   DA  A "O4'" 1 
ATOM   105 C "C3'" . DA  A 1 6  ? 6.39190   -4.72925  0.78510   1.000 46.05069 ? 6   DA  A "C3'" 1 
ATOM   106 O "O3'" . DA  A 1 6  ? 6.01062   -3.44348  0.40310   1.000 49.98432 ? 6   DA  A "O3'" 1 
ATOM   107 C "C2'" . DA  A 1 6  ? 6.41895   -4.90391  2.31019   1.000 45.96851 ? 6   DA  A "C2'" 1 
ATOM   108 C "C1'" . DA  A 1 6  ? 4.96768   -5.23123  2.63080   1.000 50.87312 ? 6   DA  A "C1'" 1 
ATOM   109 N N9    . DA  A 1 6  ? 4.78685   -6.14976  3.77584   1.000 55.24664 ? 6   DA  A N9    1 
ATOM   110 C C8    . DA  A 1 6  ? 5.43968   -7.33889  3.98691   1.000 57.53685 ? 6   DA  A C8    1 
ATOM   111 N N7    . DA  A 1 6  ? 5.07120   -7.97087  5.07954   1.000 54.32799 ? 6   DA  A N7    1 
ATOM   112 C C5    . DA  A 1 6  ? 4.08105   -7.16796  5.61501   1.000 53.75646 ? 6   DA  A C5    1 
ATOM   113 C C6    . DA  A 1 6  ? 3.27377   -7.29655  6.77405   1.000 51.23657 ? 6   DA  A C6    1 
ATOM   114 N N6    . DA  A 1 6  ? 3.35694   -8.32542  7.61705   1.000 51.07341 ? 6   DA  A N6    1 
ATOM   115 N N1    . DA  A 1 6  ? 2.37781   -6.31458  7.02804   1.000 49.68438 ? 6   DA  A N1    1 
ATOM   116 C C2    . DA  A 1 6  ? 2.29573   -5.27433  6.16942   1.000 52.41934 ? 6   DA  A C2    1 
ATOM   117 N N3    . DA  A 1 6  ? 3.00077   -5.04248  5.04394   1.000 53.42080 ? 6   DA  A N3    1 
ATOM   118 C C4    . DA  A 1 6  ? 3.88142   -6.03855  4.82087   1.000 54.51185 ? 6   DA  A C4    1 
ATOM   119 P P     . DA  A 1 7  ? 6.93696   -2.18372  0.74568   1.000 62.58132 ? 7   DA  A P     1 
ATOM   120 O OP1   . DA  A 1 7  ? 6.80173   -1.19294  -0.35586  1.000 56.41124 ? 7   DA  A OP1   1 
ATOM   121 O OP2   . DA  A 1 7  ? 8.28756   -2.69017  1.11612   1.000 54.45395 ? 7   DA  A OP2   1 
ATOM   122 O "O5'" . DA  A 1 7  ? 6.20192   -1.58673  2.02755   1.000 55.01130 ? 7   DA  A "O5'" 1 
ATOM   123 C "C5'" . DA  A 1 7  ? 4.80793   -1.69238  2.09562   1.000 50.18388 ? 7   DA  A "C5'" 1 
ATOM   124 C "C4'" . DA  A 1 7  ? 4.20138   -0.57000  2.90010   1.000 46.61747 ? 7   DA  A "C4'" 1 
ATOM   125 O "O4'" . DA  A 1 7  ? 3.72763   -1.11583  4.13289   1.000 50.67780 ? 7   DA  A "O4'" 1 
ATOM   126 C "C3'" . DA  A 1 7  ? 5.14051   0.53797   3.33812   1.000 42.79189 ? 7   DA  A "C3'" 1 
ATOM   127 O "O3'" . DA  A 1 7  ? 4.34676   1.60006   3.83379   1.000 47.24722 ? 7   DA  A "O3'" 1 
ATOM   128 C "C2'" . DA  A 1 7  ? 5.86085   -0.14019  4.48300   1.000 43.57712 ? 7   DA  A "C2'" 1 
ATOM   129 C "C1'" . DA  A 1 7  ? 4.69385   -0.87405  5.14457   1.000 47.14138 ? 7   DA  A "C1'" 1 
ATOM   130 N N9    . DA  A 1 7  ? 5.04959   -2.14942  5.74429   1.000 44.94229 ? 7   DA  A N9    1 
ATOM   131 C C8    . DA  A 1 7  ? 5.90103   -3.09475  5.25047   1.000 51.59098 ? 7   DA  A C8    1 
ATOM   132 N N7    . DA  A 1 7  ? 6.01645   -4.15663  6.01896   1.000 50.71232 ? 7   DA  A N7    1 
ATOM   133 C C5    . DA  A 1 7  ? 5.17006   -3.88156  7.07460   1.000 48.24063 ? 7   DA  A C5    1 
ATOM   134 C C6    . DA  A 1 7  ? 4.82626   -4.60797  8.23289   1.000 50.25259 ? 7   DA  A C6    1 
ATOM   135 N N6    . DA  A 1 7  ? 5.32397   -5.81150  8.52959   1.000 50.10544 ? 7   DA  A N6    1 
ATOM   136 N N1    . DA  A 1 7  ? 3.94339   -4.04571  9.07260   1.000 50.49645 ? 7   DA  A N1    1 
ATOM   137 C C2    . DA  A 1 7  ? 3.44058   -2.83919  8.76469   1.000 51.11632 ? 7   DA  A C2    1 
ATOM   138 N N3    . DA  A 1 7  ? 3.68270   -2.07196  7.70794   1.000 43.41361 ? 7   DA  A N3    1 
ATOM   139 C C4    . DA  A 1 7  ? 4.56393   -2.65074  6.90544   1.000 42.94918 ? 7   DA  A C4    1 
ATOM   140 P P     . DG  A 1 8  ? 4.87627   3.11525   3.84552   1.000 51.97075 ? 8   DG  A P     1 
ATOM   141 O OP1   . DG  A 1 8  ? 3.72666   3.97363   3.43521   1.000 51.40642 ? 8   DG  A OP1   1 
ATOM   142 O OP2   . DG  A 1 8  ? 6.20579   3.17864   3.17938   1.000 43.68075 ? 8   DG  A OP2   1 
ATOM   143 O "O5'" . DG  A 1 8  ? 5.06463   3.42001   5.39437   1.000 51.28283 ? 8   DG  A "O5'" 1 
ATOM   144 C "C5'" . DG  A 1 8  ? 3.95911   3.31735   6.25093   1.000 49.25802 ? 8   DG  A "C5'" 1 
ATOM   145 C "C4'" . DG  A 1 8  ? 4.43613   3.01455   7.63636   1.000 42.60489 ? 8   DG  A "C4'" 1 
ATOM   146 O "O4'" . DG  A 1 8  ? 4.79252   1.62373   7.71528   1.000 42.44761 ? 8   DG  A "O4'" 1 
ATOM   147 C "C3'" . DG  A 1 8  ? 5.69400   3.76874   8.03884   1.000 37.86821 ? 8   DG  A "C3'" 1 
ATOM   148 O "O3'" . DG  A 1 8  ? 5.38678   4.67897   9.03608   1.000 45.92373 ? 8   DG  A "O3'" 1 
ATOM   149 C "C2'" . DG  A 1 8  ? 6.61337   2.67110   8.59202   1.000 42.83756 ? 8   DG  A "C2'" 1 
ATOM   150 C "C1'" . DG  A 1 8  ? 5.65577   1.50714   8.78721   1.000 40.31444 ? 8   DG  A "C1'" 1 
ATOM   151 N N9    . DG  A 1 8  ? 6.30477   0.19782   8.76731   1.000 38.21635 ? 8   DG  A N9    1 
ATOM   152 C C8    . DG  A 1 8  ? 7.18887   -0.24993  7.84396   1.000 45.63009 ? 8   DG  A C8    1 
ATOM   153 N N7    . DG  A 1 8  ? 7.64091   -1.44669  8.08631   1.000 51.10510 ? 8   DG  A N7    1 
ATOM   154 C C5    . DG  A 1 8  ? 7.01083   -1.81916  9.25275   1.000 48.51430 ? 8   DG  A C5    1 
ATOM   155 C C6    . DG  A 1 8  ? 7.10894   -3.02436  9.99228   1.000 49.28658 ? 8   DG  A C6    1 
ATOM   156 O O6    . DG  A 1 8  ? 7.81044   -4.02854  9.74406   1.000 46.32843 ? 8   DG  A O6    1 
ATOM   157 N N1    . DG  A 1 8  ? 6.29164   -2.99306  11.13114  1.000 46.87459 ? 8   DG  A N1    1 
ATOM   158 C C2    . DG  A 1 8  ? 5.50761   -1.92017  11.49067  1.000 44.78664 ? 8   DG  A C2    1 
ATOM   159 N N2    . DG  A 1 8  ? 4.78614   -2.04636  12.61239  1.000 53.20939 ? 8   DG  A N2    1 
ATOM   160 N N3    . DG  A 1 8  ? 5.41757   -0.79794  10.79609  1.000 42.89262 ? 8   DG  A N3    1 
ATOM   161 C C4    . DG  A 1 8  ? 6.18744   -0.81624  9.69593   1.000 41.61858 ? 8   DG  A C4    1 
ATOM   162 P P     . DG  A 1 9  ? 5.03476   6.21728   8.70347   1.000 59.36794 ? 9   DG  A P     1 
ATOM   163 O OP1   . DG  A 1 9  ? 6.20717   7.01365   8.24038   1.000 49.73349 ? 9   DG  A OP1   1 
ATOM   164 O OP2   . DG  A 1 9  ? 4.28077   6.68657   9.89556   1.000 56.97678 ? 9   DG  A OP2   1 
ATOM   165 O "O5'" . DG  A 1 9  ? 4.08129   6.14233   7.43748   1.000 47.84762 ? 9   DG  A "O5'" 1 
ATOM   166 C "C5'" . DG  A 1 9  ? 4.34559   7.00163   6.37349   1.000 46.81145 ? 9   DG  A "C5'" 1 
ATOM   167 C "C4'" . DG  A 1 9  ? 3.18726   7.90108   6.09454   1.000 45.61985 ? 9   DG  A "C4'" 1 
ATOM   168 O "O4'" . DG  A 1 9  ? 3.50434   8.70314   4.92925   1.000 47.14210 ? 9   DG  A "O4'" 1 
ATOM   169 C "C3'" . DG  A 1 9  ? 1.92673   7.16158   5.71798   1.000 49.14933 ? 9   DG  A "C3'" 1 
ATOM   170 O "O3'" . DG  A 1 9  ? 0.81547   8.00818   5.92209   1.000 44.52770 ? 9   DG  A "O3'" 1 
ATOM   171 C "C2'" . DG  A 1 9  ? 2.17315   6.89824   4.23046   1.000 51.99224 ? 9   DG  A "C2'" 1 
ATOM   172 C "C1'" . DG  A 1 9  ? 2.73345   8.25175   3.82717   1.000 48.98298 ? 9   DG  A "C1'" 1 
ATOM   173 N N9    . DG  A 1 9  ? 3.58068   8.23335   2.65511   1.000 46.53661 ? 9   DG  A N9    1 
ATOM   174 C C8    . DG  A 1 9  ? 4.49326   7.28568   2.30118   1.000 46.68968 ? 9   DG  A C8    1 
ATOM   175 N N7    . DG  A 1 9  ? 5.11747   7.56927   1.19560   1.000 47.97887 ? 9   DG  A N7    1 
ATOM   176 C C5    . DG  A 1 9  ? 4.57840   8.78234   0.80086   1.000 46.67431 ? 9   DG  A C5    1 
ATOM   177 C C6    . DG  A 1 9  ? 4.85786   9.58962   -0.32947  1.000 46.12455 ? 9   DG  A C6    1 
ATOM   178 O O6    . DG  A 1 9  ? 5.66479   9.38294   -1.23393  1.000 47.68486 ? 9   DG  A O6    1 
ATOM   179 N N1    . DG  A 1 9  ? 4.08368   10.74145  -0.35183  1.000 45.61684 ? 9   DG  A N1    1 
ATOM   180 C C2    . DG  A 1 9  ? 3.16046   11.07288  0.60439   1.000 51.62950 ? 9   DG  A C2    1 
ATOM   181 N N2    . DG  A 1 9  ? 2.50532   12.23212  0.43148   1.000 55.59299 ? 9   DG  A N2    1 
ATOM   182 N N3    . DG  A 1 9  ? 2.89542   10.32572  1.67050   1.000 52.40043 ? 9   DG  A N3    1 
ATOM   183 C C4    . DG  A 1 9  ? 3.63832   9.19987   1.69506   1.000 48.70693 ? 9   DG  A C4    1 
ATOM   184 P P     . DA  A 1 10 ? -0.65214  7.37535   6.02094   1.000 46.17670 ? 10  DA  A P     1 
ATOM   185 O OP1   . DA  A 1 10 ? -0.96049  7.45264   7.45975   1.000 57.16253 ? 10  DA  A OP1   1 
ATOM   186 O OP2   . DA  A 1 10 ? -0.74910  6.08346   5.29951   1.000 45.04242 ? 10  DA  A OP2   1 
ATOM   187 O "O5'" . DA  A 1 10 ? -1.54671  8.40538   5.21090   1.000 44.48931 ? 10  DA  A "O5'" 1 
ATOM   188 C "C5'" . DA  A 1 10 ? -1.02923  9.67175   4.90894   1.000 44.00578 ? 10  DA  A "C5'" 1 
ATOM   189 C "C4'" . DA  A 1 10 ? -1.55704  10.12930  3.56969   1.000 50.05056 ? 10  DA  A "C4'" 1 
ATOM   190 O "O4'" . DA  A 1 10 ? -0.55702  9.90430   2.53002   1.000 52.58141 ? 10  DA  A "O4'" 1 
ATOM   191 C "C3'" . DA  A 1 10 ? -2.80944  9.40532   3.08011   1.000 52.66867 ? 10  DA  A "C3'" 1 
ATOM   192 O "O3'" . DA  A 1 10 ? -3.56238  10.33875  2.29984   1.000 53.74828 ? 10  DA  A "O3'" 1 
ATOM   193 C "C2'" . DA  A 1 10 ? -2.20051  8.29784   2.20361   1.000 50.12734 ? 10  DA  A "C2'" 1 
ATOM   194 C "C1'" . DA  A 1 10 ? -1.13026  9.12075   1.50854   1.000 49.77993 ? 10  DA  A "C1'" 1 
ATOM   195 N N9    . DA  A 1 10 ? -0.07509  8.36475   0.83802   1.000 50.10828 ? 10  DA  A N9    1 
ATOM   196 C C8    . DA  A 1 10 ? 0.47896   7.16636   1.20757   1.000 51.25165 ? 10  DA  A C8    1 
ATOM   197 N N7    . DA  A 1 10 ? 1.41907   6.74517   0.38142   1.000 49.94653 ? 10  DA  A N7    1 
ATOM   198 C C5    . DA  A 1 10 ? 1.48417   7.74262   -0.57895  1.000 46.97398 ? 10  DA  A C5    1 
ATOM   199 C C6    . DA  A 1 10 ? 2.27769   7.91025   -1.72728  1.000 46.52921 ? 10  DA  A C6    1 
ATOM   200 N N6    . DA  A 1 10 ? 3.20153   7.03540   -2.11236  1.000 49.67898 ? 10  DA  A N6    1 
ATOM   201 N N1    . DA  A 1 10 ? 2.08545   9.02286   -2.47228  1.000 47.41169 ? 10  DA  A N1    1 
ATOM   202 C C2    . DA  A 1 10 ? 1.15996   9.89902   -2.08342  1.000 51.15113 ? 10  DA  A C2    1 
ATOM   203 N N3    . DA  A 1 10 ? 0.35736   9.85359   -1.02198  1.000 54.15402 ? 10  DA  A N3    1 
ATOM   204 C C4    . DA  A 1 10 ? 0.57416   8.74156   -0.30546  1.000 50.50465 ? 10  DA  A C4    1 
ATOM   205 P P     . DA  A 1 11 ? -5.08736  10.07508  1.86178   1.000 55.57226 ? 11  DA  A P     1 
ATOM   206 O OP1   . DA  A 1 11 ? -5.84688  10.22296  3.12417   1.000 60.92068 ? 11  DA  A OP1   1 
ATOM   207 O OP2   . DA  A 1 11 ? -5.25304  8.88787   0.97339   1.000 56.47471 ? 11  DA  A OP2   1 
ATOM   208 O "O5'" . DA  A 1 11 ? -5.34427  11.28625  0.87714   1.000 54.82604 ? 11  DA  A "O5'" 1 
ATOM   209 C "C5'" . DA  A 1 11 ? -4.22852  12.05804  0.45631   1.000 56.41929 ? 11  DA  A "C5'" 1 
ATOM   210 C "C4'" . DA  A 1 11 ? -4.06119  12.00029  -1.04488  1.000 53.52607 ? 11  DA  A "C4'" 1 
ATOM   211 O "O4'" . DA  A 1 11 ? -3.00107  11.07855  -1.40215  1.000 55.12526 ? 11  DA  A "O4'" 1 
ATOM   212 C "C3'" . DA  A 1 11 ? -5.28715  11.52584  -1.81229  1.000 53.04138 ? 11  DA  A "C3'" 1 
ATOM   213 O "O3'" . DA  A 1 11 ? -5.37052  12.27740  -2.99491  1.000 52.83801 ? 11  DA  A "O3'" 1 
ATOM   214 C "C2'" . DA  A 1 11 ? -4.94224  10.06828  -2.10801  1.000 55.87282 ? 11  DA  A "C2'" 1 
ATOM   215 C "C1'" . DA  A 1 11 ? -3.47805  10.25089  -2.44870  1.000 58.73118 ? 11  DA  A "C1'" 1 
ATOM   216 N N9    . DA  A 1 11 ? -2.64752  9.02262   -2.53638  1.000 53.03073 ? 11  DA  A N9    1 
ATOM   217 C C8    . DA  A 1 11 ? -2.62332  7.95643   -1.68028  1.000 50.97900 ? 11  DA  A C8    1 
ATOM   218 N N7    . DA  A 1 11 ? -1.76572  7.02824   -2.01265  1.000 44.10983 ? 11  DA  A N7    1 
ATOM   219 C C5    . DA  A 1 11 ? -1.17414  7.52507   -3.14405  1.000 45.83348 ? 11  DA  A C5    1 
ATOM   220 C C6    . DA  A 1 11 ? -0.16813  7.01707   -3.97794  1.000 48.25259 ? 11  DA  A C6    1 
ATOM   221 N N6    . DA  A 1 11 ? 0.43534   5.84729   -3.76863  1.000 47.49400 ? 11  DA  A N6    1 
ATOM   222 N N1    . DA  A 1 11 ? 0.19339   7.75635   -5.04382  1.000 47.61854 ? 11  DA  A N1    1 
ATOM   223 C C2    . DA  A 1 11 ? -0.41580  8.92776   -5.24348  1.000 50.76474 ? 11  DA  A C2    1 
ATOM   224 N N3    . DA  A 1 11 ? -1.37370  9.50376   -4.52241  1.000 48.45013 ? 11  DA  A N3    1 
ATOM   225 C C4    . DA  A 1 11 ? -1.70419  8.74752   -3.48106  1.000 46.35216 ? 11  DA  A C4    1 
ATOM   226 P P     . DT  A 1 12 ? -6.77994  12.49109  -3.73084  1.000 60.07150 ? 12  DT  A P     1 
ATOM   227 O OP1   . DT  A 1 12 ? -7.31557  13.80447  -3.31226  1.000 60.39246 ? 12  DT  A OP1   1 
ATOM   228 O OP2   . DT  A 1 12 ? -7.56672  11.23634  -3.57983  1.000 60.15468 ? 12  DT  A OP2   1 
ATOM   229 O "O5'" . DT  A 1 12 ? -6.36822  12.61054  -5.26630  1.000 59.50144 ? 12  DT  A "O5'" 1 
ATOM   230 C "C5'" . DT  A 1 12 ? -5.06241  13.03462  -5.58775  1.000 60.21062 ? 12  DT  A "C5'" 1 
ATOM   231 C "C4'" . DT  A 1 12 ? -4.61366  12.45231  -6.91906  1.000 59.31798 ? 12  DT  A "C4'" 1 
ATOM   232 O "O4'" . DT  A 1 12 ? -3.78201  11.26613  -6.73050  1.000 56.45623 ? 12  DT  A "O4'" 1 
ATOM   233 C "C3'" . DT  A 1 12 ? -5.73048  12.02895  -7.86212  1.000 55.29513 ? 12  DT  A "C3'" 1 
ATOM   234 O "O3'" . DT  A 1 12 ? -5.28956  12.32836  -9.16747  1.000 59.84261 ? 12  DT  A "O3'" 1 
ATOM   235 C "C2'" . DT  A 1 12 ? -5.79180  10.52706  -7.62347  1.000 52.57559 ? 12  DT  A "C2'" 1 
ATOM   236 C "C1'" . DT  A 1 12 ? -4.31156  10.20997  -7.49759  1.000 52.63236 ? 12  DT  A "C1'" 1 
ATOM   237 N N1    . DT  A 1 12 ? -4.02342  8.92451   -6.79476  1.000 50.28723 ? 12  DT  A N1    1 
ATOM   238 C C2    . DT  A 1 12 ? -3.01180  8.10279   -7.25477  1.000 52.26378 ? 12  DT  A C2    1 
ATOM   239 O O2    . DT  A 1 12 ? -2.31110  8.36328   -8.21858  1.000 53.18585 ? 12  DT  A O2    1 
ATOM   240 N N3    . DT  A 1 12 ? -2.84667  6.95154   -6.54181  1.000 51.34171 ? 12  DT  A N3    1 
ATOM   241 C C4    . DT  A 1 12 ? -3.56759  6.54672   -5.43356  1.000 50.97029 ? 12  DT  A C4    1 
ATOM   242 O O4    . DT  A 1 12 ? -3.34503  5.49728   -4.83711  1.000 48.87909 ? 12  DT  A O4    1 
ATOM   243 C C5    . DT  A 1 12 ? -4.59285  7.43868   -5.01523  1.000 49.49136 ? 12  DT  A C5    1 
ATOM   244 C C7    . DT  A 1 12 ? -5.42841  7.07808   -3.83056  1.000 58.31723 ? 12  DT  A C7    1 
ATOM   245 C C6    . DT  A 1 12 ? -4.77442  8.57569   -5.70409  1.000 49.13213 ? 12  DT  A C6    1 
ATOM   246 P P     . DT  A 1 13 ? -6.26810  12.34084  -10.44093 1.000 55.80257 ? 13  DT  A P     1 
ATOM   247 O OP1   . DT  A 1 13 ? -6.09861  13.66942  -11.08073 1.000 49.99535 ? 13  DT  A OP1   1 
ATOM   248 O OP2   . DT  A 1 13 ? -7.61471  11.82961  -10.05686 1.000 64.22728 ? 13  DT  A OP2   1 
ATOM   249 O "O5'" . DT  A 1 13 ? -5.54470  11.30255  -11.38500 1.000 52.55998 ? 13  DT  A "O5'" 1 
ATOM   250 C "C5'" . DT  A 1 13 ? -4.15818  11.13499  -11.22151 1.000 57.01157 ? 13  DT  A "C5'" 1 
ATOM   251 C "C4'" . DT  A 1 13 ? -3.66250  10.09553  -12.16579 1.000 56.40759 ? 13  DT  A "C4'" 1 
ATOM   252 O "O4'" . DT  A 1 13 ? -3.32799  8.88144   -11.44041 1.000 54.66448 ? 13  DT  A "O4'" 1 
ATOM   253 C "C3'" . DT  A 1 13 ? -4.68118  9.72144   -13.21335 1.000 56.46724 ? 13  DT  A "C3'" 1 
ATOM   254 O "O3'" . DT  A 1 13 ? -4.02760  9.66590   -14.44701 1.000 59.70684 ? 13  DT  A "O3'" 1 
ATOM   255 C "C2'" . DT  A 1 13 ? -5.22287  8.36210   -12.73896 1.000 56.62488 ? 13  DT  A "C2'" 1 
ATOM   256 C "C1'" . DT  A 1 13 ? -4.06106  7.78853   -11.93666 1.000 54.09209 ? 13  DT  A "C1'" 1 
ATOM   257 N N1    . DT  A 1 13 ? -4.48902  6.98134   -10.77733 1.000 48.73196 ? 13  DT  A N1    1 
ATOM   258 C C2    . DT  A 1 13 ? -3.76475  5.86565   -10.43370 1.000 53.05384 ? 13  DT  A C2    1 
ATOM   259 O O2    . DT  A 1 13 ? -2.78157  5.49420   -11.04695 1.000 54.47550 ? 13  DT  A O2    1 
ATOM   260 N N3    . DT  A 1 13 ? -4.22987  5.19252   -9.33748  1.000 49.57989 ? 13  DT  A N3    1 
ATOM   261 C C4    . DT  A 1 13 ? -5.31978  5.51804   -8.56039  1.000 47.10967 ? 13  DT  A C4    1 
ATOM   262 O O4    . DT  A 1 13 ? -5.65852  4.84076   -7.57805  1.000 42.21907 ? 13  DT  A O4    1 
ATOM   263 C C5    . DT  A 1 13 ? -6.02980  6.71444   -8.97915  1.000 47.81483 ? 13  DT  A C5    1 
ATOM   264 C C7    . DT  A 1 13 ? -7.22535  7.18557   -8.21663  1.000 55.96426 ? 13  DT  A C7    1 
ATOM   265 C C6    . DT  A 1 13 ? -5.58250  7.37708   -10.05115 1.000 45.92026 ? 13  DT  A C6    1 
ATOM   266 P P     . DC  A 1 14 ? -4.81343  9.30207   -15.79273 1.000 66.55721 ? 14  DC  A P     1 
ATOM   267 O OP1   . DC  A 1 14 ? -4.42279  10.32579  -16.80864 1.000 60.81133 ? 14  DC  A OP1   1 
ATOM   268 O OP2   . DC  A 1 14 ? -6.24254  9.08517   -15.42465 1.000 61.06541 ? 14  DC  A OP2   1 
ATOM   269 O "O5'" . DC  A 1 14 ? -4.12704  7.91218   -16.19913 1.000 59.61337 ? 14  DC  A "O5'" 1 
ATOM   270 C "C5'" . DC  A 1 14 ? -2.88813  7.56395   -15.58696 1.000 57.05477 ? 14  DC  A "C5'" 1 
ATOM   271 C "C4'" . DC  A 1 14 ? -2.58096  6.12369   -15.83578 1.000 56.85974 ? 14  DC  A "C4'" 1 
ATOM   272 O "O4'" . DC  A 1 14 ? -2.89665  5.32392   -14.66438 1.000 56.83841 ? 14  DC  A "O4'" 1 
ATOM   273 C "C3'" . DC  A 1 14 ? -3.37587  5.52952   -16.97148 1.000 61.52672 ? 14  DC  A "C3'" 1 
ATOM   274 O "O3'" . DC  A 1 14 ? -2.52943  4.65943   -17.67216 1.000 70.62073 ? 14  DC  A "O3'" 1 
ATOM   275 C "C2'" . DC  A 1 14 ? -4.51186  4.78667   -16.25049 1.000 58.23400 ? 14  DC  A "C2'" 1 
ATOM   276 C "C1'" . DC  A 1 14 ? -3.78535  4.27606   -15.01788 1.000 57.03164 ? 14  DC  A "C1'" 1 
ATOM   277 N N1    . DC  A 1 14 ? -4.68426  3.98970   -13.82572 1.000 52.41575 ? 14  DC  A N1    1 
ATOM   278 C C2    . DC  A 1 14 ? -4.49106  2.82576   -13.03387 1.000 48.32794 ? 14  DC  A C2    1 
ATOM   279 O O2    . DC  A 1 14 ? -3.59958  2.02921   -13.32579 1.000 50.94693 ? 14  DC  A O2    1 
ATOM   280 N N3    . DC  A 1 14 ? -5.30158  2.61364   -11.96923 1.000 43.37028 ? 14  DC  A N3    1 
ATOM   281 C C4    . DC  A 1 14 ? -6.25786  3.49184   -11.67441 1.000 47.28549 ? 14  DC  A C4    1 
ATOM   282 N N4    . DC  A 1 14 ? -7.03259  3.25108   -10.60763 1.000 43.97251 ? 14  DC  A N4    1 
ATOM   283 C C5    . DC  A 1 14 ? -6.46402  4.67266   -12.45493 1.000 54.19314 ? 14  DC  A C5    1 
ATOM   284 C C6    . DC  A 1 14 ? -5.66399  4.87866   -13.50791 1.000 52.91569 ? 14  DC  A C6    1 
ATOM   285 P P     . DG  A 1 15 ? -2.77993  4.33493   -19.22165 1.000 72.45497 ? 15  DG  A P     1 
ATOM   286 O OP1   . DG  A 1 15 ? -1.62177  4.88089   -19.96899 1.000 64.11827 ? 15  DG  A OP1   1 
ATOM   287 O OP2   . DG  A 1 15 ? -4.19215  4.69454   -19.55123 1.000 64.71365 ? 15  DG  A OP2   1 
ATOM   288 O "O5'" . DG  A 1 15 ? -2.63497  2.75544   -19.24930 1.000 63.81018 ? 15  DG  A "O5'" 1 
ATOM   289 C "C5'" . DG  A 1 15 ? -2.06829  2.09504   -18.12646 1.000 63.02512 ? 15  DG  A "C5'" 1 
ATOM   290 C "C4'" . DG  A 1 15 ? -2.37524  0.63336   -18.21828 1.000 61.71681 ? 15  DG  A "C4'" 1 
ATOM   291 O "O4'" . DG  A 1 15 ? -3.18354  0.22167   -17.08817 1.000 63.08399 ? 15  DG  A "O4'" 1 
ATOM   292 C "C3'" . DG  A 1 15 ? -3.16144  0.28031   -19.46034 1.000 62.55681 ? 15  DG  A "C3'" 1 
ATOM   293 O "O3'" . DG  A 1 15 ? -2.71341  -0.94698  -19.96875 1.000 66.66694 ? 15  DG  A "O3'" 1 
ATOM   294 C "C2'" . DG  A 1 15 ? -4.61077  0.22890   -18.98337 1.000 60.04834 ? 15  DG  A "C2'" 1 
ATOM   295 C "C1'" . DG  A 1 15 ? -4.49163  -0.13735  -17.51179 1.000 59.43712 ? 15  DG  A "C1'" 1 
ATOM   296 N N9    . DG  A 1 15 ? -5.45250  0.59357   -16.69965 1.000 54.83022 ? 15  DG  A N9    1 
ATOM   297 C C8    . DG  A 1 15 ? -6.00433  1.81148   -17.00408 1.000 53.65969 ? 15  DG  A C8    1 
ATOM   298 N N7    . DG  A 1 15 ? -6.83004  2.24589   -16.09512 1.000 54.95244 ? 15  DG  A N7    1 
ATOM   299 C C5    . DG  A 1 15 ? -6.83395  1.24654   -15.12413 1.000 51.04080 ? 15  DG  A C5    1 
ATOM   300 C C6    . DG  A 1 15 ? -7.54240  1.16801   -13.90021 1.000 49.42926 ? 15  DG  A C6    1 
ATOM   301 O O6    . DG  A 1 15 ? -8.34462  1.99617   -13.41098 1.000 49.67593 ? 15  DG  A O6    1 
ATOM   302 N N1    . DG  A 1 15 ? -7.24866  -0.00799  -13.21602 1.000 45.11712 ? 15  DG  A N1    1 
ATOM   303 C C2    . DG  A 1 15 ? -6.39022  -0.97547  -13.65094 1.000 44.22232 ? 15  DG  A C2    1 
ATOM   304 N N2    . DG  A 1 15 ? -6.24016  -2.03246  -12.84776 1.000 44.21073 ? 15  DG  A N2    1 
ATOM   305 N N3    . DG  A 1 15 ? -5.72113  -0.91627  -14.79235 1.000 50.52243 ? 15  DG  A N3    1 
ATOM   306 C C4    . DG  A 1 15 ? -5.99200  0.22063   -15.47786 1.000 50.97555 ? 15  DG  A C4    1 
ATOM   307 P P     . DC  A 1 16 ? -3.49862  -1.67663  -21.16257 1.000 80.60467 ? 16  DC  A P     1 
ATOM   308 O OP1   . DC  A 1 16 ? -2.42262  -2.30137  -21.97226 1.000 80.46450 ? 16  DC  A OP1   1 
ATOM   309 O OP2   . DC  A 1 16 ? -4.51819  -0.81362  -21.82420 1.000 61.88595 ? 16  DC  A OP2   1 
ATOM   310 O "O5'" . DC  A 1 16 ? -4.27982  -2.80690  -20.37725 1.000 70.50472 ? 16  DC  A "O5'" 1 
ATOM   311 C "C5'" . DC  A 1 16 ? -3.77165  -3.27390  -19.12142 1.000 63.27738 ? 16  DC  A "C5'" 1 
ATOM   312 C "C4'" . DC  A 1 16 ? -4.70930  -4.31680  -18.60256 1.000 57.47803 ? 16  DC  A "C4'" 1 
ATOM   313 O "O4'" . DC  A 1 16 ? -5.54737  -3.75492  -17.56224 1.000 56.78808 ? 16  DC  A "O4'" 1 
ATOM   314 C "C3'" . DC  A 1 16 ? -5.65598  -4.80588  -19.68042 1.000 56.12966 ? 16  DC  A "C3'" 1 
ATOM   315 O "O3'" . DC  A 1 16 ? -5.76188  -6.18329  -19.59852 1.000 62.41877 ? 16  DC  A "O3'" 1 
ATOM   316 C "C2'" . DC  A 1 16 ? -6.97462  -4.10725  -19.35846 1.000 50.57036 ? 16  DC  A "C2'" 1 
ATOM   317 C "C1'" . DC  A 1 16 ? -6.89944  -4.01454  -17.85427 1.000 50.41563 ? 16  DC  A "C1'" 1 
ATOM   318 N N1    . DC  A 1 16 ? -7.71343  -2.91377  -17.31176 1.000 49.49698 ? 16  DC  A N1    1 
ATOM   319 C C2    . DC  A 1 16 ? -8.24949  -3.01586  -16.02854 1.000 48.72114 ? 16  DC  A C2    1 
ATOM   320 O O2    . DC  A 1 16 ? -8.02041  -4.02875  -15.35849 1.000 50.25102 ? 16  DC  A O2    1 
ATOM   321 N N3    . DC  A 1 16 ? -9.00409  -2.00206  -15.55302 1.000 47.68072 ? 16  DC  A N3    1 
ATOM   322 C C4    . DC  A 1 16 ? -9.22553  -0.92759  -16.30315 1.000 47.04795 ? 16  DC  A C4    1 
ATOM   323 N N4    . DC  A 1 16 ? -9.97940  0.04903   -15.78610 1.000 47.94354 ? 16  DC  A N4    1 
ATOM   324 C C5    . DC  A 1 16 ? -8.68642  -0.80326  -17.61402 1.000 47.86238 ? 16  DC  A C5    1 
ATOM   325 C C6    . DC  A 1 16 ? -7.94541  -1.81307  -18.07416 1.000 50.51209 ? 16  DC  A C6    1 
ATOM   326 O "O5'" . DC  B 1 1  ? 16.87190  -11.46714 12.19107  1.000 53.37992 ? 1   DC  B "O5'" 1 
ATOM   327 C "C5'" . DC  B 1 1  ? 15.56432  -11.01086 12.52470  1.000 50.45509 ? 1   DC  B "C5'" 1 
ATOM   328 C "C4'" . DC  B 1 1  ? 15.38355  -10.90426 14.03852  1.000 46.71940 ? 1   DC  B "C4'" 1 
ATOM   329 O "O4'" . DC  B 1 1  ? 16.13400  -9.77060  14.53746  1.000 44.53574 ? 1   DC  B "O4'" 1 
ATOM   330 C "C3'" . DC  B 1 1  ? 13.94253  -10.68156 14.49973  1.000 49.84319 ? 1   DC  B "C3'" 1 
ATOM   331 O "O3'" . DC  B 1 1  ? 13.34976  -11.95108 14.77180  1.000 52.51615 ? 1   DC  B "O3'" 1 
ATOM   332 C "C2'" . DC  B 1 1  ? 14.13502  -9.82747  15.74697  1.000 47.56307 ? 1   DC  B "C2'" 1 
ATOM   333 C "C1'" . DC  B 1 1  ? 15.29472  -8.94804  15.32866  1.000 44.57011 ? 1   DC  B "C1'" 1 
ATOM   334 N N1    . DC  B 1 1  ? 14.90059  -7.71657  14.52909  1.000 41.60901 ? 1   DC  B N1    1 
ATOM   335 C C2    . DC  B 1 1  ? 14.16825  -6.70220  15.14024  1.000 45.46564 ? 1   DC  B C2    1 
ATOM   336 O O2    . DC  B 1 1  ? 13.83676  -6.83631  16.32212  1.000 45.34657 ? 1   DC  B O2    1 
ATOM   337 N N3    . DC  B 1 1  ? 13.81623  -5.60441  14.40449  1.000 48.02263 ? 1   DC  B N3    1 
ATOM   338 C C4    . DC  B 1 1  ? 14.19935  -5.50111  13.12719  1.000 44.65205 ? 1   DC  B C4    1 
ATOM   339 N N4    . DC  B 1 1  ? 13.85587  -4.40120  12.44952  1.000 40.51353 ? 1   DC  B N4    1 
ATOM   340 C C5    . DC  B 1 1  ? 14.95662  -6.52175  12.49636  1.000 43.50135 ? 1   DC  B C5    1 
ATOM   341 C C6    . DC  B 1 1  ? 15.27728  -7.59932  13.22270  1.000 41.32446 ? 1   DC  B C6    1 
ATOM   342 P P     . DG  B 1 2  ? 11.90379  -12.12755 15.45578  1.000 61.23568 ? 2   DG  B P     1 
ATOM   343 O OP1   . DG  B 1 2  ? 12.22385  -13.23140 16.38848  1.000 59.80351 ? 2   DG  B OP1   1 
ATOM   344 O OP2   . DG  B 1 2  ? 10.77518  -12.22839 14.49701  1.000 62.75121 ? 2   DG  B OP2   1 
ATOM   345 O "O5'" . DG  B 1 2  ? 11.63208  -10.80473 16.30069  1.000 50.85207 ? 2   DG  B "O5'" 1 
ATOM   346 C "C5'" . DG  B 1 2  ? 11.05607  -10.92416 17.57067  1.000 55.77803 ? 2   DG  B "C5'" 1 
ATOM   347 C "C4'" . DG  B 1 2  ? 10.11420  -9.78621  17.82369  1.000 53.81086 ? 2   DG  B "C4'" 1 
ATOM   348 O "O4'" . DG  B 1 2  ? 10.77695  -8.55213  17.45450  1.000 51.24369 ? 2   DG  B "O4'" 1 
ATOM   349 C "C3'" . DG  B 1 2  ? 8.88198   -9.77836  16.95023  1.000 58.56581 ? 2   DG  B "C3'" 1 
ATOM   350 O "O3'" . DG  B 1 2  ? 7.87126   -10.72292 17.39525  1.000 62.06254 ? 2   DG  B "O3'" 1 
ATOM   351 C "C2'" . DG  B 1 2  ? 8.45716   -8.33595  17.08146  1.000 62.43351 ? 2   DG  B "C2'" 1 
ATOM   352 C "C1'" . DG  B 1 2  ? 9.78456   -7.63079  16.98923  1.000 58.19905 ? 2   DG  B "C1'" 1 
ATOM   353 N N9    . DG  B 1 2  ? 10.09142  -7.16222  15.63138  1.000 51.83869 ? 2   DG  B N9    1 
ATOM   354 C C8    . DG  B 1 2  ? 10.81690  -7.80117  14.65447  1.000 49.94339 ? 2   DG  B C8    1 
ATOM   355 N N7    . DG  B 1 2  ? 10.94191  -7.09525  13.55922  1.000 46.91477 ? 2   DG  B N7    1 
ATOM   356 C C5    . DG  B 1 2  ? 10.24670  -5.92943  13.83117  1.000 45.65059 ? 2   DG  B C5    1 
ATOM   357 C C6    . DG  B 1 2  ? 10.02810  -4.79110  13.02827  1.000 45.41862 ? 2   DG  B C6    1 
ATOM   358 O O6    . DG  B 1 2  ? 10.40738  -4.58474  11.87210  1.000 40.58130 ? 2   DG  B O6    1 
ATOM   359 N N1    . DG  B 1 2  ? 9.26719   -3.83139  13.69688  1.000 48.78983 ? 2   DG  B N1    1 
ATOM   360 C C2    . DG  B 1 2  ? 8.78276   -3.96587  14.97702  1.000 48.12170 ? 2   DG  B C2    1 
ATOM   361 N N2    . DG  B 1 2  ? 8.06154   -2.94480  15.45481  1.000 47.15236 ? 2   DG  B N2    1 
ATOM   362 N N3    . DG  B 1 2  ? 8.98372   -5.02566  15.73169  1.000 48.09510 ? 2   DG  B N3    1 
ATOM   363 C C4    . DG  B 1 2  ? 9.71300   -5.96331  15.09689  1.000 47.91277 ? 2   DG  B C4    1 
ATOM   364 P P     . DC  B 1 3  ? 6.75397   -10.41156 18.52590  1.000 65.25307 ? 3   DC  B P     1 
ATOM   365 O OP1   . DC  B 1 3  ? 7.40443   -10.20754 19.83491  1.000 61.21656 ? 3   DC  B OP1   1 
ATOM   366 O OP2   . DC  B 1 3  ? 5.76848   -11.47994 18.28363  1.000 67.90454 ? 3   DC  B OP2   1 
ATOM   367 O "O5'" . DC  B 1 3  ? 5.99093   -9.06321  18.14200  1.000 54.81994 ? 3   DC  B "O5'" 1 
ATOM   368 C "C5'" . DC  B 1 3  ? 5.87663   -8.03826  19.11305  1.000 53.76760 ? 3   DC  B "C5'" 1 
ATOM   369 C "C4'" . DC  B 1 3  ? 5.10043   -6.88404  18.54686  1.000 58.73321 ? 3   DC  B "C4'" 1 
ATOM   370 O "O4'" . DC  B 1 3  ? 5.81888   -6.31707  17.41681  1.000 60.62264 ? 3   DC  B "O4'" 1 
ATOM   371 C "C3'" . DC  B 1 3  ? 3.72816   -7.27659  18.00561  1.000 66.15355 ? 3   DC  B "C3'" 1 
ATOM   372 O "O3'" . DC  B 1 3  ? 2.78338   -6.28402  18.32472  1.000 72.04633 ? 3   DC  B "O3'" 1 
ATOM   373 C "C2'" . DC  B 1 3  ? 3.95728   -7.34075  16.50513  1.000 59.44394 ? 3   DC  B "C2'" 1 
ATOM   374 C "C1'" . DC  B 1 3  ? 4.91789   -6.18781  16.32788  1.000 59.00530 ? 3   DC  B "C1'" 1 
ATOM   375 N N1    . DC  B 1 3  ? 5.67185   -6.24683  15.03116  1.000 56.29109 ? 3   DC  B N1    1 
ATOM   376 C C2    . DC  B 1 3  ? 5.53340   -5.22220  14.08647  1.000 50.35041 ? 3   DC  B C2    1 
ATOM   377 O O2    . DC  B 1 3  ? 4.79996   -4.26824  14.33648  1.000 51.66046 ? 3   DC  B O2    1 
ATOM   378 N N3    . DC  B 1 3  ? 6.22584   -5.31274  12.92039  1.000 48.05602 ? 3   DC  B N3    1 
ATOM   379 C C4    . DC  B 1 3  ? 7.00651   -6.37443  12.68805  1.000 50.46646 ? 3   DC  B C4    1 
ATOM   380 N N4    . DC  B 1 3  ? 7.66280   -6.44165  11.52433  1.000 54.09129 ? 3   DC  B N4    1 
ATOM   381 C C5    . DC  B 1 3  ? 7.15253   -7.42191  13.63680  1.000 53.82032 ? 3   DC  B C5    1 
ATOM   382 C C6    . DC  B 1 3  ? 6.46468   -7.32180  14.77241  1.000 57.13094 ? 3   DC  B C6    1 
ATOM   383 P P     . DT  B 1 4  ? 1.22646   -6.66291  18.38511  1.000 74.47789 ? 4   DT  B P     1 
ATOM   384 O OP1   . DT  B 1 4  ? 0.84792   -6.43768  19.80474  1.000 76.29140 ? 4   DT  B OP1   1 
ATOM   385 O OP2   . DT  B 1 4  ? 0.98097   -7.95953  17.68481  1.000 60.08470 ? 4   DT  B OP2   1 
ATOM   386 O "O5'" . DT  B 1 4  ? 0.54047   -5.54900  17.49461  1.000 59.81129 ? 4   DT  B "O5'" 1 
ATOM   387 C "C5'" . DT  B 1 4  ? 1.05291   -4.24450  17.48715  1.000 59.53229 ? 4   DT  B "C5'" 1 
ATOM   388 C "C4'" . DT  B 1 4  ? 0.55278   -3.53232  16.25999  1.000 63.73716 ? 4   DT  B "C4'" 1 
ATOM   389 O "O4'" . DT  B 1 4  ? 1.49950   -3.74074  15.17751  1.000 63.20069 ? 4   DT  B "O4'" 1 
ATOM   390 C "C3'" . DT  B 1 4  ? -0.77956  -4.08094  15.73551  1.000 68.64106 ? 4   DT  B "C3'" 1 
ATOM   391 O "O3'" . DT  B 1 4  ? -1.57287  -3.05227  15.16740  1.000 70.26878 ? 4   DT  B "O3'" 1 
ATOM   392 C "C2'" . DT  B 1 4  ? -0.32643  -5.04182  14.66103  1.000 65.94049 ? 4   DT  B "C2'" 1 
ATOM   393 C "C1'" . DT  B 1 4  ? 0.78719   -4.22489  14.06709  1.000 60.25681 ? 4   DT  B "C1'" 1 
ATOM   394 N N1    . DT  B 1 4  ? 1.67122   -4.99713  13.20673  1.000 55.68856 ? 4   DT  B N1    1 
ATOM   395 C C2    . DT  B 1 4  ? 2.01013   -4.46916  12.00897  1.000 54.32332 ? 4   DT  B C2    1 
ATOM   396 O O2    . DT  B 1 4  ? 1.62419   -3.37246  11.64057  1.000 56.95586 ? 4   DT  B O2    1 
ATOM   397 N N3    . DT  B 1 4  ? 2.82272   -5.25666  11.25095  1.000 52.17164 ? 4   DT  B N3    1 
ATOM   398 C C4    . DT  B 1 4  ? 3.29577   -6.50851  11.56785  1.000 53.20671 ? 4   DT  B C4    1 
ATOM   399 O O4    . DT  B 1 4  ? 4.02097   -7.14785  10.81188  1.000 56.27375 ? 4   DT  B O4    1 
ATOM   400 C C5    . DT  B 1 4  ? 2.89016   -7.00976  12.84831  1.000 51.27057 ? 4   DT  B C5    1 
ATOM   401 C C7    . DT  B 1 4  ? 3.35040   -8.35599  13.29992  1.000 54.22693 ? 4   DT  B C7    1 
ATOM   402 C C6    . DT  B 1 4  ? 2.09831   -6.24284  13.59726  1.000 55.85192 ? 4   DT  B C6    1 
ATOM   403 P P     . DT  B 1 5  ? -3.16335  -3.16395  15.29413  1.000 73.70957 ? 5   DT  B P     1 
ATOM   404 O OP1   . DT  B 1 5  ? -3.45775  -2.29781  16.46862  1.000 68.58760 ? 5   DT  B OP1   1 
ATOM   405 O OP2   . DT  B 1 5  ? -3.50686  -4.61549  15.18209  1.000 60.10848 ? 5   DT  B OP2   1 
ATOM   406 O "O5'" . DT  B 1 5  ? -3.76401  -2.47733  13.98452  1.000 62.09286 ? 5   DT  B "O5'" 1 
ATOM   407 C "C5'" . DT  B 1 5  ? -3.09940  -1.40526  13.39308  1.000 61.09303 ? 5   DT  B "C5'" 1 
ATOM   408 C "C4'" . DT  B 1 5  ? -2.88564  -1.68599  11.92142  1.000 61.95881 ? 5   DT  B "C4'" 1 
ATOM   409 O "O4'" . DT  B 1 5  ? -1.88381  -2.72560  11.73265  1.000 65.85736 ? 5   DT  B "O4'" 1 
ATOM   410 C "C3'" . DT  B 1 5  ? -4.13045  -2.18310  11.18702  1.000 58.73093 ? 5   DT  B "C3'" 1 
ATOM   411 O "O3'" . DT  B 1 5  ? -4.51361  -1.24007  10.26488  1.000 50.50205 ? 5   DT  B "O3'" 1 
ATOM   412 C "C2'" . DT  B 1 5  ? -3.68944  -3.48942  10.49922  1.000 58.90244 ? 5   DT  B "C2'" 1 
ATOM   413 C "C1'" . DT  B 1 5  ? -2.17790  -3.35995  10.50783  1.000 63.29412 ? 5   DT  B "C1'" 1 
ATOM   414 N N1    . DT  B 1 5  ? -1.42202  -4.66871  10.40797  1.000 54.49643 ? 5   DT  B N1    1 
ATOM   415 C C2    . DT  B 1 5  ? -0.66610  -4.89512  9.29989   1.000 51.76992 ? 5   DT  B C2    1 
ATOM   416 O O2    . DT  B 1 5  ? -0.57928  -4.09724  8.38283   1.000 51.77250 ? 5   DT  B O2    1 
ATOM   417 N N3    . DT  B 1 5  ? -0.00312  -6.09044  9.29330   1.000 54.23105 ? 5   DT  B N3    1 
ATOM   418 C C4    . DT  B 1 5  ? -0.02414  -7.07285  10.27101  1.000 56.76081 ? 5   DT  B C4    1 
ATOM   419 O O4    . DT  B 1 5  ? 0.61442   -8.13242  10.16985  1.000 58.81180 ? 5   DT  B O4    1 
ATOM   420 C C5    . DT  B 1 5  ? -0.83756  -6.77199  11.41460  1.000 52.08692 ? 5   DT  B C5    1 
ATOM   421 C C7    . DT  B 1 5  ? -0.92998  -7.75760  12.54505  1.000 47.55708 ? 5   DT  B C7    1 
ATOM   422 C C6    . DT  B 1 5  ? -1.49105  -5.59584  11.42972  1.000 55.25655 ? 5   DT  B C6    1 
ATOM   423 P P     . DA  B 1 6  ? -5.95623  -1.35398  9.60399   1.000 63.31582 ? 6   DA  B P     1 
ATOM   424 O OP1   . DA  B 1 6  ? -6.65657  -0.07524  9.86099   1.000 60.78523 ? 6   DA  B OP1   1 
ATOM   425 O OP2   . DA  B 1 6  ? -6.51966  -2.68368  9.93180   1.000 62.63583 ? 6   DA  B OP2   1 
ATOM   426 O "O5'" . DA  B 1 6  ? -5.65771  -1.40765  8.05594   1.000 62.07106 ? 6   DA  B "O5'" 1 
ATOM   427 C "C5'" . DA  B 1 6  ? -5.12461  -0.28606  7.43156   1.000 57.99656 ? 6   DA  B "C5'" 1 
ATOM   428 C "C4'" . DA  B 1 6  ? -4.76336  -0.61720  6.01503   1.000 48.18485 ? 6   DA  B "C4'" 1 
ATOM   429 O "O4'" . DA  B 1 6  ? -3.82106  -1.70905  5.99925   1.000 55.04289 ? 6   DA  B "O4'" 1 
ATOM   430 C "C3'" . DA  B 1 6  ? -5.92104  -1.06517  5.16986   1.000 44.69980 ? 6   DA  B "C3'" 1 
ATOM   431 O "O3'" . DA  B 1 6  ? -5.67117  -0.67406  3.87051   1.000 45.35010 ? 6   DA  B "O3'" 1 
ATOM   432 C "C2'" . DA  B 1 6  ? -5.90226  -2.58703  5.32391   1.000 47.23210 ? 6   DA  B "C2'" 1 
ATOM   433 C "C1'" . DA  B 1 6  ? -4.41416  -2.87837  5.44665   1.000 48.90287 ? 6   DA  B "C1'" 1 
ATOM   434 N N9    . DA  B 1 6  ? -4.08070  -4.02923  6.31674   1.000 53.93406 ? 6   DA  B N9    1 
ATOM   435 C C8    . DA  B 1 6  ? -4.60896  -4.31885  7.54962   1.000 55.53866 ? 6   DA  B C8    1 
ATOM   436 N N7    . DA  B 1 6  ? -4.10152  -5.39539  8.11504   1.000 51.07447 ? 6   DA  B N7    1 
ATOM   437 C C5    . DA  B 1 6  ? -3.16514  -5.83979  7.20500   1.000 51.99493 ? 6   DA  B C5    1 
ATOM   438 C C6    . DA  B 1 6  ? -2.27556  -6.94090  7.21726   1.000 51.51276 ? 6   DA  B C6    1 
ATOM   439 N N6    . DA  B 1 6  ? -2.20722  -7.82271  8.22077   1.000 50.98464 ? 6   DA  B N6    1 
ATOM   440 N N1    . DA  B 1 6  ? -1.45744  -7.10106  6.14403   1.000 49.54571 ? 6   DA  B N1    1 
ATOM   441 C C2    . DA  B 1 6  ? -1.53276  -6.20406  5.13590   1.000 50.95122 ? 6   DA  B C2    1 
ATOM   442 N N3    . DA  B 1 6  ? -2.32892  -5.13282  5.01077   1.000 51.17532 ? 6   DA  B N3    1 
ATOM   443 C C4    . DA  B 1 6  ? -3.12932  -5.00684  6.08772   1.000 53.11097 ? 6   DA  B C4    1 
ATOM   444 P P     . DA  B 1 7  ? -6.69206  -1.07164  2.70598   1.000 56.98888 ? 7   DA  B P     1 
ATOM   445 O OP1   . DA  B 1 7  ? -6.63177  0.01611   1.69428   1.000 58.93234 ? 7   DA  B OP1   1 
ATOM   446 O OP2   . DA  B 1 7  ? -7.99273  -1.39832  3.35511   1.000 49.54539 ? 7   DA  B OP2   1 
ATOM   447 O "O5'" . DA  B 1 7  ? -6.00401  -2.38287  2.04960   1.000 55.68904 ? 7   DA  B "O5'" 1 
ATOM   448 C "C5'" . DA  B 1 7  ? -4.56743  -2.46933  2.01710   1.000 51.95977 ? 7   DA  B "C5'" 1 
ATOM   449 C "C4'" . DA  B 1 7  ? -4.02920  -3.11438  0.74542   1.000 46.22103 ? 7   DA  B "C4'" 1 
ATOM   450 O "O4'" . DA  B 1 7  ? -3.35700  -4.32862  1.10042   1.000 46.58924 ? 7   DA  B "O4'" 1 
ATOM   451 C "C3'" . DA  B 1 7  ? -5.05281  -3.56453  -0.27833  1.000 44.81299 ? 7   DA  B "C3'" 1 
ATOM   452 O "O3'" . DA  B 1 7  ? -4.37936  -3.83854  -1.49449  1.000 45.08886 ? 7   DA  B "O3'" 1 
ATOM   453 C "C2'" . DA  B 1 7  ? -5.55376  -4.85185  0.34749   1.000 43.38324 ? 7   DA  B "C2'" 1 
ATOM   454 C "C1'" . DA  B 1 7  ? -4.27530  -5.40760  0.98502   1.000 45.16064 ? 7   DA  B "C1'" 1 
ATOM   455 N N9    . DA  B 1 7  ? -4.49864  -5.99205  2.30963   1.000 47.19686 ? 7   DA  B N9    1 
ATOM   456 C C8    . DA  B 1 7  ? -5.31814  -5.52431  3.30046   1.000 48.78254 ? 7   DA  B C8    1 
ATOM   457 N N7    . DA  B 1 7  ? -5.32369  -6.27078  4.38223   1.000 46.36641 ? 7   DA  B N7    1 
ATOM   458 C C5    . DA  B 1 7  ? -4.45061  -7.29406  4.07311   1.000 47.13673 ? 7   DA  B C5    1 
ATOM   459 C C6    . DA  B 1 7  ? -4.00984  -8.41857  4.79773   1.000 51.06790 ? 7   DA  B C6    1 
ATOM   460 N N6    . DA  B 1 7  ? -4.42117  -8.70309  6.03935   1.000 54.82188 ? 7   DA  B N6    1 
ATOM   461 N N1    . DA  B 1 7  ? -3.12449  -9.24375  4.19481   1.000 49.78567 ? 7   DA  B N1    1 
ATOM   462 C C2    . DA  B 1 7  ? -2.71694  -8.94446  2.95939   1.000 48.82127 ? 7   DA  B C2    1 
ATOM   463 N N3    . DA  B 1 7  ? -3.05812  -7.91940  2.18836   1.000 45.16010 ? 7   DA  B N3    1 
ATOM   464 C C4    . DA  B 1 7  ? -3.93616  -7.13294  2.80328   1.000 45.32954 ? 7   DA  B C4    1 
ATOM   465 P P     . DG  B 1 8  ? -5.17986  -3.96709  -2.88430  1.000 43.13608 ? 8   DG  B P     1 
ATOM   466 O OP1   . DG  B 1 8  ? -4.40436  -3.21021  -3.90633  1.000 47.26229 ? 8   DG  B OP1   1 
ATOM   467 O OP2   . DG  B 1 8  ? -6.62478  -3.70913  -2.67219  1.000 44.03098 ? 8   DG  B OP2   1 
ATOM   468 O "O5'" . DG  B 1 8  ? -5.06260  -5.52424  -3.22896  1.000 53.18814 ? 8   DG  B "O5'" 1 
ATOM   469 C "C5'" . DG  B 1 8  ? -3.87870  -6.23983  -2.91219  1.000 50.02513 ? 8   DG  B "C5'" 1 
ATOM   470 C "C4'" . DG  B 1 8  ? -4.20623  -7.70840  -2.73427  1.000 45.70514 ? 8   DG  B "C4'" 1 
ATOM   471 O "O4'" . DG  B 1 8  ? -4.42859  -7.96613  -1.33877  1.000 44.79226 ? 8   DG  B "O4'" 1 
ATOM   472 C "C3'" . DG  B 1 8  ? -5.47697  -8.17827  -3.44474  1.000 37.43905 ? 8   DG  B "C3'" 1 
ATOM   473 O "O3'" . DG  B 1 8  ? -5.15952  -9.09720  -4.44715  1.000 45.05959 ? 8   DG  B "O3'" 1 
ATOM   474 C "C2'" . DG  B 1 8  ? -6.27288  -8.87673  -2.33763  1.000 41.57408 ? 8   DG  B "C2'" 1 
ATOM   475 C "C1'" . DG  B 1 8  ? -5.23655  -9.07447  -1.23876  1.000 40.08998 ? 8   DG  B "C1'" 1 
ATOM   476 N N9    . DG  B 1 8  ? -5.79957  -9.10218  0.10891   1.000 39.55793 ? 8   DG  B N9    1 
ATOM   477 C C8    . DG  B 1 8  ? -6.71177  -8.23488  0.62533   1.000 44.54832 ? 8   DG  B C8    1 
ATOM   478 N N7    . DG  B 1 8  ? -7.06141  -8.50696  1.85056   1.000 48.63080 ? 8   DG  B N7    1 
ATOM   479 C C5    . DG  B 1 8  ? -6.32024  -9.62088  2.17559   1.000 47.17839 ? 8   DG  B C5    1 
ATOM   480 C C6    . DG  B 1 8  ? -6.27661  -10.35082 3.37926   1.000 47.95488 ? 8   DG  B C6    1 
ATOM   481 O O6    . DG  B 1 8  ? -6.91793  -10.13648 4.42075   1.000 49.54732 ? 8   DG  B O6    1 
ATOM   482 N N1    . DG  B 1 8  ? -5.38686  -11.43134 3.29954   1.000 45.86896 ? 8   DG  B N1    1 
ATOM   483 C C2    . DG  B 1 8  ? -4.65515  -11.74903 2.17987   1.000 46.92530 ? 8   DG  B C2    1 
ATOM   484 N N2    . DG  B 1 8  ? -3.84952  -12.81141 2.26642   1.000 50.47278 ? 8   DG  B N2    1 
ATOM   485 N N3    . DG  B 1 8  ? -4.69121  -11.06062 1.04792   1.000 48.81375 ? 8   DG  B N3    1 
ATOM   486 C C4    . DG  B 1 8  ? -5.53682  -10.01000 1.11778   1.000 45.70691 ? 8   DG  B C4    1 
ATOM   487 P P     . DG  B 1 9  ? -4.70270  -8.63301  -5.92546  1.000 57.12722 ? 9   DG  B P     1 
ATOM   488 O OP1   . DG  B 1 9  ? -5.84453  -8.20739  -6.79230  1.000 48.27137 ? 9   DG  B OP1   1 
ATOM   489 O OP2   . DG  B 1 9  ? -3.78252  -9.68612  -6.42244  1.000 58.16680 ? 9   DG  B OP2   1 
ATOM   490 O "O5'" . DG  B 1 9  ? -3.85597  -7.33891  -5.66911  1.000 43.55802 ? 9   DG  B "O5'" 1 
ATOM   491 C "C5'" . DG  B 1 9  ? -4.19297  -6.20329  -6.36196  1.000 49.61682 ? 9   DG  B "C5'" 1 
ATOM   492 C "C4'" . DG  B 1 9  ? -3.24636  -5.98232  -7.48874  1.000 46.16936 ? 9   DG  B "C4'" 1 
ATOM   493 O "O4'" . DG  B 1 9  ? -3.74493  -4.90515  -8.31252  1.000 41.31408 ? 9   DG  B "O4'" 1 
ATOM   494 C "C3'" . DG  B 1 9  ? -1.88919  -5.52265  -7.02103  1.000 50.04549 ? 9   DG  B "C3'" 1 
ATOM   495 O "O3'" . DG  B 1 9  ? -0.94717  -5.79480  -8.01465  1.000 44.57236 ? 9   DG  B "O3'" 1 
ATOM   496 C "C2'" . DG  B 1 9  ? -2.12718  -4.02449  -6.84944  1.000 51.99268 ? 9   DG  B "C2'" 1 
ATOM   497 C "C1'" . DG  B 1 9  ? -2.96745  -3.74949  -8.08833  1.000 46.17173 ? 9   DG  B "C1'" 1 
ATOM   498 N N9    . DG  B 1 9  ? -3.86861  -2.64191  -7.95313  1.000 48.26747 ? 9   DG  B N9    1 
ATOM   499 C C8    . DG  B 1 9  ? -4.68357  -2.35243  -6.88822  1.000 50.31668 ? 9   DG  B C8    1 
ATOM   500 N N7    . DG  B 1 9  ? -5.40631  -1.28316  -7.07428  1.000 49.93263 ? 9   DG  B N7    1 
ATOM   501 C C5    . DG  B 1 9  ? -5.04371  -0.85533  -8.34617  1.000 49.64668 ? 9   DG  B C5    1 
ATOM   502 C C6    . DG  B 1 9  ? -5.48823  0.24890   -9.09714  1.000 48.05160 ? 9   DG  B C6    1 
ATOM   503 O O6    . DG  B 1 9  ? -6.31846  1.10086   -8.78253  1.000 45.52332 ? 9   DG  B O6    1 
ATOM   504 N N1    . DG  B 1 9  ? -4.85773  0.31607   -10.33805 1.000 48.84709 ? 9   DG  B N1    1 
ATOM   505 C C2    . DG  B 1 9  ? -3.92871  -0.58213  -10.78815 1.000 49.95206 ? 9   DG  B C2    1 
ATOM   506 N N2    . DG  B 1 9  ? -3.43480  -0.36668  -12.01322 1.000 56.24350 ? 9   DG  B N2    1 
ATOM   507 N N3    . DG  B 1 9  ? -3.50837  -1.62166  -10.09283 1.000 47.74313 ? 9   DG  B N3    1 
ATOM   508 C C4    . DG  B 1 9  ? -4.10345  -1.69016  -8.89087  1.000 48.93403 ? 9   DG  B C4    1 
ATOM   509 P P     . DA  B 1 10 ? 0.60104   -5.89293  -7.63571  1.000 44.60583 ? 10  DA  B P     1 
ATOM   510 O OP1   . DA  B 1 10 ? 0.94552   -7.18534  -8.26903  1.000 56.24108 ? 10  DA  B OP1   1 
ATOM   511 O OP2   . DA  B 1 10 ? 0.88636   -5.62392  -6.19793  1.000 39.39111 ? 10  DA  B OP2   1 
ATOM   512 O "O5'" . DA  B 1 10 ? 1.23303   -4.68122  -8.43577  1.000 38.55006 ? 10  DA  B "O5'" 1 
ATOM   513 C "C5'" . DA  B 1 10 ? 0.51077   -4.11994  -9.50666  1.000 43.30293 ? 10  DA  B "C5'" 1 
ATOM   514 C "C4'" . DA  B 1 10 ? 1.07980   -2.76732  -9.82292  1.000 50.05338 ? 10  DA  B "C4'" 1 
ATOM   515 O "O4'" . DA  B 1 10 ? 0.06018   -1.73587  -9.61554  1.000 52.12303 ? 10  DA  B "O4'" 1 
ATOM   516 C "C3'" . DA  B 1 10 ? 2.22382   -2.36897  -8.90042  1.000 49.67156 ? 10  DA  B "C3'" 1 
ATOM   517 O "O3'" . DA  B 1 10 ? 2.95870   -1.33248  -9.53150  1.000 59.41556 ? 10  DA  B "O3'" 1 
ATOM   518 C "C2'" . DA  B 1 10 ? 1.43261   -1.78348  -7.73983  1.000 48.96088 ? 10  DA  B "C2'" 1 
ATOM   519 C "C1'" . DA  B 1 10 ? 0.52509   -0.89604  -8.58144  1.000 53.67803 ? 10  DA  B "C1'" 1 
ATOM   520 N N9    . DA  B 1 10 ? -0.58295  -0.25180  -7.87949  1.000 52.56255 ? 10  DA  B N9    1 
ATOM   521 C C8    . DA  B 1 10 ? -1.04938  -0.51588  -6.62191  1.000 53.14110 ? 10  DA  B C8    1 
ATOM   522 N N7    . DA  B 1 10 ? -2.03190  0.27332   -6.25461  1.000 52.34698 ? 10  DA  B N7    1 
ATOM   523 C C5    . DA  B 1 10 ? -2.20004  1.11115   -7.34292  1.000 48.64373 ? 10  DA  B C5    1 
ATOM   524 C C6    . DA  B 1 10 ? -3.08497  2.17407   -7.59441  1.000 51.97809 ? 10  DA  B C6    1 
ATOM   525 N N6    . DA  B 1 10 ? -4.01705  2.58558   -6.71579  1.000 54.53485 ? 10  DA  B N6    1 
ATOM   526 N N1    . DA  B 1 10 ? -2.98354  2.80342   -8.78456  1.000 48.51434 ? 10  DA  B N1    1 
ATOM   527 C C2    . DA  B 1 10 ? -2.06518  2.39067   -9.64633  1.000 50.74127 ? 10  DA  B C2    1 
ATOM   528 N N3    . DA  B 1 10 ? -1.18584  1.40318   -9.51656  1.000 53.27233 ? 10  DA  B N3    1 
ATOM   529 C C4    . DA  B 1 10 ? -1.31057  0.80326   -8.33714  1.000 48.38108 ? 10  DA  B C4    1 
ATOM   530 P P     . DA  B 1 11 ? 4.37520   -1.56923  -10.25385 1.000 55.53983 ? 11  DA  B P     1 
ATOM   531 O OP1   . DA  B 1 11 ? 4.18131   -2.72016  -11.19375 1.000 45.17973 ? 11  DA  B OP1   1 
ATOM   532 O OP2   . DA  B 1 11 ? 5.45773   -1.56842  -9.23378  1.000 55.23503 ? 11  DA  B OP2   1 
ATOM   533 O "O5'" . DA  B 1 11 ? 4.53698   -0.19036  -11.03751 1.000 45.11495 ? 11  DA  B "O5'" 1 
ATOM   534 C "C5'" . DA  B 1 11 ? 3.53823   0.15631   -11.95602 1.000 51.52509 ? 11  DA  B "C5'" 1 
ATOM   535 C "C4'" . DA  B 1 11 ? 3.37591   1.64438   -12.05124 1.000 51.37405 ? 11  DA  B "C4'" 1 
ATOM   536 O "O4'" . DA  B 1 11 ? 2.29447   2.07695   -11.18907 1.000 55.36572 ? 11  DA  B "O4'" 1 
ATOM   537 C "C3'" . DA  B 1 11 ? 4.58615   2.45448   -11.62792 1.000 51.61409 ? 11  DA  B "C3'" 1 
ATOM   538 O "O3'" . DA  B 1 11 ? 4.55760   3.66147   -12.35957 1.000 55.16308 ? 11  DA  B "O3'" 1 
ATOM   539 C "C2'" . DA  B 1 11 ? 4.27552   2.70485   -10.15921 1.000 56.61903 ? 11  DA  B "C2'" 1 
ATOM   540 C "C1'" . DA  B 1 11 ? 2.79531   3.05333   -10.29012 1.000 60.41662 ? 11  DA  B "C1'" 1 
ATOM   541 N N9    . DA  B 1 11 ? 1.99980   3.04377   -9.02641  1.000 54.73994 ? 11  DA  B N9    1 
ATOM   542 C C8    . DA  B 1 11 ? 2.10992   2.17740   -7.97349  1.000 51.35650 ? 11  DA  B C8    1 
ATOM   543 N N7    . DA  B 1 11 ? 1.26904   2.40448   -7.00376  1.000 44.38596 ? 11  DA  B N7    1 
ATOM   544 C C5    . DA  B 1 11 ? 0.55832   3.48999   -7.43873  1.000 47.52270 ? 11  DA  B C5    1 
ATOM   545 C C6    . DA  B 1 11 ? -0.48981  4.21932   -6.85356  1.000 50.95427 ? 11  DA  B C6    1 
ATOM   546 N N6    . DA  B 1 11 ? -1.00745  3.92698   -5.65238  1.000 45.92678 ? 11  DA  B N6    1 
ATOM   547 N N1    . DA  B 1 11 ? -0.99083  5.26479   -7.55131  1.000 49.97415 ? 11  DA  B N1    1 
ATOM   548 C C2    . DA  B 1 11 ? -0.47077  5.54313   -8.75243  1.000 52.87917 ? 11  DA  B C2    1 
ATOM   549 N N3    . DA  B 1 11 ? 0.52147   4.92358   -9.39853  1.000 50.80434 ? 11  DA  B N3    1 
ATOM   550 C C4    . DA  B 1 11 ? 0.99359   3.90146   -8.67989  1.000 47.69765 ? 11  DA  B C4    1 
ATOM   551 P P     . DT  B 1 12 ? 5.89210   4.50152   -12.68665 1.000 61.13897 ? 12  DT  B P     1 
ATOM   552 O OP1   . DT  B 1 12 ? 6.60924   3.70505   -13.71498 1.000 51.20679 ? 12  DT  B OP1   1 
ATOM   553 O OP2   . DT  B 1 12 ? 6.55379   4.88571   -11.40424 1.000 57.29959 ? 12  DT  B OP2   1 
ATOM   554 O "O5'" . DT  B 1 12 ? 5.30023   5.87115   -13.31337 1.000 54.47785 ? 12  DT  B "O5'" 1 
ATOM   555 C "C5'" . DT  B 1 12 ? 3.86226   6.09623   -13.29389 1.000 60.84790 ? 12  DT  B "C5'" 1 
ATOM   556 C "C4'" . DT  B 1 12 ? 3.45545   7.39412   -12.55568 1.000 60.58507 ? 12  DT  B "C4'" 1 
ATOM   557 O "O4'" . DT  B 1 12 ? 2.72985   7.12007   -11.31045 1.000 57.36064 ? 12  DT  B "O4'" 1 
ATOM   558 C "C3'" . DT  B 1 12 ? 4.57084   8.36640   -12.18304 1.000 59.17452 ? 12  DT  B "C3'" 1 
ATOM   559 O "O3'" . DT  B 1 12 ? 4.11414   9.67845   -12.49205 1.000 63.65298 ? 12  DT  B "O3'" 1 
ATOM   560 C "C2'" . DT  B 1 12 ? 4.70074   8.16527   -10.67742 1.000 54.22890 ? 12  DT  B "C2'" 1 
ATOM   561 C "C1'" . DT  B 1 12 ? 3.25119   7.93519   -10.28701 1.000 53.29559 ? 12  DT  B "C1'" 1 
ATOM   562 N N1    . DT  B 1 12 ? 3.10538   7.23000   -8.96809  1.000 51.89158 ? 12  DT  B N1    1 
ATOM   563 C C2    . DT  B 1 12 ? 2.10487   7.59479   -8.09790  1.000 52.23796 ? 12  DT  B C2    1 
ATOM   564 O O2    . DT  B 1 12 ? 1.28768   8.45306   -8.34395  1.000 54.28081 ? 12  DT  B O2    1 
ATOM   565 N N3    . DT  B 1 12 ? 2.08612   6.90088   -6.91980  1.000 50.32839 ? 12  DT  B N3    1 
ATOM   566 C C4    . DT  B 1 12 ? 2.95217   5.89972   -6.52957  1.000 48.85972 ? 12  DT  B C4    1 
ATOM   567 O O4    . DT  B 1 12 ? 2.85857   5.32726   -5.45425  1.000 45.16835 ? 12  DT  B O4    1 
ATOM   568 C C5    . DT  B 1 12 ? 3.97298   5.57354   -7.47469  1.000 52.78393 ? 12  DT  B C5    1 
ATOM   569 C C7    . DT  B 1 12 ? 4.97280   4.50673   -7.14998  1.000 58.67501 ? 12  DT  B C7    1 
ATOM   570 C C6    . DT  B 1 12 ? 4.00836   6.25052   -8.63254  1.000 53.54837 ? 12  DT  B C6    1 
ATOM   571 P P     . DT  B 1 13 ? 5.02626   10.97994  -12.25832 1.000 63.07494 ? 13  DT  B P     1 
ATOM   572 O OP1   . DT  B 1 13 ? 4.82339   11.87074  -13.42993 1.000 59.65236 ? 13  DT  B OP1   1 
ATOM   573 O OP2   . DT  B 1 13 ? 6.39076   10.55671  -11.82818 1.000 65.28483 ? 13  DT  B OP2   1 
ATOM   574 O "O5'" . DT  B 1 13 ? 4.28261   11.69933  -11.07348 1.000 50.33437 ? 13  DT  B "O5'" 1 
ATOM   575 C "C5'" . DT  B 1 13 ? 2.90945   11.79762  -11.12294 1.000 54.29540 ? 13  DT  B "C5'" 1 
ATOM   576 C "C4'" . DT  B 1 13 ? 2.45693   12.53747  -9.91979  1.000 57.86970 ? 13  DT  B "C4'" 1 
ATOM   577 O "O4'" . DT  B 1 13 ? 2.33272   11.62341  -8.79882  1.000 57.76547 ? 13  DT  B "O4'" 1 
ATOM   578 C "C3'" . DT  B 1 13 ? 3.43916   13.61268  -9.50468  1.000 61.39940 ? 13  DT  B "C3'" 1 
ATOM   579 O "O3'" . DT  B 1 13 ? 2.75387   14.84312  -9.46864  1.000 67.55231 ? 13  DT  B "O3'" 1 
ATOM   580 C "C2'" . DT  B 1 13 ? 3.96697   13.15857  -8.12639  1.000 59.30694 ? 13  DT  B "C2'" 1 
ATOM   581 C "C1'" . DT  B 1 13 ? 2.89440   12.19099  -7.64410  1.000 55.89382 ? 13  DT  B "C1'" 1 
ATOM   582 N N1    . DT  B 1 13 ? 3.42223   11.08213  -6.79936  1.000 49.16873 ? 13  DT  B N1    1 
ATOM   583 C C2    . DT  B 1 13 ? 2.73683   10.71855  -5.67247  1.000 49.86043 ? 13  DT  B C2    1 
ATOM   584 O O2    . DT  B 1 13 ? 1.71216   11.26231  -5.32197  1.000 52.53094 ? 13  DT  B O2    1 
ATOM   585 N N3    . DT  B 1 13 ? 3.29318   9.68500   -4.96632  1.000 46.76194 ? 13  DT  B N3    1 
ATOM   586 C C4    . DT  B 1 13 ? 4.43613   8.98651   -5.27945  1.000 45.61703 ? 13  DT  B C4    1 
ATOM   587 O O4    . DT  B 1 13 ? 4.85286   8.05548   -4.58331  1.000 42.42059 ? 13  DT  B O4    1 
ATOM   588 C C5    . DT  B 1 13 ? 5.10590   9.42325   -6.48417  1.000 48.73156 ? 13  DT  B C5    1 
ATOM   589 C C7    . DT  B 1 13 ? 6.36122   8.74500   -6.93498  1.000 57.20961 ? 13  DT  B C7    1 
ATOM   590 C C6    . DT  B 1 13 ? 4.57292   10.43615  -7.17540  1.000 48.54731 ? 13  DT  B C6    1 
ATOM   591 P P     . DC  B 1 14 ? 3.51393   16.20583  -9.11881  1.000 71.84523 ? 14  DC  B P     1 
ATOM   592 O OP1   . DC  B 1 14 ? 3.12273   17.20863  -10.14724 1.000 62.64010 ? 14  DC  B OP1   1 
ATOM   593 O OP2   . DC  B 1 14 ? 4.94891   15.87766  -8.88994  1.000 69.20173 ? 14  DC  B OP2   1 
ATOM   594 O "O5'" . DC  B 1 14 ? 2.82236   16.60918  -7.73860  1.000 62.99737 ? 14  DC  B "O5'" 1 
ATOM   595 C "C5'" . DC  B 1 14 ? 1.58305   16.01018  -7.40003  1.000 58.77893 ? 14  DC  B "C5'" 1 
ATOM   596 C "C4'" . DC  B 1 14 ? 1.29060   16.24221  -5.94871  1.000 63.78846 ? 14  DC  B "C4'" 1 
ATOM   597 O "O4'" . DC  B 1 14 ? 1.67767   15.07942  -5.16174  1.000 64.06104 ? 14  DC  B "O4'" 1 
ATOM   598 C "C3'" . DC  B 1 14 ? 2.03353   17.42302  -5.36734  1.000 66.62314 ? 14  DC  B "C3'" 1 
ATOM   599 O "O3'" . DC  B 1 14 ? 1.15371   18.15893  -4.54006  1.000 69.25530 ? 14  DC  B "O3'" 1 
ATOM   600 C "C2'" . DC  B 1 14 ? 3.19013   16.77332  -4.58620  1.000 66.41682 ? 14  DC  B "C2'" 1 
ATOM   601 C "C1'" . DC  B 1 14 ? 2.56176   15.46529  -4.12166  1.000 62.96687 ? 14  DC  B "C1'" 1 
ATOM   602 N N1    . DC  B 1 14 ? 3.56166   14.34933  -3.89718  1.000 52.27083 ? 14  DC  B N1    1 
ATOM   603 C C2    . DC  B 1 14 ? 3.49160   13.55079  -2.73631  1.000 49.09105 ? 14  DC  B C2    1 
ATOM   604 O O2    . DC  B 1 14 ? 2.61216   13.77088  -1.90100  1.000 53.16612 ? 14  DC  B O2    1 
ATOM   605 N N3    . DC  B 1 14 ? 4.40074   12.55687  -2.56467  1.000 44.57274 ? 14  DC  B N3    1 
ATOM   606 C C4    . DC  B 1 14 ? 5.33338   12.34301  -3.48697  1.000 48.61766 ? 14  DC  B C4    1 
ATOM   607 N N4    . DC  B 1 14 ? 6.20926   11.34878  -3.28396  1.000 44.90841 ? 14  DC  B N4    1 
ATOM   608 C C5    . DC  B 1 14 ? 5.41695   13.14105  -4.66962  1.000 55.60165 ? 14  DC  B C5    1 
ATOM   609 C C6    . DC  B 1 14 ? 4.52301   14.12345  -4.82855  1.000 53.80912 ? 14  DC  B C6    1 
ATOM   610 P P     . DG  B 1 15 ? 1.68828   19.45714  -3.76240  1.000 82.52820 ? 15  DG  B P     1 
ATOM   611 O OP1   . DG  B 1 15 ? 0.52077   20.34220  -3.50006  1.000 74.14639 ? 15  DG  B OP1   1 
ATOM   612 O OP2   . DG  B 1 15 ? 2.92152   19.92804  -4.46323  1.000 75.06542 ? 15  DG  B OP2   1 
ATOM   613 O "O5'" . DG  B 1 15 ? 2.15640   18.86495  -2.36930  1.000 68.15598 ? 15  DG  B "O5'" 1 
ATOM   614 C "C5'" . DG  B 1 15 ? 1.32115   17.94894  -1.70171  1.000 67.81163 ? 15  DG  B "C5'" 1 
ATOM   615 C "C4'" . DG  B 1 15 ? 1.35900   18.19829  -0.22129  1.000 64.69200 ? 15  DG  B "C4'" 1 
ATOM   616 O "O4'" . DG  B 1 15 ? 2.28387   17.28860  0.39232   1.000 65.97907 ? 15  DG  B "O4'" 1 
ATOM   617 C "C3'" . DG  B 1 15 ? 1.87692   19.55951  0.17397   1.000 66.69146 ? 15  DG  B "C3'" 1 
ATOM   618 O "O3'" . DG  B 1 15 ? 1.45964   19.81766  1.48824   1.000 73.24648 ? 15  DG  B "O3'" 1 
ATOM   619 C "C2'" . DG  B 1 15 ? 3.39475   19.37715  0.09250   1.000 59.30022 ? 15  DG  B "C2'" 1 
ATOM   620 C "C1'" . DG  B 1 15 ? 3.55888   17.91762  0.49626   1.000 60.92775 ? 15  DG  B "C1'" 1 
ATOM   621 N N9    . DG  B 1 15 ? 4.49029   17.18265  -0.33136  1.000 55.67728 ? 15  DG  B N9    1 
ATOM   622 C C8    . DG  B 1 15 ? 4.95423   17.52391  -1.57134  1.000 52.65571 ? 15  DG  B C8    1 
ATOM   623 N N7    . DG  B 1 15 ? 5.76851   16.63318  -2.07135  1.000 53.19376 ? 15  DG  B N7    1 
ATOM   624 C C5    . DG  B 1 15 ? 5.84094   15.64405  -1.09047  1.000 49.68564 ? 15  DG  B C5    1 
ATOM   625 C C6    . DG  B 1 15 ? 6.56660   14.42357  -1.05707  1.000 48.30689 ? 15  DG  B C6    1 
ATOM   626 O O6    . DG  B 1 15 ? 7.33275   13.94479  -1.92396  1.000 48.80647 ? 15  DG  B O6    1 
ATOM   627 N N1    . DG  B 1 15 ? 6.33315   13.72839  0.13168   1.000 45.58359 ? 15  DG  B N1    1 
ATOM   628 C C2    . DG  B 1 15 ? 5.50914   14.15218  1.14394   1.000 44.60359 ? 15  DG  B C2    1 
ATOM   629 N N2    . DG  B 1 15 ? 5.40495   13.35160  2.20825   1.000 45.92658 ? 15  DG  B N2    1 
ATOM   630 N N3    . DG  B 1 15 ? 4.83523   15.27627  1.11860   1.000 49.28069 ? 15  DG  B N3    1 
ATOM   631 C C4    . DG  B 1 15 ? 5.05327   15.97227  -0.02145  1.000 51.44232 ? 15  DG  B C4    1 
ATOM   632 P P     . DC  B 1 16 ? 2.04452   21.06008  2.31027   1.000 76.27553 ? 16  DC  B P     1 
ATOM   633 O OP1   . DC  B 1 16 ? 0.87847   21.50179  3.12080   1.000 70.88546 ? 16  DC  B OP1   1 
ATOM   634 O OP2   . DC  B 1 16 ? 2.78778   22.03114  1.45051   1.000 59.88669 ? 16  DC  B OP2   1 
ATOM   635 O "O5'" . DC  B 1 16 ? 3.14554   20.37273  3.23062   1.000 68.16692 ? 16  DC  B "O5'" 1 
ATOM   636 C "C5'" . DC  B 1 16 ? 2.97091   19.02612  3.69665   1.000 62.74159 ? 16  DC  B "C5'" 1 
ATOM   637 C "C4'" . DC  B 1 16 ? 4.11916   18.68192  4.61338   1.000 58.81277 ? 16  DC  B "C4'" 1 
ATOM   638 O "O4'" . DC  B 1 16 ? 5.02638   17.73509  3.97739   1.000 56.59917 ? 16  DC  B "O4'" 1 
ATOM   639 C "C3'" . DC  B 1 16 ? 4.97571   19.88325  4.95647   1.000 55.82112 ? 16  DC  B "C3'" 1 
ATOM   640 O "O3'" . DC  B 1 16 ? 5.43183   19.73430  6.24407   1.000 60.79412 ? 16  DC  B "O3'" 1 
ATOM   641 C "C2'" . DC  B 1 16 ? 6.11658   19.78014  3.95929   1.000 50.54100 ? 16  DC  B "C2'" 1 
ATOM   642 C "C1'" . DC  B 1 16 ? 6.32210   18.28496  3.95265   1.000 48.62015 ? 16  DC  B "C1'" 1 
ATOM   643 N N1    . DC  B 1 16 ? 7.00508   17.81864  2.75699   1.000 48.64394 ? 16  DC  B N1    1 
ATOM   644 C C2    . DC  B 1 16 ? 7.54433   16.54108  2.73160   1.000 48.15441 ? 16  DC  B C2    1 
ATOM   645 O O2    . DC  B 1 16 ? 7.41538   15.81688  3.72108   1.000 48.23462 ? 16  DC  B O2    1 
ATOM   646 N N3    . DC  B 1 16 ? 8.19442   16.13032  1.62272   1.000 48.99288 ? 16  DC  B N3    1 
ATOM   647 C C4    . DC  B 1 16 ? 8.30683   16.94492  0.57467   1.000 48.00133 ? 16  DC  B C4    1 
ATOM   648 N N4    . DC  B 1 16 ? 8.95797   16.49125  -0.50002  1.000 49.34521 ? 16  DC  B N4    1 
ATOM   649 C C5    . DC  B 1 16 ? 7.75738   18.25679  0.58104   1.000 47.84614 ? 16  DC  B C5    1 
ATOM   650 C C6    . DC  B 1 16 ? 7.12602   18.64898  1.68722   1.000 51.34023 ? 16  DC  B C6    1 
HETATM 651 C C1    . HT1 C 2 .  ? 0.27442   0.97399   -14.61109 1.000 76.03541 ? 101 HT1 B C1    1 
HETATM 652 O O1    . HT1 C 2 .  ? 0.29393   -0.40956  -14.95402 1.000 75.49188 ? 101 HT1 B O1    1 
HETATM 653 C C2    . HT1 C 2 .  ? 0.71930   1.96210   -15.50726 1.000 77.94719 ? 101 HT1 B C2    1 
HETATM 654 C C3    . HT1 C 2 .  ? 0.71421   3.32752   -15.17686 1.000 72.68215 ? 101 HT1 B C3    1 
HETATM 655 C C4    . HT1 C 2 .  ? 0.26369   3.71368   -13.92149 1.000 70.55902 ? 101 HT1 B C4    1 
HETATM 656 C C5    . HT1 C 2 .  ? -0.18093  2.72936   -13.03725 1.000 65.88042 ? 101 HT1 B C5    1 
HETATM 657 C C6    . HT1 C 2 .  ? -0.17447  1.38087   -13.35800 1.000 62.64108 ? 101 HT1 B C6    1 
HETATM 658 C C7    . HT1 C 2 .  ? 0.18178   5.04909   -13.48697 1.000 68.94715 ? 101 HT1 B C7    1 
HETATM 659 N N1    . HT1 C 2 .  ? -0.11508  5.55456   -12.26614 1.000 65.72323 ? 101 HT1 B N1    1 
HETATM 660 C C8    . HT1 C 2 .  ? -0.11610  6.88440   -12.31691 1.000 66.64113 ? 101 HT1 B C8    1 
HETATM 661 C C9    . HT1 C 2 .  ? 0.16626   7.24238   -13.59018 1.000 71.65642 ? 101 HT1 B C9    1 
HETATM 662 N N2    . HT1 C 2 .  ? 0.34173   6.11182   -14.32039 1.000 73.56458 ? 101 HT1 B N2    1 
HETATM 663 C C10   . HT1 C 2 .  ? 0.22255   8.62533   -13.88241 1.000 68.30814 ? 101 HT1 B C10   1 
HETATM 664 C C11   . HT1 C 2 .  ? -0.00450  9.58653   -12.90276 1.000 64.71227 ? 101 HT1 B C11   1 
HETATM 665 C C12   . HT1 C 2 .  ? -0.30014  9.19680   -11.61741 1.000 62.52079 ? 101 HT1 B C12   1 
HETATM 666 C C13   . HT1 C 2 .  ? -0.34255  7.85272   -11.32298 1.000 62.91090 ? 101 HT1 B C13   1 
HETATM 667 C C14   . HT1 C 2 .  ? -0.50328  10.19701  -10.66756 1.000 63.38470 ? 101 HT1 B C14   1 
HETATM 668 N N3    . HT1 C 2 .  ? -0.42155  10.02663  -9.34335  1.000 60.00545 ? 101 HT1 B N3    1 
HETATM 669 C C15   . HT1 C 2 .  ? -0.65648  11.17892  -8.73103  1.000 60.45902 ? 101 HT1 B C15   1 
HETATM 670 C C16   . HT1 C 2 .  ? -0.89029  12.11409  -9.66989  1.000 63.51483 ? 101 HT1 B C16   1 
HETATM 671 N N4    . HT1 C 2 .  ? -0.79230  11.50909  -10.87964 1.000 64.44301 ? 101 HT1 B N4    1 
HETATM 672 C C17   . HT1 C 2 .  ? -1.16872  13.42900  -9.21787  1.000 65.72046 ? 101 HT1 B C17   1 
HETATM 673 C C18   . HT1 C 2 .  ? -1.19716  13.75126  -7.85718  1.000 64.17620 ? 101 HT1 B C18   1 
HETATM 674 C C19   . HT1 C 2 .  ? -0.95202  12.76930  -6.90503  1.000 63.76447 ? 101 HT1 B C19   1 
HETATM 675 C C20   . HT1 C 2 .  ? -0.67687  11.50012  -7.36443  1.000 63.53217 ? 101 HT1 B C20   1 
HETATM 676 N N5    . HT1 C 2 .  ? -1.06346  13.51134  -5.63590  1.000 66.80844 ? 101 HT1 B N5    1 
HETATM 677 C C21   . HT1 C 2 .  ? -1.63826  12.61872  -4.65069  1.000 66.67511 ? 101 HT1 B C21   1 
HETATM 678 C C22   . HT1 C 2 .  ? -1.41732  13.09671  -3.21236  1.000 72.87456 ? 101 HT1 B C22   1 
HETATM 679 N N6    . HT1 C 2 .  ? -1.11098  14.50718  -3.10349  1.000 82.05569 ? 101 HT1 B N6    1 
HETATM 680 C C23   . HT1 C 2 .  ? -1.71537  15.36225  -4.13237  1.000 76.51072 ? 101 HT1 B C23   1 
HETATM 681 C C24   . HT1 C 2 .  ? -1.78446  14.76987  -5.55555  1.000 75.70512 ? 101 HT1 B C24   1 
HETATM 682 C C25   . HT1 C 2 .  ? -1.36028  14.94585  -1.73277  1.000 78.66522 ? 101 HT1 B C25   1 
HETATM 683 C C26   . HT1 C 2 .  ? -0.88273  -1.15204  -14.71037 1.000 69.50264 ? 101 HT1 B C26   1 
HETATM 684 C C27   . HT1 C 2 .  ? -0.63018  -2.23074  -13.64734 1.000 60.26935 ? 101 HT1 B C27   1 
# 
loop_
_atom_site_anisotrop.id 
_atom_site_anisotrop.type_symbol 
_atom_site_anisotrop.pdbx_label_atom_id 
_atom_site_anisotrop.pdbx_label_alt_id 
_atom_site_anisotrop.pdbx_label_comp_id 
_atom_site_anisotrop.pdbx_label_asym_id 
_atom_site_anisotrop.pdbx_label_seq_id 
_atom_site_anisotrop.pdbx_PDB_ins_code 
_atom_site_anisotrop.U[1][1] 
_atom_site_anisotrop.U[2][2] 
_atom_site_anisotrop.U[3][3] 
_atom_site_anisotrop.U[1][2] 
_atom_site_anisotrop.U[1][3] 
_atom_site_anisotrop.U[2][3] 
_atom_site_anisotrop.pdbx_auth_seq_id 
_atom_site_anisotrop.pdbx_auth_comp_id 
_atom_site_anisotrop.pdbx_auth_asym_id 
_atom_site_anisotrop.pdbx_auth_atom_id 
1   O "O5'" . DC  A 1  ? 0.43280 0.91442 0.66459 0.16455  0.06902  -0.02686 1   DC  A "O5'" 
2   C "C5'" . DC  A 1  ? 0.46905 0.90984 0.73265 0.15134  0.08056  -0.03528 1   DC  A "C5'" 
3   C "C4'" . DC  A 1  ? 0.32031 0.74821 0.65097 0.14182  0.10379  -0.02486 1   DC  A "C4'" 
4   O "O4'" . DC  A 1  ? 0.28095 0.68241 0.63652 0.13436  0.11201  -0.03368 1   DC  A "O4'" 
5   C "C3'" . DC  A 1  ? 0.31335 0.72296 0.67370 0.13150  0.11618  -0.02587 1   DC  A "C3'" 
6   O "O3'" . DC  A 1  ? 0.33551 0.77384 0.69742 0.13714  0.11649  -0.00999 1   DC  A "O3'" 
7   C "C2'" . DC  A 1  ? 0.31243 0.70082 0.71294 0.11671  0.12689  -0.04192 1   DC  A "C2'" 
8   C "C1'" . DC  A 1  ? 0.26495 0.63014 0.65557 0.11808  0.12633  -0.03973 1   DC  A "C1'" 
9   N N1    . DC  A 1  ? 0.29305 0.62418 0.65031 0.11852  0.12722  -0.03280 1   DC  A N1    
10  C C2    . DC  A 1  ? 0.36541 0.68826 0.68531 0.12501  0.13177  -0.00634 1   DC  A C2    
11  O O2    . DC  A 1  ? 0.36466 0.74479 0.68232 0.12270  0.11899  -0.03434 1   DC  A O2    
12  N N3    . DC  A 1  ? 0.37989 0.68852 0.68238 0.11968  0.12540  -0.03277 1   DC  A N3    
13  C C4    . DC  A 1  ? 0.35963 0.65948 0.64647 0.11573  0.11148  -0.05748 1   DC  A C4    
14  N N4    . DC  A 1  ? 0.33358 0.61144 0.59306 0.10561  0.09903  -0.08139 1   DC  A N4    
15  C C5    . DC  A 1  ? 0.37690 0.70389 0.65278 0.12185  0.09621  -0.06597 1   DC  A C5    
16  C C6    . DC  A 1  ? 0.31235 0.66048 0.62096 0.12642  0.10589  -0.05048 1   DC  A C6    
17  P P     . DG  A 2  ? 0.58678 1.02084 0.96102 0.13146  0.12309  -0.00757 2   DG  A P     
18  O OP1   . DG  A 2  ? 0.61739 1.08213 1.00011 0.13897  0.12636  0.01775  2   DG  A OP1   
19  O OP2   . DG  A 2  ? 0.58411 1.01142 0.92371 0.13390  0.11447  -0.01019 2   DG  A OP2   
20  O "O5'" . DG  A 2  ? 0.35866 0.77186 0.76096 0.11646  0.13167  -0.03206 2   DG  A "O5'" 
21  C "C5'" . DG  A 2  ? 0.33278 0.75867 0.74775 0.11658  0.13889  -0.01732 2   DG  A "C5'" 
22  C "C4'" . DG  A 2  ? 0.40447 0.80926 0.81237 0.10972  0.14435  -0.01670 2   DG  A "C4'" 
23  O "O4'" . DG  A 2  ? 0.39046 0.78433 0.77845 0.10861  0.13953  -0.03011 2   DG  A "O4'" 
24  C "C3'" . DG  A 2  ? 0.49694 0.89512 0.88909 0.10666  0.14180  -0.02478 2   DG  A "C3'" 
25  O "O3'" . DG  A 2  ? 0.58902 0.98941 0.99787 0.10732  0.14917  -0.00468 2   DG  A "O3'" 
26  C "C2'" . DG  A 2  ? 0.51465 0.86959 0.90008 0.09847  0.14919  -0.01958 2   DG  A "C2'" 
27  C "C1'" . DG  A 2  ? 0.45982 0.81784 0.83228 0.10190  0.14297  -0.02863 2   DG  A "C1'" 
28  N N9    . DG  A 2  ? 0.39979 0.76046 0.72748 0.10928  0.12906  -0.03756 2   DG  A N9    
29  C C8    . DG  A 2  ? 0.40056 0.77769 0.68253 0.12324  0.11287  -0.02681 2   DG  A C8    
30  N N7    . DG  A 2  ? 0.38261 0.68455 0.68509 0.11624  0.13147  -0.01476 2   DG  A N7    
31  C C5    . DG  A 2  ? 0.37130 0.67932 0.66033 0.11102  0.12693  -0.03637 2   DG  A C5    
32  C C6    . DG  A 2  ? 0.39590 0.66401 0.67182 0.09619  0.12162  -0.06114 2   DG  A C6    
33  O O6    . DG  A 2  ? 0.36672 0.62382 0.62117 0.09454  0.10989  -0.07553 2   DG  A O6    
34  N N1    . DG  A 2  ? 0.42486 0.65731 0.71758 0.07389  0.12752  -0.07640 2   DG  A N1    
35  C C2    . DG  A 2  ? 0.42176 0.64449 0.74685 0.06569  0.14054  -0.06866 2   DG  A C2    
36  N N2    . DG  A 2  ? 0.43943 0.60738 0.78229 0.04173  0.15048  -0.08034 2   DG  A N2    
37  N N3    . DG  A 2  ? 0.40418 0.66388 0.74513 0.07819  0.14418  -0.05102 2   DG  A N3    
38  C C4    . DG  A 2  ? 0.38218 0.69733 0.70113 0.10095  0.13353  -0.04215 2   DG  A C4    
39  P P     . DC  A 3  ? 0.48952 0.85823 0.92058 0.10079  0.16464  0.01947  3   DC  A P     
40  O OP1   . DC  A 3  ? 0.44866 0.80097 0.90830 0.09943  0.17554  0.03956  3   DC  A OP1   
41  O OP2   . DC  A 3  ? 0.50610 0.89316 0.93689 0.10466  0.16323  0.02599  3   DC  A OP2   
42  O "O5'" . DC  A 3  ? 0.46399 0.78983 0.88448 0.08962  0.16806  0.00747  3   DC  A "O5'" 
43  C "C5'" . DC  A 3  ? 0.50862 0.78224 0.95441 0.07803  0.18215  0.01513  3   DC  A "C5'" 
44  C "C4'" . DC  A 3  ? 0.61880 0.84573 1.05423 0.06433  0.18464  -0.00202 3   DC  A "C4'" 
45  O "O4'" . DC  A 3  ? 0.56567 0.80309 0.96778 0.06608  0.17181  -0.02078 3   DC  A "O4'" 
46  C "C3'" . DC  A 3  ? 0.73488 0.95748 1.16522 0.06172  0.18576  -0.00359 3   DC  A "C3'" 
47  O "O3'" . DC  A 3  ? 0.83851 0.99980 1.28510 0.04483  0.19802  -0.01062 3   DC  A "O3'" 
48  C "C2'" . DC  A 3  ? 0.63220 0.88216 1.02263 0.06739  0.17029  -0.02025 3   DC  A "C2'" 
49  C "C1'" . DC  A 3  ? 0.58138 0.80978 0.96173 0.06199  0.16711  -0.03279 3   DC  A "C1'" 
50  N N1    . DC  A 3  ? 0.50923 0.77108 0.85188 0.07404  0.15083  -0.04257 3   DC  A N1    
51  C C2    . DC  A 3  ? 0.47000 0.69721 0.79213 0.06356  0.14626  -0.06018 3   DC  A C2    
52  O O2    . DC  A 3  ? 0.53386 0.70898 0.86890 0.04218  0.15485  -0.07195 3   DC  A O2    
53  N N3    . DC  A 3  ? 0.41365 0.66097 0.70398 0.07606  0.13341  -0.06345 3   DC  A N3    
54  C C4    . DC  A 3  ? 0.46796 0.76105 0.74774 0.09995  0.12951  -0.04343 3   DC  A C4    
55  N N4    . DC  A 3  ? 0.50356 0.78183 0.76780 0.10325  0.12408  -0.04634 3   DC  A N4    
56  C C5    . DC  A 3  ? 0.53013 0.86469 0.82111 0.10674  0.12745  -0.03300 3   DC  A C5    
57  C C6    . DC  A 3  ? 0.51077 0.83400 0.84083 0.09383  0.14041  -0.03642 3   DC  A C6    
58  P P     . DT  A 4  ? 0.81275 0.95707 1.27379 0.04054  0.20665  -0.00548 4   DT  A P     
59  O OP1   . DT  A 4  ? 0.79699 0.89686 1.29577 0.03307  0.22262  0.00338  4   DT  A OP1   
60  O OP2   . DT  A 4  ? 0.69088 0.89130 1.14222 0.05506  0.19873  0.00635  4   DT  A OP2   
61  O "O5'" . DT  A 4  ? 0.59308 0.70181 1.03263 0.02584  0.20462  -0.03063 4   DT  A "O5'" 
62  C "C5'" . DT  A 4  ? 0.63296 0.69443 1.07087 0.00988  0.20776  -0.04904 4   DT  A "C5'" 
63  C "C4'" . DT  A 4  ? 0.70288 0.74635 1.11354 -0.00270 0.20126  -0.07197 4   DT  A "C4'" 
64  O "O4'" . DT  A 4  ? 0.68581 0.77120 1.06473 0.00791  0.18460  -0.07574 4   DT  A "O4'" 
65  C "C3'" . DT  A 4  ? 0.76845 0.81437 1.17484 -0.00354 0.20243  -0.07296 4   DT  A "C3'" 
66  O "O3'" . DT  A 4  ? 0.77920 0.77859 1.17572 -0.02524 0.20478  -0.09680 4   DT  A "O3'" 
67  C "C2'" . DT  A 4  ? 0.73525 0.84340 1.11328 0.01498  0.18640  -0.06655 4   DT  A "C2'" 
68  C "C1'" . DT  A 4  ? 0.65763 0.76248 1.01452 0.01148  0.17666  -0.08025 4   DT  A "C1'" 
69  N N1    . DT  A 4  ? 0.59678 0.75733 0.92580 0.03211  0.16070  -0.07503 4   DT  A N1    
70  C C2    . DT  A 4  ? 0.56744 0.72393 0.86792 0.02874  0.14897  -0.09104 4   DT  A C2    
71  O O2    . DT  A 4  ? 0.60537 0.71989 0.90339 0.00698  0.15041  -0.10994 4   DT  A O2    
72  N N3    . DT  A 4  ? 0.50377 0.70525 0.77980 0.05079  0.13609  -0.08321 4   DT  A N3    
73  C C4    . DT  A 4  ? 0.48139 0.73337 0.75829 0.07442  0.13490  -0.06074 4   DT  A C4    
74  O O4    . DT  A 4  ? 0.49036 0.76368 0.74927 0.09142  0.12890  -0.04976 4   DT  A O4    
75  C C5    . DT  A 4  ? 0.49039 0.75437 0.79791 0.07341  0.14471  -0.04974 4   DT  A C5    
76  C C7    . DT  A 4  ? 0.49930 0.82570 0.81200 0.09162  0.14018  -0.03659 4   DT  A C7    
77  C C6    . DT  A 4  ? 0.56488 0.77854 0.89791 0.05314  0.15783  -0.05525 4   DT  A C6    
78  P P     . DT  A 5  ? 0.79421 0.76632 1.19977 -0.03478 0.21424  -0.10260 5   DT  A P     
79  O OP1   . DT  A 5  ? 0.76329 0.68531 1.18381 -0.04858 0.22588  -0.11019 5   DT  A OP1   
80  O OP2   . DT  A 5  ? 0.70184 0.72380 1.11232 -0.01422 0.21172  -0.08086 5   DT  A OP2   
81  O "O5'" . DT  A 5  ? 0.70155 0.67006 1.07619 -0.04756 0.20446  -0.12283 5   DT  A "O5'" 
82  C "C5'" . DT  A 5  ? 0.70509 0.65829 1.05820 -0.06211 0.19668  -0.13783 5   DT  A "C5'" 
83  C "C4'" . DT  A 5  ? 0.72130 0.70024 1.04964 -0.06320 0.18297  -0.14744 5   DT  A "C4'" 
84  O "O4'" . DT  A 5  ? 0.78978 0.82329 1.10379 -0.03649 0.16973  -0.13326 5   DT  A "O4'" 
85  C "C3'" . DT  A 5  ? 0.62814 0.61838 0.94884 -0.06062 0.18199  -0.14769 5   DT  A "C3'" 
86  O "O3'" . DT  A 5  ? 0.56499 0.55241 0.86221 -0.07421 0.17297  -0.16036 5   DT  A "O3'" 
87  C "C2'" . DT  A 5  ? 0.65768 0.70974 0.96717 -0.02961 0.17127  -0.12839 5   DT  A "C2'" 
88  C "C1'" . DT  A 5  ? 0.70926 0.77916 1.00291 -0.02302 0.15951  -0.12988 5   DT  A "C1'" 
89  N N1    . DT  A 5  ? 0.56738 0.69475 0.85002 0.00731  0.14981  -0.11099 5   DT  A N1    
90  C C2    . DT  A 5  ? 0.52652 0.67848 0.78037 0.01798  0.13415  -0.11496 5   DT  A C2    
91  O O2    . DT  A 5  ? 0.54981 0.68282 0.78910 0.00365  0.12650  -0.13281 5   DT  A O2    
92  N N3    . DT  A 5  ? 0.53569 0.73396 0.78054 0.04487  0.12843  -0.09585 5   DT  A N3    
93  C C4    . DT  A 5  ? 0.57279 0.80454 0.83529 0.06090  0.13578  -0.07260 5   DT  A C4    
94  O O4    . DT  A 5  ? 0.61005 0.88076 0.86576 0.08313  0.13288  -0.05226 5   DT  A O4    
95  C C5    . DT  A 5  ? 0.48546 0.69490 0.77932 0.04735  0.14948  -0.07169 5   DT  A C5    
96  C C7    . DT  A 5  ? 0.39973 0.64312 0.71767 0.05897  0.15577  -0.05133 5   DT  A C7    
97  C C6    . DT  A 5  ? 0.53760 0.69174 0.83976 0.02265  0.15684  -0.08974 5   DT  A C6    
98  P P     . DA  A 6  ? 0.70884 0.68356 0.98522 -0.07872 0.17257  -0.15572 6   DA  A P     
99  O OP1   . DA  A 6  ? 0.53748 0.49604 0.79590 -0.08097 0.16963  -0.14664 6   DA  A OP1   
100 O OP2   . DA  A 6  ? 0.62059 0.59228 0.92470 -0.07588 0.18501  -0.15761 6   DA  A OP2   
101 O "O5'" . DA  A 6  ? 0.70959 0.70158 0.95948 -0.08352 0.15986  -0.16132 6   DA  A "O5'" 
102 C "C5'" . DA  A 6  ? 0.62071 0.61880 0.84934 -0.08608 0.14995  -0.15864 6   DA  A "C5'" 
103 C "C4'" . DA  A 6  ? 0.53780 0.56373 0.76208 -0.08600 0.14039  -0.16949 6   DA  A "C4'" 
104 O "O4'" . DA  A 6  ? 0.66389 0.71560 0.90310 -0.07432 0.13539  -0.17768 6   DA  A "O4'" 
105 C "C3'" . DA  A 6  ? 0.49976 0.53293 0.71702 -0.08866 0.13890  -0.17321 6   DA  A "C3'" 
106 O "O3'" . DA  A 6  ? 0.54901 0.59866 0.75152 -0.09064 0.13076  -0.17607 6   DA  A "O3'" 
107 C "C2'" . DA  A 6  ? 0.48571 0.54290 0.71798 -0.07670 0.13680  -0.18087 6   DA  A "C2'" 
108 C "C1'" . DA  A 6  ? 0.54259 0.62374 0.76663 -0.05476 0.12704  -0.17258 6   DA  A "C1'" 
109 N N9    . DA  A 6  ? 0.58885 0.69211 0.81818 -0.02925 0.12985  -0.15594 6   DA  A N9    
110 C C8    . DA  A 6  ? 0.61453 0.70335 0.86827 -0.03011 0.14541  -0.14748 6   DA  A C8    
111 N N7    . DA  A 6  ? 0.56018 0.68526 0.81878 -0.00493 0.14558  -0.12717 6   DA  A N7    
112 C C5    . DA  A 6  ? 0.54966 0.70951 0.78333 0.01327  0.13026  -0.12322 6   DA  A C5    
113 C C6    . DA  A 6  ? 0.50554 0.70879 0.73242 0.04066  0.12535  -0.10270 6   DA  A C6    
114 N N6    . DA  A 6  ? 0.48805 0.71824 0.73428 0.05502  0.13441  -0.08005 6   DA  A N6    
115 N N1    . DA  A 6  ? 0.48970 0.70614 0.69194 0.04958  0.11047  -0.10710 6   DA  A N1    
116 C C2    . DA  A 6  ? 0.53613 0.73474 0.72082 0.03527  0.09816  -0.12919 6   DA  A C2    
117 N N3    . DA  A 6  ? 0.55755 0.72417 0.74805 0.01102  0.10210  -0.14522 6   DA  A N3    
118 C C4    . DA  A 6  ? 0.57042 0.71541 0.78537 -0.00043 0.11929  -0.14212 6   DA  A C4    
119 P P     . DA  A 7  ? 0.70766 0.76909 0.90106 -0.09368 0.12812  -0.18055 7   DA  A P     
120 O OP1   . DA  A 7  ? 0.63645 0.69372 0.81320 -0.09966 0.13133  -0.17697 7   DA  A OP1   
121 O OP2   . DA  A 7  ? 0.60931 0.65393 0.80576 -0.09576 0.13551  -0.17682 7   DA  A OP2   
122 O "O5'" . DA  A 7  ? 0.59905 0.70236 0.78877 -0.07325 0.10990  -0.18878 7   DA  A "O5'" 
123 C "C5'" . DA  A 7  ? 0.53613 0.65513 0.71550 -0.05465 0.09813  -0.18516 7   DA  A "C5'" 
124 C "C4'" . DA  A 7  ? 0.48867 0.64007 0.64250 -0.02801 0.07694  -0.18326 7   DA  A "C4'" 
125 O "O4'" . DA  A 7  ? 0.53435 0.70840 0.68278 -0.00647 0.06834  -0.17636 7   DA  A "O4'" 
126 C "C3'" . DA  A 7  ? 0.44043 0.60094 0.58452 -0.02653 0.07276  -0.18546 7   DA  A "C3'" 
127 O "O3'" . DA  A 7  ? 0.49545 0.68074 0.61899 -0.00396 0.05195  -0.18481 7   DA  A "O3'" 
128 C "C2'" . DA  A 7  ? 0.44532 0.61511 0.59530 -0.02062 0.07536  -0.18158 7   DA  A "C2'" 
129 C "C1'" . DA  A 7  ? 0.48628 0.67336 0.63152 -0.00033 0.06799  -0.17348 7   DA  A "C1'" 
130 N N9    . DA  A 7  ? 0.45468 0.63920 0.61371 0.00459  0.08252  -0.16262 7   DA  A N9    
131 C C8    . DA  A 7  ? 0.54061 0.69770 0.72190 -0.01159 0.10147  -0.16254 7   DA  A C8    
132 N N7    . DA  A 7  ? 0.52177 0.68925 0.71582 0.00222  0.11136  -0.14701 7   DA  A N7    
133 C C5    . DA  A 7  ? 0.48358 0.68654 0.66280 0.02667  0.10042  -0.13508 7   DA  A C5    
134 C C6    . DA  A 7  ? 0.49696 0.72787 0.68454 0.04779  0.10581  -0.11246 7   DA  A C6    
135 N N6    . DA  A 7  ? 0.48483 0.72092 0.69803 0.05259  0.12239  -0.09424 7   DA  A N6    
136 N N1    . DA  A 7  ? 0.49705 0.75363 0.66795 0.06090  0.09080  -0.11103 7   DA  A N1    
137 C C2    . DA  A 7  ? 0.51269 0.77276 0.65674 0.05747  0.06812  -0.13016 7   DA  A C2    
138 N N3    . DA  A 7  ? 0.42392 0.66399 0.56160 0.04263  0.06221  -0.14678 7   DA  A N3    
139 C C4    . DA  A 7  ? 0.42167 0.63227 0.57794 0.02657  0.08082  -0.14797 7   DA  A C4    
140 P P     . DG  A 8  ? 0.55994 0.74744 0.66726 0.00109  0.04612  -0.18728 8   DG  A P     
141 O OP1   . DG  A 8  ? 0.55990 0.74621 0.64709 0.01818  0.03311  -0.18715 8   DG  A OP1   
142 O OP2   . DG  A 8  ? 0.46146 0.62281 0.57540 -0.02270 0.06697  -0.18985 8   DG  A OP2   
143 O "O5'" . DG  A 8  ? 0.53874 0.76533 0.64444 0.01752  0.02724  -0.18624 8   DG  A "O5'" 
144 C "C5'" . DG  A 8  ? 0.50380 0.76391 0.60387 0.03738  0.00455  -0.18384 8   DG  A "C5'" 
145 C "C4'" . DG  A 8  ? 0.41193 0.69870 0.50816 0.04494  -0.00281 -0.18065 8   DG  A "C4'" 
146 O "O4'" . DG  A 8  ? 0.41320 0.68122 0.51839 0.03712  0.01903  -0.17469 8   DG  A "O4'" 
147 C "C3'" . DG  A 8  ? 0.35012 0.64147 0.44723 0.04081  -0.00095 -0.18309 8   DG  A "C3'" 
148 O "O3'" . DG  A 8  ? 0.44218 0.77412 0.52860 0.05936  -0.02812 -0.18323 8   DG  A "O3'" 
149 C "C2'" . DG  A 8  ? 0.41416 0.69616 0.51732 0.03407  0.01777  -0.17790 8   DG  A "C2'" 
150 C "C1'" . DG  A 8  ? 0.38209 0.66455 0.48513 0.04203  0.02157  -0.16975 8   DG  A "C1'" 
151 N N9    . DG  A 8  ? 0.35652 0.61780 0.47773 0.03613  0.04850  -0.16000 8   DG  A N9    
152 C C8    . DG  A 8  ? 0.45570 0.68390 0.59414 0.01757  0.06822  -0.16317 8   DG  A C8    
153 N N7    . DG  A 8  ? 0.52155 0.74240 0.67781 0.01929  0.08658  -0.15133 8   DG  A N7    
154 C C5    . DG  A 8  ? 0.47977 0.73036 0.63319 0.04053  0.08295  -0.13575 8   DG  A C5    
155 C C6    . DG  A 8  ? 0.47859 0.74032 0.65375 0.05252  0.09935  -0.11304 8   DG  A C6    
156 O O6    . DG  A 8  ? 0.43666 0.68785 0.63577 0.04941  0.11751  -0.10241 8   DG  A O6    
157 N N1    . DG  A 8  ? 0.43995 0.73335 0.60772 0.06810  0.08902  -0.10400 8   DG  A N1    
158 C C2    . DG  A 8  ? 0.41755 0.73260 0.55154 0.07354  0.06135  -0.11734 8   DG  A C2    
159 N N2    . DG  A 8  ? 0.51750 0.86585 0.63837 0.08834  0.05007  -0.10832 8   DG  A N2    
160 N N3    . DG  A 8  ? 0.40243 0.71035 0.51694 0.06588  0.04415  -0.13647 8   DG  A N3    
161 C C4    . DG  A 8  ? 0.39265 0.66732 0.52136 0.04899  0.05820  -0.14363 8   DG  A C4    
162 P P     . DG  A 9  ? 0.61446 0.94461 0.69663 0.07136  -0.03894 -0.18189 9   DG  A P     
163 O OP1   . DG  A 9  ? 0.49389 0.81290 0.58286 0.06092  -0.02710 -0.18964 9   DG  A OP1   
164 O OP2   . DG  A 9  ? 0.59385 0.91882 0.65219 0.08854  -0.04868 -0.16318 9   DG  A OP2   
165 O "O5'" . DG  A 9  ? 0.47246 0.78643 0.55910 0.07075  -0.03632 -0.18654 9   DG  A "O5'" 
166 C "C5'" . DG  A 9  ? 0.47627 0.75057 0.55178 0.06621  -0.02140 -0.18884 9   DG  A "C5'" 
167 C "C4'" . DG  A 9  ? 0.46534 0.73957 0.52843 0.08823  -0.03770 -0.18859 9   DG  A "C4'" 
168 O "O4'" . DG  A 9  ? 0.51604 0.72892 0.54622 0.08017  -0.01927 -0.19130 9   DG  A "O4'" 
169 C "C3'" . DG  A 9  ? 0.50713 0.78596 0.57437 0.09326  -0.04482 -0.18689 9   DG  A "C3'" 
170 O "O3'" . DG  A 9  ? 0.44682 0.73804 0.50699 0.11932  -0.06652 -0.18441 9   DG  A "O3'" 
171 C "C2'" . DG  A 9  ? 0.57006 0.78668 0.61873 0.07274  -0.01607 -0.18847 9   DG  A "C2'" 
172 C "C1'" . DG  A 9  ? 0.55565 0.73390 0.57160 0.07459  -0.01058 -0.19098 9   DG  A "C1'" 
173 N N9    . DG  A 9  ? 0.55494 0.67166 0.54157 0.05149  0.01654  -0.19216 9   DG  A N9    
174 C C8    . DG  A 9  ? 0.55367 0.66365 0.55667 0.02929  0.03681  -0.19136 9   DG  A C8    
175 N N7    . DG  A 9  ? 0.59674 0.65638 0.56984 0.01491  0.05333  -0.19226 9   DG  A N7    
176 C C5    . DG  A 9  ? 0.61138 0.62922 0.53281 0.02778  0.04404  -0.19350 9   DG  A C5    
177 C C6    . DG  A 9  ? 0.64616 0.59683 0.50953 0.02290  0.04858  -0.19490 9   DG  A C6    
178 O O6    . DG  A 9  ? 0.67269 0.60536 0.53376 0.00664  0.06067  -0.19677 9   DG  A O6    
179 N N1    . DG  A 9  ? 0.66592 0.58279 0.48452 0.03335  0.03664  -0.19637 9   DG  A N1    
180 C C2    . DG  A 9  ? 0.71498 0.68252 0.56418 0.05102  0.01815  -0.19840 9   DG  A C2    
181 N N2    . DG  A 9  ? 0.78123 0.72901 0.60203 0.06036  0.00426  -0.20235 9   DG  A N2    
182 N N3    . DG  A 9  ? 0.68164 0.72094 0.58841 0.06388  0.00740  -0.19631 9   DG  A N3    
183 C C4    . DG  A 9  ? 0.62050 0.67503 0.55511 0.04845  0.02304  -0.19403 9   DG  A C4    
184 P P     . DA  A 10 ? 0.47454 0.75433 0.52563 0.12297  -0.06958 -0.17243 10  DA  A P     
185 O OP1   . DA  A 10 ? 0.61808 0.89583 0.65801 0.12366  -0.07044 -0.15510 10  DA  A OP1   
186 O OP2   . DA  A 10 ? 0.45366 0.73835 0.51940 0.10876  -0.06250 -0.17957 10  DA  A OP2   
187 O "O5'" . DA  A 10 ? 0.46208 0.72701 0.50130 0.14314  -0.08089 -0.17784 10  DA  A "O5'" 
188 C "C5'" . DA  A 10 ? 0.46067 0.72019 0.49117 0.15818  -0.08878 -0.18772 10  DA  A "C5'" 
189 C "C4'" . DA  A 10 ? 0.57132 0.76676 0.56362 0.15490  -0.08006 -0.19032 10  DA  A "C4'" 
190 O "O4'" . DA  A 10 ? 0.63330 0.76881 0.59573 0.12235  -0.04941 -0.19267 10  DA  A "O4'" 
191 C "C3'" . DA  A 10 ? 0.59992 0.80146 0.59980 0.16070  -0.08713 -0.18915 10  DA  A "C3'" 
192 O "O3'" . DA  A 10 ? 0.63916 0.79755 0.60547 0.17341  -0.09470 -0.19122 10  DA  A "O3'" 
193 C "C2'" . DA  A 10 ? 0.58036 0.74936 0.57489 0.12736  -0.05778 -0.18984 10  DA  A "C2'" 
194 C "C1'" . DA  A 10 ? 0.60995 0.71801 0.56346 0.11023  -0.03823 -0.19268 10  DA  A "C1'" 
195 N N9    . DA  A 10 ? 0.62822 0.70228 0.57338 0.07992  -0.00824 -0.19268 10  DA  A N9    
196 C C8    . DA  A 10 ? 0.62096 0.72440 0.60197 0.06710  0.00284  -0.19045 10  DA  A C8    
197 N N7    . DA  A 10 ? 0.62198 0.68591 0.58986 0.04462  0.02745  -0.19003 10  DA  A N7    
198 C C5    . DA  A 10 ? 0.62417 0.62487 0.53574 0.04245  0.03185  -0.19162 10  DA  A C5    
199 C C6    . DA  A 10 ? 0.65064 0.59436 0.52290 0.02835  0.04610  -0.19170 10  DA  A C6    
200 N N6    . DA  A 10 ? 0.67428 0.63344 0.57985 0.00890  0.06257  -0.19186 10  DA  A N6    
201 N N1    . DA  A 10 ? 0.70476 0.58473 0.51194 0.03151  0.04072  -0.19307 10  DA  A N1    
202 C C2    . DA  A 10 ? 0.75324 0.63796 0.55231 0.03723  0.03042  -0.19681 10  DA  A C2    
203 N N3    . DA  A 10 ? 0.75282 0.70484 0.59994 0.05892  0.00992  -0.19753 10  DA  A N3    
204 C C4    . DA  A 10 ? 0.67280 0.67652 0.56963 0.06035  0.01207  -0.19412 10  DA  A C4    
205 P P     . DA  A 11 ? 0.65934 0.82302 0.62913 0.19061  -0.11034 -0.19066 11  DA  A P     
206 O OP1   . DA  A 11 ? 0.71104 0.90588 0.69779 0.19948  -0.11755 -0.18034 11  DA  A OP1   
207 O OP2   . DA  A 11 ? 0.67683 0.82281 0.64614 0.16724  -0.09231 -0.19098 11  DA  A OP2   
208 O "O5'" . DA  A 11 ? 0.68931 0.78555 0.60828 0.19440  -0.11250 -0.19363 11  DA  A "O5'" 
209 C "C5'" . DA  A 11 ? 0.73883 0.78488 0.61996 0.17520  -0.09747 -0.19613 11  DA  A "C5'" 
210 C "C4'" . DA  A 11 ? 0.73993 0.71776 0.57607 0.14711  -0.07805 -0.19898 11  DA  A "C4'" 
211 O "O4'" . DA  A 11 ? 0.76359 0.72952 0.60139 0.11379  -0.04761 -0.19986 11  DA  A "O4'" 
212 C "C3'" . DA  A 11 ? 0.73758 0.70679 0.57097 0.15315  -0.08483 -0.19869 11  DA  A "C3'" 
213 O "O3'" . DA  A 11 ? 0.77264 0.67880 0.55617 0.14239  -0.08238 -0.20160 11  DA  A "O3'" 
214 C "C2'" . DA  A 11 ? 0.76297 0.74271 0.61722 0.12846  -0.06076 -0.19842 11  DA  A "C2'" 
215 C "C1'" . DA  A 11 ? 0.82021 0.76198 0.64932 0.09851  -0.03462 -0.20078 11  DA  A "C1'" 
216 N N9    . DA  A 11 ? 0.74175 0.68596 0.58722 0.07489  -0.00813 -0.19898 11  DA  A N9    
217 C C8    . DA  A 11 ? 0.68052 0.68045 0.57601 0.08021  -0.00917 -0.19527 11  DA  A C8    
218 N N7    . DA  A 11 ? 0.59605 0.58300 0.49691 0.05940  0.01414  -0.19309 11  DA  A N7    
219 C C5    . DA  A 11 ? 0.66059 0.57549 0.50538 0.04360  0.02944  -0.19362 11  DA  A C5    
220 C C6    . DA  A 11 ? 0.70648 0.59029 0.53661 0.03224  0.04272  -0.19142 11  DA  A C6    
221 N N6    . DA  A 11 ? 0.66192 0.59254 0.55010 0.01984  0.05502  -0.19079 11  DA  A N6    
222 N N1    . DA  A 11 ? 0.73266 0.56361 0.51303 0.03366  0.03612  -0.19420 11  DA  A N1    
223 C C2    . DA  A 11 ? 0.80254 0.58950 0.53679 0.02682  0.03455  -0.18695 11  DA  A C2    
224 N N3    . DA  A 11 ? 0.74987 0.57970 0.51131 0.02579  0.03192  -0.20430 11  DA  A N3    
225 C C4    . DA  A 11 ? 0.68746 0.57560 0.49811 0.04626  0.01970  -0.19906 11  DA  A C4    
226 P P     . DT  A 12 ? 0.87586 0.76295 0.64363 0.16003  -0.10138 -0.20112 12  DT  A P     
227 O OP1   . DT  A 12 ? 0.88705 0.76696 0.64064 0.19083  -0.12923 -0.19985 12  DT  A OP1   
228 O OP2   . DT  A 12 ? 0.85058 0.77859 0.65643 0.16515  -0.10125 -0.19973 12  DT  A OP2   
229 O "O5'" . DT  A 12 ? 0.90524 0.72867 0.62687 0.12830  -0.08236 -0.20526 12  DT  A "O5'" 
230 C "C5'" . DT  A 12 ? 0.93092 0.72662 0.63020 0.10169  -0.06303 -0.20934 12  DT  A "C5'" 
231 C "C4'" . DT  A 12 ? 0.93350 0.70101 0.61930 0.06804  -0.03740 -0.21646 12  DT  A "C4'" 
232 O "O4'" . DT  A 12 ? 0.87809 0.67099 0.59600 0.04306  -0.00753 -0.22083 12  DT  A "O4'" 
233 C "C3'" . DT  A 12 ? 0.89041 0.64276 0.56780 0.07188  -0.04354 -0.21623 12  DT  A "C3'" 
234 O "O3'" . DT  A 12 ? 0.97063 0.68403 0.61909 0.05243  -0.03463 -0.22178 12  DT  A "O3'" 
235 C "C2'" . DT  A 12 ? 0.83126 0.61822 0.54816 0.06049  -0.02396 -0.21731 12  DT  A "C2'" 
236 C "C1'" . DT  A 12 ? 0.82527 0.61920 0.55532 0.03186  0.00483  -0.22400 12  DT  A "C1'" 
237 N N1    . DT  A 12 ? 0.78056 0.59379 0.53633 0.02461  0.02330  -0.21676 12  DT  A N1    
238 C C2    . DT  A 12 ? 0.81286 0.60525 0.56767 0.00046  0.04919  -0.20176 12  DT  A C2    
239 O O2    . DT  A 12 ? 0.78603 0.63974 0.59505 0.03655  0.00570  -0.23081 12  DT  A O2    
240 N N3    . DT  A 12 ? 0.79763 0.59585 0.55726 0.02907  0.03693  -0.18951 12  DT  A N3    
241 C C4    . DT  A 12 ? 0.75445 0.61605 0.56615 0.03884  0.03173  -0.19629 12  DT  A C4    
242 O O4    . DT  A 12 ? 0.69687 0.60432 0.55599 0.04207  0.03372  -0.19279 12  DT  A O4    
243 C C5    . DT  A 12 ? 0.72254 0.61309 0.54481 0.05736  0.00735  -0.20152 12  DT  A C5    
244 C C7    . DT  A 12 ? 0.79368 0.75503 0.66708 0.08537  -0.01714 -0.19855 12  DT  A C7    
245 C C6    . DT  A 12 ? 0.74180 0.59748 0.52751 0.05488  0.00119  -0.20752 12  DT  A C6    
246 P P     . DT  A 13 ? 0.94109 0.61816 0.56098 0.05527  -0.04442 -0.22031 13  DT  A P     
247 O OP1   . DT  A 13 ? 0.90338 0.52595 0.47027 0.05883  -0.05933 -0.21532 13  DT  A OP1   
248 O OP2   . DT  A 13 ? 1.03503 0.73320 0.67210 0.07644  -0.05870 -0.21635 13  DT  A OP2   
249 O "O5'" . DT  A 13 ? 0.89133 0.57511 0.53060 0.02838  -0.01847 -0.22945 13  DT  A "O5'" 
250 C "C5'" . DT  A 13 ? 0.93666 0.63534 0.59418 0.01494  -0.00357 -0.23437 13  DT  A "C5'" 
251 C "C4'" . DT  A 13 ? 0.92637 0.62150 0.59536 0.00311  0.00929  -0.23519 13  DT  A "C4'" 
252 O "O4'" . DT  A 13 ? 0.86991 0.61507 0.59202 0.00805  0.01577  -0.23953 13  DT  A "O4'" 
253 C "C3'" . DT  A 13 ? 0.93980 0.61264 0.59305 0.00197  0.00674  -0.23412 13  DT  A "C3'" 
254 O "O3'" . DT  A 13 ? 1.00879 0.63416 0.62564 -0.01593 0.01782  -0.22497 13  DT  A "O3'" 
255 C "C2'" . DT  A 13 ? 0.90468 0.63160 0.61519 0.00804  0.01151  -0.24267 13  DT  A "C2'" 
256 C "C1'" . DT  A 13 ? 0.85462 0.60754 0.59309 0.01065  0.01697  -0.23995 13  DT  A "C1'" 
257 N N1    . DT  A 13 ? 0.75020 0.56097 0.54041 0.02685  0.01043  -0.23701 13  DT  A N1    
258 C C2    . DT  A 13 ? 0.81602 0.60608 0.59370 0.02801  0.02025  -0.22092 13  DT  A C2    
259 O O2    . DT  A 13 ? 0.83858 0.61402 0.61722 -0.00197 0.04845  -0.21406 13  DT  A O2    
260 N N3    . DT  A 13 ? 0.77009 0.56580 0.54793 0.03918  0.02095  -0.20354 13  DT  A N3    
261 C C4    . DT  A 13 ? 0.75328 0.52911 0.50756 0.02601  0.03765  -0.19070 13  DT  A C4    
262 O O4    . DT  A 13 ? 0.65978 0.48577 0.45859 0.03518  0.03684  -0.19690 13  DT  A O4    
263 C C5    . DT  A 13 ? 0.74994 0.54785 0.51896 0.01080  0.03825  -0.21436 13  DT  A C5    
264 C C7    . DT  A 13 ? 0.84418 0.66512 0.61709 0.04622  0.00482  -0.21464 13  DT  A C7    
265 C C6    . DT  A 13 ? 0.71238 0.53009 0.50229 0.00507  0.03185  -0.23508 13  DT  A C6    
266 P P     . DC  A 14 ? 1.11515 0.70727 0.70644 -0.02293 0.01906  -0.22216 14  DC  A P     
267 O OP1   . DC  A 14 ? 1.08534 0.61308 0.61213 -0.03610 0.01884  -0.21219 14  DC  A OP1   
268 O OP2   . DC  A 14 ? 1.02869 0.64879 0.64274 -0.00469 0.00425  -0.23082 14  DC  A OP2   
269 O "O5'" . DC  A 14 ? 1.01522 0.61863 0.63119 -0.04091 0.04443  -0.21710 14  DC  A "O5'" 
270 C "C5'" . DC  A 14 ? 0.97049 0.59081 0.60652 -0.05234 0.06236  -0.21119 14  DC  A "C5'" 
271 C "C4'" . DC  A 14 ? 0.95116 0.59028 0.61897 -0.06929 0.08852  -0.20502 14  DC  A "C4'" 
272 O "O4'" . DC  A 14 ? 0.91783 0.60633 0.63544 -0.05334 0.08313  -0.20812 14  DC  A "O4'" 
273 C "C3'" . DC  A 14 ? 1.01923 0.64157 0.67694 -0.07564 0.09296  -0.20522 14  DC  A "C3'" 
274 O "O3'" . DC  A 14 ? 1.13278 0.75213 0.79835 -0.10612 0.12858  -0.19626 14  DC  A "O3'" 
275 C "C2'" . DC  A 14 ? 0.95048 0.61333 0.64881 -0.05169 0.07619  -0.21331 14  DC  A "C2'" 
276 C "C1'" . DC  A 14 ? 0.90898 0.61065 0.64732 -0.05130 0.08564  -0.20917 14  DC  A "C1'" 
277 N N1    . DC  A 14 ? 0.82809 0.56768 0.59579 -0.02129 0.06214  -0.21568 14  DC  A N1    
278 C C2    . DC  A 14 ? 0.74914 0.52578 0.56131 -0.02697 0.07827  -0.20816 14  DC  A C2    
279 O O2    . DC  A 14 ? 0.76915 0.55724 0.60936 -0.05668 0.11134  -0.20033 14  DC  A O2    
280 N N3    . DC  A 14 ? 0.67428 0.47457 0.49902 -0.00171 0.05936  -0.20929 14  DC  A N3    
281 C C4    . DC  A 14 ? 0.74103 0.52502 0.53058 0.03064  0.02542  -0.21536 14  DC  A C4    
282 N N4    . DC  A 14 ? 0.70240 0.48566 0.48270 0.03887  0.02677  -0.19942 14  DC  A N4    
283 C C5    . DC  A 14 ? 0.82924 0.61428 0.61557 0.03192  0.01053  -0.23040 14  DC  A C5    
284 C C6    . DC  A 14 ? 0.83506 0.58123 0.59427 0.00694  0.02957  -0.23035 14  DC  A C6    
285 P P     . DG  A 15 ? 1.17728 0.76251 0.81317 -0.12490 0.14332  -0.19348 15  DG  A P     
286 O OP1   . DG  A 15 ? 1.09608 0.64636 0.69376 -0.15087 0.16452  -0.18575 15  DG  A OP1   
287 O OP2   . DG  A 15 ? 1.09049 0.66091 0.70743 -0.10261 0.11332  -0.20148 15  DG  A OP2   
288 O "O5'" . DG  A 15 ? 1.03718 0.66139 0.72594 -0.14026 0.17280  -0.19089 15  DG  A "O5'" 
289 C "C5'" . DG  A 15 ? 0.99383 0.66468 0.73616 -0.14186 0.18514  -0.18872 15  DG  A "C5'" 
290 C "C4'" . DG  A 15 ? 0.94826 0.65515 0.74155 -0.15137 0.20591  -0.18792 15  DG  A "C4'" 
291 O "O4'" . DG  A 15 ? 0.94078 0.68394 0.77218 -0.12866 0.18619  -0.19151 15  DG  A "O4'" 
292 C "C3'" . DG  A 15 ? 0.97363 0.65746 0.74578 -0.15567 0.20810  -0.19034 15  DG  A "C3'" 
293 O "O3'" . DG  A 15 ? 1.00514 0.71285 0.81506 -0.18037 0.24506  -0.18705 15  DG  A "O3'" 
294 C "C2'" . DG  A 15 ? 0.93622 0.62980 0.71556 -0.12572 0.17484  -0.19765 15  DG  A "C2'" 
295 C "C1'" . DG  A 15 ? 0.89722 0.63637 0.72475 -0.11459 0.17051  -0.19687 15  DG  A "C1'" 
296 N N9    . DG  A 15 ? 0.84384 0.58267 0.65679 -0.08022 0.13082  -0.20406 15  DG  A N9    
297 C C8    . DG  A 15 ? 0.85649 0.56101 0.62132 -0.06111 0.10108  -0.21138 15  DG  A C8    
298 N N7    . DG  A 15 ? 0.86638 0.58659 0.63497 -0.03018 0.06974  -0.21953 15  DG  A N7    
299 C C5    . DG  A 15 ? 0.78910 0.54881 0.60140 -0.02875 0.07891  -0.21418 15  DG  A C5    
300 C C6    . DG  A 15 ? 0.75644 0.54049 0.58116 -0.00241 0.05841  -0.21529 15  DG  A C6    
301 O O6    . DG  A 15 ? 0.77453 0.54536 0.56757 0.02889  0.02601  -0.22069 15  DG  A O6    
302 N N1    . DG  A 15 ? 0.66926 0.49627 0.54871 -0.01713 0.08132  -0.20766 15  DG  A N1    
303 C C2    . DG  A 15 ? 0.63772 0.48368 0.55884 -0.05002 0.11638  -0.20214 15  DG  A C2    
304 N N2    . DG  A 15 ? 0.60212 0.49446 0.58323 -0.05993 0.13055  -0.19802 15  DG  A N2    
305 N N3    . DG  A 15 ? 0.73157 0.55180 0.63626 -0.07260 0.13675  -0.20039 15  DG  A N3    
306 C C4    . DG  A 15 ? 0.77160 0.54714 0.61811 -0.06077 0.11664  -0.20562 15  DG  A C4    
307 P P     . DC  A 16 ? 1.18697 0.88411 0.99153 -0.18715 0.25383  -0.18994 16  DC  A P     
308 O OP1   . DC  A 16 ? 1.18026 0.88205 0.99498 -0.21859 0.29651  -0.18601 16  DC  A OP1   
309 O OP2   . DC  A 16 ? 0.98356 0.63583 0.73199 -0.16997 0.22201  -0.19494 16  DC  A OP2   
310 O "O5'" . DC  A 16 ? 1.02194 0.76772 0.88920 -0.17682 0.25174  -0.19210 16  DC  A "O5'" 
311 C "C5'" . DC  A 16 ? 0.89708 0.68796 0.81922 -0.17729 0.25898  -0.18882 16  DC  A "C5'" 
312 C "C4'" . DC  A 16 ? 0.79387 0.62270 0.76734 -0.16877 0.25458  -0.19080 16  DC  A "C4'" 
313 O "O4'" . DC  A 16 ? 0.78618 0.61909 0.75242 -0.13900 0.21725  -0.19433 16  DC  A "O4'" 
314 C "C3'" . DC  A 16 ? 0.78542 0.60015 0.74710 -0.16898 0.25542  -0.19508 16  DC  A "C3'" 
315 O "O3'" . DC  A 16 ? 0.82981 0.68664 0.85517 -0.18214 0.27895  -0.19373 16  DC  A "O3'" 
316 C "C2'" . DC  A 16 ? 0.73202 0.52844 0.66100 -0.13673 0.21234  -0.20153 16  DC  A "C2'" 
317 C "C1'" . DC  A 16 ? 0.70907 0.53777 0.66873 -0.12265 0.19849  -0.19998 16  DC  A "C1'" 
318 N N1    . DC  A 16 ? 0.71814 0.52645 0.63606 -0.08981 0.15725  -0.20575 16  DC  A N1    
319 C C2    . DC  A 16 ? 0.68980 0.52881 0.63258 -0.06965 0.13868  -0.20665 16  DC  A C2    
320 O O2    . DC  A 16 ? 0.67503 0.55748 0.67680 -0.08161 0.15560  -0.20246 16  DC  A O2    
321 N N3    . DC  A 16 ? 0.69666 0.51659 0.59839 -0.03810 0.10268  -0.21208 16  DC  A N3    
322 C C4    . DC  A 16 ? 0.72189 0.49748 0.56824 -0.02689 0.08299  -0.21823 16  DC  A C4    
323 N N4    . DC  A 16 ? 0.74918 0.51043 0.56203 0.00558  0.04674  -0.22522 16  DC  A N4    
324 C C5    . DC  A 16 ? 0.74948 0.49500 0.57408 -0.04941 0.10044  -0.21760 16  DC  A C5    
325 C C6    . DC  A 16 ? 0.76711 0.52801 0.62412 -0.07988 0.13794  -0.21046 16  DC  A C6    
326 O "O5'" . DC  B 1  ? 0.43980 0.70916 0.87924 0.03180  0.21726  -0.03012 1   DC  B "O5'" 
327 C "C5'" . DC  B 1  ? 0.40000 0.70235 0.81472 0.04214  0.20409  -0.02718 1   DC  B "C5'" 
328 C "C4'" . DC  B 1  ? 0.32977 0.70375 0.74160 0.05809  0.19397  -0.01551 1   DC  B "C4'" 
329 O "O4'" . DC  B 1  ? 0.29882 0.70234 0.69100 0.06108  0.18707  -0.02257 1   DC  B "O4'" 
330 C "C3'" . DC  B 1  ? 0.36385 0.77193 0.75803 0.06746  0.18135  -0.01820 1   DC  B "C3'" 
331 O "O3'" . DC  B 1  ? 0.39047 0.79300 0.81191 0.06985  0.18734  -0.00318 1   DC  B "O3'" 
332 C "C2'" . DC  B 1  ? 0.32436 0.77398 0.70884 0.07096  0.16982  -0.03241 1   DC  B "C2'" 
333 C "C1'" . DC  B 1  ? 0.29591 0.73923 0.65833 0.06957  0.16905  -0.03109 1   DC  B "C1'" 
334 N N1    . DC  B 1  ? 0.28137 0.69532 0.60426 0.07458  0.16363  -0.02391 1   DC  B N1    
335 C C2    . DC  B 1  ? 0.34788 0.72450 0.65511 0.08989  0.16474  0.00993  1   DC  B C2    
336 O O2    . DC  B 1  ? 0.33080 0.68968 0.70248 0.06562  0.17163  -0.04006 1   DC  B O2    
337 N N3    . DC  B 1  ? 0.39368 0.74165 0.68931 0.08079  0.16475  -0.01638 1   DC  B N3    
338 C C4    . DC  B 1  ? 0.35824 0.69529 0.64305 0.06656  0.16337  -0.04314 1   DC  B C4    
339 N N4    . DC  B 1  ? 0.32511 0.63010 0.58412 0.05441  0.15413  -0.06828 1   DC  B N4    
340 C C5    . DC  B 1  ? 0.34110 0.66340 0.64836 0.05146  0.17144  -0.05371 1   DC  B C5    
341 C C6    . DC  B 1  ? 0.29308 0.65183 0.62523 0.05887  0.17592  -0.03847 1   DC  B C6    
342 P P     . DG  B 2  ? 0.49387 0.91959 0.91320 0.07787  0.17925  -0.00156 2   DG  B P     
343 O OP1   . DG  B 2  ? 0.46289 0.89579 0.91359 0.08376  0.18681  0.02525  2   DG  B OP1   
344 O OP2   . DG  B 2  ? 0.52413 0.92992 0.93022 0.07630  0.17703  -0.00595 2   DG  B OP2   
345 O "O5'" . DG  B 2  ? 0.35986 0.80788 0.76441 0.07971  0.16824  -0.02230 2   DG  B "O5'" 
346 C "C5'" . DG  B 2  ? 0.41648 0.87536 0.82747 0.09090  0.16570  0.00010  2   DG  B "C5'" 
347 C "C4'" . DG  B 2  ? 0.40255 0.85501 0.78701 0.09629  0.15572  -0.00238 2   DG  B "C4'" 
348 O "O4'" . DG  B 2  ? 0.37999 0.81335 0.75367 0.08981  0.15570  -0.01951 2   DG  B "O4'" 
349 C "C3'" . DG  B 2  ? 0.47138 0.90532 0.84853 0.09338  0.15360  -0.01369 2   DG  B "C3'" 
350 O "O3'" . DG  B 2  ? 0.50987 0.95941 0.88881 0.10253  0.15142  0.00727  2   DG  B "O3'" 
351 C "C2'" . DG  B 2  ? 0.53591 0.96167 0.87461 0.09929  0.14223  -0.01314 2   DG  B "C2'" 
352 C "C1'" . DG  B 2  ? 0.48465 0.89991 0.82674 0.09287  0.14722  -0.02189 2   DG  B "C1'" 
353 N N9    . DG  B 2  ? 0.42056 0.78586 0.76322 0.08034  0.15645  -0.03461 2   DG  B N9    
354 C C8    . DG  B 2  ? 0.40528 0.72792 0.76442 0.06116  0.16513  -0.04939 2   DG  B C8    
355 N N7    . DG  B 2  ? 0.38345 0.73000 0.66909 0.08933  0.15631  -0.00420 2   DG  B N7    
356 C C5    . DG  B 2  ? 0.37378 0.69708 0.66365 0.08242  0.15576  -0.02716 2   DG  B C5    
357 C C6    . DG  B 2  ? 0.38628 0.70134 0.63808 0.07703  0.14210  -0.05082 2   DG  B C6    
358 O O6    . DG  B 2  ? 0.33689 0.63111 0.57390 0.06550  0.13984  -0.06658 2   DG  B O6    
359 N N1    . DG  B 2  ? 0.43248 0.76628 0.65503 0.07933  0.11940  -0.06642 2   DG  B N1    
360 C C2    . DG  B 2  ? 0.41336 0.78301 0.63202 0.09000  0.10900  -0.05882 2   DG  B C2    
361 N N2    . DG  B 2  ? 0.40874 0.80244 0.58039 0.09739  0.08190  -0.06918 2   DG  B N2    
362 N N3    . DG  B 2  ? 0.39645 0.78062 0.65033 0.09378  0.12154  -0.04231 2   DG  B N3    
363 C C4    . DG  B 2  ? 0.38709 0.74338 0.69000 0.08535  0.14792  -0.03571 2   DG  B C4    
364 P P     . DC  B 3  ? 0.55244 1.02776 0.89912 0.11892  0.13812  0.03118  3   DC  B P     
365 O OP1   . DC  B 3  ? 0.49535 1.00116 0.82944 0.12853  0.13317  0.05121  3   DC  B OP1   
366 O OP2   . DC  B 3  ? 0.58132 1.05622 0.94253 0.12012  0.14193  0.03940  3   DC  B OP2   
367 O "O5'" . DC  B 3  ? 0.43734 0.90305 0.74251 0.12095  0.12466  0.01684  3   DC  B "O5'" 
368 C "C5'" . DC  B 3  ? 0.43050 0.92376 0.68868 0.13238  0.10766  0.02350  3   DC  B "C5'" 
369 C "C4'" . DC  B 3  ? 0.51055 0.99458 0.72648 0.13336  0.09241  0.00562  3   DC  B "C4'" 
370 O "O4'" . DC  B 3  ? 0.54294 0.99213 0.76832 0.12095  0.09798  -0.01421 3   DC  B "O4'" 
371 C "C3'" . DC  B 3  ? 0.60797 1.08433 0.82124 0.13454  0.09053  0.00348  3   DC  B "C3'" 
372 O "O3'" . DC  B 3  ? 0.69478 1.18920 0.85346 0.14393  0.06911  -0.00363 3   DC  B "O3'" 
373 C "C2'" . DC  B 3  ? 0.52852 0.96118 0.76890 0.12013  0.10249  -0.01427 3   DC  B "C2'" 
374 C "C1'" . DC  B 3  ? 0.53264 0.95723 0.75206 0.11630  0.09634  -0.02686 3   DC  B "C1'" 
375 N N1    . DC  B 3  ? 0.50279 0.88468 0.75134 0.10171  0.11363  -0.03795 3   DC  B N1    
376 C C2    . DC  B 3  ? 0.44483 0.80612 0.66215 0.09684  0.10378  -0.05476 3   DC  B C2    
377 O O2    . DC  B 3  ? 0.47046 0.84952 0.64289 0.10306  0.07926  -0.06571 3   DC  B O2    
378 N N3    . DC  B 3  ? 0.42272 0.74783 0.65536 0.08659  0.11959  -0.05739 3   DC  B N3    
379 C C4    . DC  B 3  ? 0.44449 0.75633 0.71667 0.08619  0.14454  -0.03695 3   DC  B C4    
380 N N4    . DC  B 3  ? 0.49951 0.80053 0.75519 0.08198  0.14558  -0.03997 3   DC  B N4    
381 C C5    . DC  B 3  ? 0.47131 0.79116 0.78246 0.08327  0.15146  -0.03021 3   DC  B C5    
382 C C6    . DC  B 3  ? 0.50085 0.86595 0.80390 0.09291  0.13762  -0.03332 3   DC  B C6    
383 P P     . DT  B 4  ? 0.72677 1.23219 0.87086 0.15115  0.06298  0.00034  4   DT  B P     
384 O OP1   . DT  B 4  ? 0.74749 1.29521 0.85604 0.16511  0.05195  0.01420  4   DT  B OP1   
385 O OP2   . DT  B 4  ? 0.53470 1.01863 0.72962 0.14355  0.08157  0.00654  4   DT  B OP2   
386 O "O5'" . DT  B 4  ? 0.55863 1.04874 0.66519 0.14944  0.04593  -0.02505 4   DT  B "O5'" 
387 C "C5'" . DT  B 4  ? 0.56647 1.05808 0.63742 0.14949  0.02979  -0.04158 4   DT  B "C5'" 
388 C "C4'" . DT  B 4  ? 0.63308 1.09938 0.68925 0.14291  0.01843  -0.06492 4   DT  B "C4'" 
389 O "O4'" . DT  B 4  ? 0.62607 1.05593 0.71934 0.12803  0.03459  -0.07051 4   DT  B "O4'" 
390 C "C3'" . DT  B 4  ? 0.69644 1.15648 0.75513 0.14428  0.01846  -0.06599 4   DT  B "C3'" 
391 O "O3'" . DT  B 4  ? 0.73076 1.18793 0.75120 0.14573  -0.00485 -0.08785 4   DT  B "O3'" 
392 C "C2'" . DT  B 4  ? 0.65652 1.08031 0.76861 0.13076  0.04282  -0.06251 4   DT  B "C2'" 
393 C "C1'" . DT  B 4  ? 0.59176 0.99558 0.70214 0.12119  0.04158  -0.07599 4   DT  B "C1'" 
394 N N1    . DT  B 4  ? 0.52954 0.89912 0.68725 0.10817  0.06798  -0.07159 4   DT  B N1    
395 C C2    . DT  B 4  ? 0.52339 0.86239 0.67825 0.09676  0.06855  -0.08694 4   DT  B C2    
396 O O2    . DT  B 4  ? 0.56744 0.90803 0.68861 0.09576  0.04637  -0.10527 4   DT  B O2    
397 N N3    . DT  B 4  ? 0.49417 0.80276 0.68537 0.08739  0.09440  -0.07873 4   DT  B N3    
398 C C4    . DT  B 4  ? 0.49349 0.79980 0.72833 0.08945  0.11890  -0.05610 4   DT  B C4    
399 O O4    . DT  B 4  ? 0.53299 0.82228 0.78287 0.08755  0.13554  -0.04372 4   DT  B O4    
400 C C5    . DT  B 4  ? 0.45399 0.79260 0.70147 0.09749  0.11568  -0.04714 4   DT  B C5    
401 C C7    . DT  B 4  ? 0.47185 0.81358 0.77494 0.09436  0.13607  -0.03569 4   DT  B C7    
402 C C6    . DT  B 4  ? 0.51642 0.88599 0.71971 0.10762  0.09059  -0.05261 4   DT  B C6    
403 P P     . DT  B 5  ? 0.77780 1.24983 0.77300 0.15521  -0.01655 -0.09069 5   DT  B P     
404 O OP1   . DT  B 5  ? 0.71873 1.20746 0.67983 0.16381  -0.02887 -0.08981 5   DT  B OP1   
405 O OP2   . DT  B 5  ? 0.59354 1.05834 0.63197 0.15265  0.00687  -0.07256 5   DT  B OP2   
406 O "O5'" . DT  B 5  ? 0.64176 1.09119 0.62629 0.14888  -0.03281 -0.11384 5   DT  B "O5'" 
407 C "C5'" . DT  B 5  ? 0.63758 1.05785 0.62583 0.13854  -0.03886 -0.12359 5   DT  B "C5'" 
408 C "C4'" . DT  B 5  ? 0.64730 1.04858 0.65827 0.12705  -0.03602 -0.13622 5   DT  B "C4'" 
409 O "O4'" . DT  B 5  ? 0.68979 1.06889 0.74360 0.11701  -0.00350 -0.12210 5   DT  B "O4'" 
410 C "C3'" . DT  B 5  ? 0.60812 0.99999 0.62340 0.12659  -0.03687 -0.14006 5   DT  B "C3'" 
411 O "O3'" . DT  B 5  ? 0.51356 0.87648 0.52880 0.11955  -0.04673 -0.14717 5   DT  B "O3'" 
412 C "C2'" . DT  B 5  ? 0.60467 0.96570 0.66765 0.11452  -0.00297 -0.12820 5   DT  B "C2'" 
413 C "C1'" . DT  B 5  ? 0.65878 1.00680 0.73931 0.10608  0.01070  -0.12465 5   DT  B "C1'" 
414 N N1    . DT  B 5  ? 0.53871 0.86707 0.66483 0.09960  0.04459  -0.10656 5   DT  B N1    
415 C C2    . DT  B 5  ? 0.50861 0.80204 0.65637 0.08576  0.06128  -0.10939 5   DT  B C2    
416 O O2    . DT  B 5  ? 0.51844 0.79591 0.65276 0.07621  0.05101  -0.12642 5   DT  B O2    
417 N N3    . DT  B 5  ? 0.53155 0.81211 0.71687 0.08416  0.08915  -0.08979 5   DT  B N3    
418 C C4    . DT  B 5  ? 0.54811 0.84610 0.76244 0.09276  0.10293  -0.06815 5   DT  B C4    
419 O O4    . DT  B 5  ? 0.56528 0.85353 0.81577 0.09311  0.12660  -0.04712 5   DT  B O4    
420 C C5    . DT  B 5  ? 0.48400 0.81840 0.67666 0.10375  0.08427  -0.06903 5   DT  B C5    
421 C C7    . DT  B 5  ? 0.40954 0.76878 0.62864 0.11108  0.09344  -0.04986 5   DT  B C7    
422 C C6    . DT  B 5  ? 0.53557 0.88335 0.68058 0.10809  0.05663  -0.08658 5   DT  B C6    
423 P P     . DA  B 6  ? 0.68126 1.02885 0.69561 0.11993  -0.05057 -0.14809 6   DA  B P     
424 O OP1   . DA  B 6  ? 0.66242 0.98362 0.66352 0.12060  -0.05735 -0.13845 6   DA  B OP1   
425 O OP2   . DA  B 6  ? 0.66259 1.04053 0.67676 0.12747  -0.04644 -0.15004 6   DA  B OP2   
426 O "O5'" . DA  B 6  ? 0.66295 0.99547 0.70001 0.10794  -0.05010 -0.16101 6   DA  B "O5'" 
427 C "C5'" . DA  B 6  ? 0.61681 0.92802 0.65878 0.10219  -0.05281 -0.16020 6   DA  B "C5'" 
428 C "C4'" . DA  B 6  ? 0.48544 0.79145 0.55392 0.08932  -0.04841 -0.17517 6   DA  B "C4'" 
429 O "O4'" . DA  B 6  ? 0.57245 0.85958 0.65935 0.07656  -0.01954 -0.17126 6   DA  B "O4'" 
430 C "C3'" . DA  B 6  ? 0.44176 0.74062 0.51600 0.08873  -0.04996 -0.17869 6   DA  B "C3'" 
431 O "O3'" . DA  B 6  ? 0.44980 0.73188 0.54142 0.07931  -0.04506 -0.18491 6   DA  B "O3'" 
432 C "C2'" . DA  B 6  ? 0.47341 0.76079 0.56040 0.08180  -0.02555 -0.17407 6   DA  B "C2'" 
433 C "C1'" . DA  B 6  ? 0.49595 0.76423 0.59791 0.07113  -0.00186 -0.16732 6   DA  B "C1'" 
434 N N9    . DA  B 6  ? 0.55545 0.82438 0.66943 0.07521  0.01956  -0.15185 6   DA  B N9    
435 C C8    . DA  B 6  ? 0.56984 0.86742 0.67295 0.09031  0.01430  -0.14271 6   DA  B C8    
436 N N7    . DA  B 6  ? 0.50536 0.80079 0.63445 0.09188  0.03903  -0.12395 6   DA  B N7    
437 C C5    . DA  B 6  ? 0.51970 0.78264 0.67324 0.07854  0.05992  -0.12152 6   DA  B C5    
438 C C6    . DA  B 6  ? 0.50739 0.75726 0.69259 0.07633  0.08682  -0.10290 6   DA  B C6    
439 N N6    . DA  B 6  ? 0.48690 0.75455 0.69575 0.08715  0.10079  -0.07975 6   DA  B N6    
440 N N1    . DA  B 6  ? 0.48944 0.71078 0.68230 0.06098  0.09539  -0.11047 6   DA  B N1    
441 C C2    . DA  B 6  ? 0.51825 0.72152 0.69614 0.04669  0.08321  -0.13213 6   DA  B C2    
442 N N3    . DA  B 6  ? 0.52499 0.73945 0.67999 0.04945  0.06131  -0.14525 6   DA  B N3    
443 C C4    . DA  B 6  ? 0.54375 0.78888 0.68534 0.06652  0.04858  -0.14018 6   DA  B C4    
444 P P     . DA  B 7  ? 0.59953 0.86617 0.69962 0.07608  -0.04134 -0.18772 7   DA  B P     
445 O OP1   . DA  B 7  ? 0.62916 0.88173 0.72827 0.07932  -0.04338 -0.18931 7   DA  B OP1   
446 O OP2   . DA  B 7  ? 0.50568 0.78686 0.58996 0.08904  -0.05493 -0.18378 7   DA  B OP2   
447 O "O5'" . DA  B 7  ? 0.58920 0.81828 0.70845 0.05377  -0.00586 -0.18427 7   DA  B "O5'" 
448 C "C5'" . DA  B 7  ? 0.54567 0.75526 0.67331 0.04013  0.01368  -0.18127 7   DA  B "C5'" 
449 C "C4'" . DA  B 7  ? 0.47873 0.65308 0.62439 0.01782  0.03822  -0.18170 7   DA  B "C4'" 
450 O "O4'" . DA  B 7  ? 0.48167 0.64346 0.64504 0.00805  0.05635  -0.17648 7   DA  B "O4'" 
451 C "C3'" . DA  B 7  ? 0.46223 0.62669 0.61377 0.01383  0.04048  -0.18427 7   DA  B "C3'" 
452 O "O3'" . DA  B 7  ? 0.47042 0.60666 0.63609 -0.00936 0.06087  -0.18540 7   DA  B "O3'" 
453 C "C2'" . DA  B 7  ? 0.43902 0.60780 0.60155 0.01669  0.04519  -0.18011 7   DA  B "C2'" 
454 C "C1'" . DA  B 7  ? 0.46113 0.62035 0.63442 0.01003  0.06086  -0.17374 7   DA  B "C1'" 
455 N N9    . DA  B 7  ? 0.48162 0.65994 0.65170 0.02850  0.06105  -0.16267 7   DA  B N9    
456 C C8    . DA  B 7  ? 0.49783 0.70684 0.64885 0.04807  0.04334  -0.16090 7   DA  B C8    
457 N N7    . DA  B 7  ? 0.46072 0.68365 0.61735 0.06007  0.05246  -0.14628 7   DA  B N7    
458 C C5    . DA  B 7  ? 0.46911 0.67094 0.65094 0.05116  0.07626  -0.13632 7   DA  B C5    
459 C C6    . DA  B 7  ? 0.50926 0.71850 0.71259 0.05924  0.09443  -0.11533 7   DA  B C6    
460 N N6    . DA  B 7  ? 0.54597 0.78394 0.75306 0.07722  0.09654  -0.09704 7   DA  B N6    
461 N N1    . DA  B 7  ? 0.49329 0.67933 0.71899 0.04456  0.10901  -0.11524 7   DA  B N1    
462 C C2    . DA  B 7  ? 0.49190 0.64304 0.72004 0.02019  0.10922  -0.13431 7   DA  B C2    
463 N N3    . DA  B 7  ? 0.45322 0.59759 0.66506 0.01090  0.09668  -0.15019 7   DA  B N3    
464 C C4    . DA  B 7  ? 0.45376 0.62626 0.64229 0.02944  0.07958  -0.14978 7   DA  B C4    
465 P P     . DG  B 8  ? 0.45027 0.57180 0.61691 -0.01605 0.06685  -0.18780 8   DG  B P     
466 O OP1   . DG  B 8  ? 0.51444 0.61277 0.66856 -0.02706 0.07982  -0.18781 8   DG  B OP1   
467 O OP2   . DG  B 8  ? 0.46088 0.59956 0.61254 0.00642  0.04664  -0.18967 8   DG  B OP2   
468 O "O5'" . DG  B 8  ? 0.57031 0.67862 0.77198 -0.03960 0.08481  -0.18729 8   DG  B "O5'" 
469 C "C5'" . DG  B 8  ? 0.52833 0.62078 0.75160 -0.05859 0.09987  -0.18546 8   DG  B "C5'" 
470 C "C4'" . DG  B 8  ? 0.47096 0.54948 0.71614 -0.06446 0.10821  -0.18377 8   DG  B "C4'" 
471 O "O4'" . DG  B 8  ? 0.45763 0.55335 0.69092 -0.03886 0.09931  -0.17763 8   DG  B "O4'" 
472 C "C3'" . DG  B 8  ? 0.36360 0.44447 0.61444 -0.06421 0.10634  -0.18587 8   DG  B "C3'" 
473 O "O3'" . DG  B 8  ? 0.47063 0.52061 0.72081 -0.07414 0.12077  -0.17271 8   DG  B "O3'" 
474 C "C2'" . DG  B 8  ? 0.41350 0.50735 0.65877 -0.04097 0.09820  -0.18117 8   DG  B "C2'" 
475 C "C1'" . DG  B 8  ? 0.39520 0.48796 0.64007 -0.03381 0.10356  -0.17366 8   DG  B "C1'" 
476 N N9    . DG  B 8  ? 0.38339 0.50732 0.61232 -0.00371 0.09434  -0.16342 8   DG  B N9    
477 C C8    . DG  B 8  ? 0.44534 0.59830 0.64899 0.01616  0.07533  -0.16464 8   DG  B C8    
478 N N7    . DG  B 8  ? 0.49116 0.66796 0.68862 0.03694  0.07386  -0.15236 8   DG  B N7    
479 C C5    . DG  B 8  ? 0.46784 0.63641 0.68831 0.03490  0.09318  -0.13901 8   DG  B C5    
480 C C6    . DG  B 8  ? 0.46643 0.65946 0.69618 0.05325  0.10196  -0.11720 8   DG  B C6    
481 O O6    . DG  B 8  ? 0.47995 0.70211 0.70051 0.07205  0.09673  -0.10572 8   DG  B O6    
482 N N1    . DG  B 8  ? 0.43555 0.61441 0.69285 0.04420  0.11839  -0.10941 8   DG  B N1    
483 C C2    . DG  B 8  ? 0.45824 0.59254 0.73216 0.01757  0.12733  -0.12295 8   DG  B C2    
484 N N2    . DG  B 8  ? 0.50016 0.61569 0.80189 0.01038  0.14309  -0.11437 8   DG  B N2    
485 N N3    . DG  B 8  ? 0.49313 0.60238 0.75917 -0.00189 0.12204  -0.14192 8   DG  B N3    
486 C C4    . DG  B 8  ? 0.45484 0.58749 0.69432 0.00939  0.10439  -0.14797 8   DG  B C4    
487 P P     . DG  B 9  ? 0.63411 0.67114 0.86533 -0.08173 0.12848  -0.16409 9   DG  B P     
488 O OP1   . DG  B 9  ? 0.51759 0.56658 0.74993 -0.08246 0.12766  -0.17237 9   DG  B OP1   
489 O OP2   . DG  B 9  ? 0.65784 0.66954 0.88269 -0.08515 0.13593  -0.14895 9   DG  B OP2   
490 O "O5'" . DG  B 9  ? 0.46266 0.50760 0.68476 -0.08367 0.12802  -0.16874 9   DG  B "O5'" 
491 C "C5'" . DG  B 9  ? 0.53783 0.59334 0.75405 -0.08691 0.13029  -0.17839 9   DG  B "C5'" 
492 C "C4'" . DG  B 9  ? 0.50832 0.54028 0.70562 -0.09661 0.14608  -0.16951 9   DG  B "C4'" 
493 O "O4'" . DG  B 9  ? 0.44864 0.48318 0.63793 -0.10334 0.15519  -0.18281 9   DG  B "O4'" 
494 C "C3'" . DG  B 9  ? 0.56257 0.58805 0.75089 -0.09867 0.14775  -0.16457 9   DG  B "C3'" 
495 O "O3'" . DG  B 9  ? 0.50480 0.51009 0.67866 -0.10510 0.15835  -0.15367 9   DG  B "O3'" 
496 C "C2'" . DG  B 9  ? 0.58283 0.62419 0.76846 -0.10116 0.14822  -0.18118 9   DG  B "C2'" 
497 C "C1'" . DG  B 9  ? 0.52210 0.54829 0.68392 -0.09827 0.15309  -0.18393 9   DG  B "C1'" 
498 N N9    . DG  B 9  ? 0.56946 0.58465 0.67984 -0.06449 0.12696  -0.18769 9   DG  B N9    
499 C C8    . DG  B 9  ? 0.59177 0.62566 0.69437 -0.03758 0.10141  -0.18954 9   DG  B C8    
500 N N7    . DG  B 9  ? 0.61132 0.62264 0.66324 -0.01255 0.08318  -0.19183 9   DG  B N7    
501 C C5    . DG  B 9  ? 0.63205 0.60289 0.65141 -0.02204 0.09376  -0.19288 9   DG  B C5    
502 C C6    . DG  B 9  ? 0.64931 0.57207 0.60435 -0.00570 0.07925  -0.19610 9   DG  B C6    
503 O O6    . DG  B 9  ? 0.63842 0.54007 0.55119 0.01866  0.05770  -0.19700 9   DG  B O6    
504 N N1    . DG  B 9  ? 0.67370 0.56783 0.61443 -0.02549 0.09523  -0.19698 9   DG  B N1    
505 C C2    . DG  B 9  ? 0.66878 0.57817 0.65100 -0.05861 0.12738  -0.19260 9   DG  B C2    
506 N N2    . DG  B 9  ? 0.76749 0.64462 0.72488 -0.07642 0.14357  -0.19190 9   DG  B N2    
507 N N3    . DG  B 9  ? 0.60715 0.55743 0.64944 -0.07442 0.14264  -0.18874 9   DG  B N3    
508 C C4    . DG  B 9  ? 0.60828 0.58599 0.66501 -0.05438 0.12231  -0.18992 9   DG  B C4    
509 P P     . DA  B 10 ? 0.50972 0.50672 0.67837 -0.10582 0.15742  -0.14426 10  DA  B P     
510 O OP1   . DA  B 10 ? 0.65296 0.62423 0.85973 -0.11994 0.21499  -0.19077 10  DA  B OP1   
511 O OP2   . DA  B 10 ? 0.43742 0.44451 0.61476 -0.10057 0.14828  -0.14830 10  DA  B OP2   
512 O "O5'" . DA  B 10 ? 0.44262 0.43097 0.59114 -0.11511 0.17085  -0.14877 10  DA  B "O5'" 
513 C "C5'" . DA  B 10 ? 0.51046 0.48998 0.64488 -0.12283 0.18375  -0.15698 10  DA  B "C5'" 
514 C "C4'" . DA  B 10 ? 0.60909 0.57444 0.71828 -0.13352 0.19661  -0.16437 10  DA  B "C4'" 
515 O "O4'" . DA  B 10 ? 0.63932 0.60512 0.73600 -0.13289 0.19539  -0.17848 10  DA  B "O4'" 
516 C "C3'" . DA  B 10 ? 0.60152 0.57254 0.71323 -0.13119 0.19067  -0.16116 10  DA  B "C3'" 
517 O "O3'" . DA  B 10 ? 0.74164 0.69182 0.82406 -0.14316 0.20519  -0.16435 10  DA  B "O3'" 
518 C "C2'" . DA  B 10 ? 0.58047 0.57328 0.70653 -0.12606 0.18069  -0.17289 10  DA  B "C2'" 
519 C "C1'" . DA  B 10 ? 0.66154 0.63227 0.74571 -0.11844 0.17867  -0.17995 10  DA  B "C1'" 
520 N N9    . DA  B 10 ? 0.65633 0.62908 0.71173 -0.08252 0.14520  -0.18440 10  DA  B N9    
521 C C8    . DA  B 10 ? 0.64570 0.65028 0.72314 -0.06585 0.12719  -0.18537 10  DA  B C8    
522 N N7    . DA  B 10 ? 0.65021 0.64858 0.69015 -0.03445 0.10148  -0.18809 10  DA  B N7    
523 C C5    . DA  B 10 ? 0.63539 0.58905 0.62381 -0.02985 0.09921  -0.19026 10  DA  B C5    
524 C C6    . DA  B 10 ? 0.70968 0.62668 0.63857 -0.00326 0.07559  -0.19350 10  DA  B C6    
525 N N6    . DA  B 10 ? 0.74459 0.66795 0.65954 0.02033  0.05657  -0.19262 10  DA  B N6    
526 N N1    . DA  B 10 ? 0.69446 0.56742 0.58144 -0.00673 0.07469  -0.19699 10  DA  B N1    
527 C C2    . DA  B 10 ? 0.71873 0.58731 0.62189 -0.03740 0.10146  -0.19482 10  DA  B C2    
528 N N3    . DA  B 10 ? 0.72373 0.62187 0.67852 -0.06528 0.13005  -0.18940 10  DA  B N3    
529 C C4    . DA  B 10 ? 0.63405 0.57335 0.63087 -0.05918 0.12531  -0.18823 10  DA  B C4    
530 P P     . DA  B 11 ? 0.70035 0.63789 0.77202 -0.14736 0.21149  -0.15505 11  DA  B P     
531 O OP1   . DA  B 11 ? 0.56679 0.50383 0.64601 -0.14541 0.21273  -0.14854 11  DA  B OP1   
532 O OP2   . DA  B 11 ? 0.68785 0.63776 0.77307 -0.14170 0.20157  -0.15008 11  DA  B OP2   
533 O "O5'" . DA  B 11 ? 0.59315 0.49964 0.62136 -0.16370 0.22966  -0.16295 11  DA  B "O5'" 
534 C "C5'" . DA  B 11 ? 0.69169 0.57436 0.69168 -0.17343 0.24156  -0.16877 11  DA  B "C5'" 
535 C "C4'" . DA  B 11 ? 0.72068 0.56703 0.66426 -0.17113 0.23488  -0.17393 11  DA  B "C4'" 
536 O "O4'" . DA  B 11 ? 0.77267 0.62452 0.70646 -0.13742 0.19802  -0.17913 11  DA  B "O4'" 
537 C "C3'" . DA  B 11 ? 0.72969 0.56983 0.66158 -0.17857 0.23954  -0.17278 11  DA  B "C3'" 
538 O "O3'" . DA  B 11 ? 0.81285 0.60459 0.67850 -0.17361 0.22867  -0.17399 11  DA  B "O3'" 
539 C "C2'" . DA  B 11 ? 0.77794 0.64467 0.72865 -0.15362 0.21197  -0.17635 11  DA  B "C2'" 
540 C "C1'" . DA  B 11 ? 0.84204 0.69295 0.76057 -0.12435 0.18174  -0.18116 11  DA  B "C1'" 
541 N N9    . DA  B 11 ? 0.75521 0.63456 0.69009 -0.09518 0.15403  -0.18505 11  DA  B N9    
542 C C8    . DA  B 11 ? 0.67942 0.60338 0.66852 -0.09654 0.15660  -0.18354 11  DA  B C8    
543 N N7    . DA  B 11 ? 0.58689 0.52700 0.57257 -0.06753 0.12981  -0.18666 11  DA  B N7    
544 C C5    . DA  B 11 ? 0.65849 0.56150 0.58566 -0.04476 0.10818  -0.19082 11  DA  B C5    
545 C C6    . DA  B 11 ? 0.71648 0.61034 0.60922 -0.01025 0.07772  -0.19403 11  DA  B C6    
546 N N6    . DA  B 11 ? 0.63427 0.56160 0.54914 0.00450  0.06832  -0.19160 11  DA  B N6    
547 N N1    . DA  B 11 ? 0.73801 0.58662 0.57417 0.00560  0.05872  -0.19924 11  DA  B N1    
548 C C2    . DA  B 11 ? 0.78839 0.61089 0.60989 -0.01403 0.07007  -0.20181 11  DA  B C2    
549 N N3    . DA  B 11 ? 0.75454 0.57820 0.59761 -0.04877 0.10289  -0.19566 11  DA  B N3    
550 C C4    . DA  B 11 ? 0.68343 0.54860 0.58026 -0.06160 0.12048  -0.19079 11  DA  B C4    
551 P P     . DT  B 12 ? 0.90663 0.67375 0.74263 -0.19284 0.24469  -0.17116 12  DT  B P     
552 O OP1   . DT  B 12 ? 0.77632 0.54471 0.62460 -0.21986 0.27842  -0.16675 12  DT  B OP1   
553 O OP2   . DT  B 12 ? 0.84272 0.63380 0.70062 -0.18532 0.23590  -0.17269 12  DT  B OP2   
554 O "O5'" . DT  B 12 ? 0.86480 0.57745 0.62765 -0.17753 0.21820  -0.17369 12  DT  B "O5'" 
555 C "C5'" . DT  B 12 ? 0.95427 0.65750 0.70017 -0.14940 0.18628  -0.17905 12  DT  B "C5'" 
556 C "C4'" . DT  B 12 ? 0.96491 0.65542 0.68164 -0.12051 0.15009  -0.18554 12  DT  B "C4'" 
557 O "O4'" . DT  B 12 ? 0.89962 0.62963 0.65019 -0.09225 0.12764  -0.19148 12  DT  B "O4'" 
558 C "C3'" . DT  B 12 ? 0.95726 0.63552 0.65558 -0.12743 0.15245  -0.18435 12  DT  B "C3'" 
559 O "O3'" . DT  B 12 ? 1.04402 0.68319 0.69132 -0.11335 0.12768  -0.18821 12  DT  B "O3'" 
560 C "C2'" . DT  B 12 ? 0.86521 0.58929 0.60596 -0.11021 0.14189  -0.18808 12  DT  B "C2'" 
561 C "C1'" . DT  B 12 ? 0.84542 0.58506 0.59451 -0.07975 0.11437  -0.19469 12  DT  B "C1'" 
562 N N1    . DT  B 12 ? 0.79569 0.58433 0.59163 -0.06529 0.10895  -0.19558 12  DT  B N1    
563 C C2    . DT  B 12 ? 0.79694 0.59931 0.58856 -0.02984 0.07702  -0.20257 12  DT  B C2    
564 O O2    . DT  B 12 ? 0.83870 0.62339 0.60032 -0.00896 0.05192  -0.21157 12  DT  B O2    
565 N N3    . DT  B 12 ? 0.74715 0.58939 0.57570 -0.02168 0.07735  -0.19926 12  DT  B N3    
566 C C4    . DT  B 12 ? 0.69995 0.57676 0.57974 -0.04578 0.10329  -0.19329 12  DT  B C4    
567 O O4    . DT  B 12 ? 0.62816 0.54383 0.54421 -0.03871 0.10045  -0.19171 12  DT  B O4    
568 C C5    . DT  B 12 ? 0.75107 0.61519 0.63929 -0.08088 0.13415  -0.18896 12  DT  B C5    
569 C C7    . DT  B 12 ? 0.79488 0.69362 0.74088 -0.10861 0.16240  -0.18401 12  DT  B C7    
570 C C6    . DT  B 12 ? 0.79059 0.61046 0.63354 -0.08862 0.13670  -0.18932 12  DT  B C6    
571 P P     . DT  B 13 ? 1.05566 0.67052 0.67037 -0.11721 0.12362  -0.18776 13  DT  B P     
572 O OP1   . DT  B 13 ? 1.05097 0.60934 0.60621 -0.12552 0.11955  -0.18433 13  DT  B OP1   
573 O OP2   . DT  B 13 ? 1.06712 0.70377 0.70964 -0.13850 0.15044  -0.18314 13  DT  B OP2   
574 O "O5'" . DT  B 13 ? 0.88364 0.52118 0.50765 -0.08161 0.08878  -0.19868 13  DT  B "O5'" 
575 C "C5'" . DT  B 13 ? 0.93314 0.57446 0.55538 -0.05882 0.06539  -0.20610 13  DT  B "C5'" 
576 C "C4'" . DT  B 13 ? 0.96296 0.63531 0.60051 -0.03125 0.04018  -0.21782 13  DT  B "C4'" 
577 O "O4'" . DT  B 13 ? 0.92638 0.65373 0.61472 -0.01557 0.03694  -0.22257 13  DT  B "O4'" 
578 C "C3'" . DT  B 13 ? 1.01890 0.67746 0.63654 -0.03582 0.03977  -0.21719 13  DT  B "C3'" 
579 O "O3'" . DT  B 13 ? 1.11265 0.75253 0.70148 -0.02379 0.02028  -0.22176 13  DT  B "O3'" 
580 C "C2'" . DT  B 13 ? 0.95977 0.67073 0.62288 -0.02409 0.03899  -0.22196 13  DT  B "C2'" 
581 C "C1'" . DT  B 13 ? 0.88953 0.64297 0.59121 -0.00421 0.02880  -0.22811 13  DT  B "C1'" 
582 N N1    . DT  B 13 ? 0.78425 0.56627 0.51768 -0.00229 0.03831  -0.22011 13  DT  B N1    
583 C C2    . DT  B 13 ? 0.77615 0.59020 0.52814 0.02618  0.02052  -0.21943 13  DT  B C2    
584 O O2    . DT  B 13 ? 0.78596 0.64281 0.56717 0.04197  0.00154  -0.22625 13  DT  B O2    
585 N N3    . DT  B 13 ? 0.72447 0.55367 0.49859 0.01564  0.04003  -0.20776 13  DT  B N3    
586 C C4    . DT  B 13 ? 0.69400 0.53734 0.50190 -0.01913 0.07140  -0.20242 13  DT  B C4    
587 O O4    . DT  B 13 ? 0.62562 0.50694 0.47922 -0.02956 0.08607  -0.19749 13  DT  B O4    
588 C C5    . DT  B 13 ? 0.75275 0.56113 0.53770 -0.04442 0.08715  -0.20193 13  DT  B C5    
589 C C7    . DT  B 13 ? 0.85049 0.66298 0.66024 -0.08249 0.12363  -0.19411 13  DT  B C7    
590 C C6    . DT  B 13 ? 0.77605 0.54978 0.51875 -0.03478 0.07015  -0.20817 13  DT  B C6    
591 P P     . DC  B 14 ? 1.18510 0.80140 0.74329 -0.02567 0.01478  -0.22086 14  DC  B P     
592 O OP1   . DC  B 14 ? 1.11020 0.66232 0.60752 -0.03061 0.00625  -0.21283 14  DC  B OP1   
593 O OP2   . DC  B 14 ? 1.14543 0.76863 0.71529 -0.04172 0.03343  -0.21722 14  DC  B OP2   
594 O "O5'" . DC  B 14 ? 1.04747 0.71073 0.63541 -0.00293 -0.00138 -0.23130 14  DC  B "O5'" 
595 C "C5'" . DC  B 14 ? 0.97571 0.66880 0.58883 0.00905  -0.00696 -0.23427 14  DC  B "C5'" 
596 C "C4'" . DC  B 14 ? 1.01964 0.74961 0.65442 0.02106  -0.01212 -0.23559 14  DC  B "C4'" 
597 O "O4'" . DC  B 14 ? 0.98729 0.77240 0.67434 0.01285  0.00563  -0.24175 14  DC  B "O4'" 
598 C "C3'" . DC  B 14 ? 1.06620 0.78412 0.68106 0.02380  -0.01872 -0.23525 14  DC  B "C3'" 
599 O "O3'" . DC  B 14 ? 1.10522 0.81906 0.70711 0.04864  -0.04046 -0.22748 14  DC  B "O3'" 
600 C "C2'" . DC  B 14 ? 1.03203 0.79986 0.69165 0.01200  -0.00052 -0.24450 14  DC  B "C2'" 
601 C "C1'" . DC  B 14 ? 0.96407 0.76800 0.66038 0.00953  0.01097  -0.24326 14  DC  B "C1'" 
602 N N1    . DC  B 14 ? 0.78969 0.64847 0.54790 0.00485  0.02190  -0.24293 14  DC  B N1    
603 C C2    . DC  B 14 ? 0.77324 0.59150 0.50049 -0.00899 0.04496  -0.21242 14  DC  B C2    
604 O O2    . DC  B 14 ? 0.82062 0.65397 0.54548 0.01961  0.02365  -0.21686 14  DC  B O2    
605 N N3    . DC  B 14 ? 0.73145 0.52398 0.43813 0.03671  0.01926  -0.19331 14  DC  B N3    
606 C C4    . DC  B 14 ? 0.76130 0.58412 0.50183 0.02694  0.02298  -0.21584 14  DC  B C4    
607 N N4    . DC  B 14 ? 0.69580 0.53960 0.47092 0.00190  0.05039  -0.20884 14  DC  B N4    
608 C C5    . DC  B 14 ? 0.86124 0.66440 0.58697 0.01218  0.02433  -0.22852 14  DC  B C5    
609 C C6    . DC  B 14 ? 0.83344 0.64980 0.56126 0.01726  0.01148  -0.24114 14  DC  B C6    
610 P P     . DG  B 15 ? 1.28251 0.98698 0.86621 0.05875  -0.05263 -0.22678 15  DG  B P     
611 O OP1   . DG  B 15 ? 1.18959 0.87498 0.75265 0.09096  -0.08282 -0.21943 15  DG  B OP1   
612 O OP2   . DG  B 15 ? 1.20332 0.88225 0.76658 0.03620  -0.04022 -0.23243 15  DG  B OP2   
613 O "O5'" . DG  B 15 ? 1.06857 0.82667 0.69438 0.06126  -0.04404 -0.22736 15  DG  B "O5'" 
614 C "C5'" . DG  B 15 ? 1.04098 0.83568 0.69987 0.07913  -0.04996 -0.22097 15  DG  B "C5'" 
615 C "C4'" . DG  B 15 ? 0.97823 0.81504 0.66475 0.10459  -0.06415 -0.21708 15  DG  B "C4'" 
616 O "O4'" . DG  B 15 ? 0.97381 0.84298 0.69011 0.08962  -0.04468 -0.21682 15  DG  B "O4'" 
617 C "C3'" . DG  B 15 ? 1.01668 0.83686 0.68043 0.11115  -0.07442 -0.21976 15  DG  B "C3'" 
618 O "O3'" . DG  B 15 ? 1.07409 0.93966 0.76930 0.14480  -0.09443 -0.21669 15  DG  B "O3'" 
619 C "C2'" . DG  B 15 ? 0.92562 0.74143 0.58610 0.07663  -0.04702 -0.22581 15  DG  B "C2'" 
620 C "C1'" . DG  B 15 ? 0.92132 0.77383 0.61983 0.06970  -0.03150 -0.22208 15  DG  B "C1'" 
621 N N9    . DG  B 15 ? 0.86346 0.69656 0.55547 0.03087  0.00045  -0.22787 15  DG  B N9    
622 C C8    . DG  B 15 ? 0.83395 0.65087 0.51586 0.00783  0.01164  -0.24256 15  DG  B C8    
623 N N7    . DG  B 15 ? 0.81103 0.66732 0.54277 -0.00318 0.02372  -0.24618 15  DG  B N7    
624 C C5    . DG  B 15 ? 0.78866 0.60544 0.49373 -0.01166 0.04224  -0.21611 15  DG  B C5    
625 C C6    . DG  B 15 ? 0.78432 0.57688 0.47424 0.03278  0.01953  -0.19725 15  DG  B C6    
626 O O6    . DG  B 15 ? 0.76727 0.59348 0.49367 0.02723  0.02207  -0.21686 15  DG  B O6    
627 N N1    . DG  B 15 ? 0.71896 0.56235 0.45067 0.02535  0.03409  -0.20182 15  DG  B N1    
628 C C2    . DG  B 15 ? 0.67564 0.57510 0.44399 0.03712  0.02122  -0.20716 15  DG  B C2    
629 N N2    . DG  B 15 ? 0.64766 0.62003 0.47731 0.05242  0.01299  -0.20430 15  DG  B N2    
630 N N3    . DG  B 15 ? 0.74165 0.63625 0.49455 0.04575  0.00620  -0.21282 15  DG  B N3    
631 C C4    . DG  B 15 ? 0.80187 0.64271 0.51000 0.02039  0.01872  -0.22105 15  DG  B C4    
632 P P     . DC  B 16 ? 1.11502 0.98153 0.80156 0.15623  -0.10476 -0.21966 16  DC  B P     
633 O OP1   . DC  B 16 ? 1.02886 0.92633 0.73813 0.19909  -0.13295 -0.21757 16  DC  B OP1   
634 O OP2   . DC  B 16 ? 0.94383 0.75167 0.57991 0.13237  -0.09717 -0.22437 16  DC  B OP2   
635 O "O5'" . DC  B 16 ? 0.98554 0.89740 0.70709 0.14489  -0.08848 -0.22010 16  DC  B "O5'" 
636 C "C5'" . DC  B 16 ? 0.88424 0.84731 0.65234 0.14830  -0.08287 -0.21583 16  DC  B "C5'" 
637 C "C4'" . DC  B 16 ? 0.81254 0.81352 0.60856 0.14034  -0.07182 -0.21609 16  DC  B "C4'" 
638 O "O4'" . DC  B 16 ? 0.79343 0.77415 0.58293 0.10573  -0.04412 -0.21593 16  DC  B "O4'" 
639 C "C3'" . DC  B 16 ? 0.78902 0.77094 0.56099 0.13690  -0.07259 -0.22089 16  DC  B "C3'" 
640 O "O3'" . DC  B 16 ? 0.81772 0.85989 0.63229 0.15143  -0.07746 -0.22006 16  DC  B "O3'" 
641 C "C2'" . DC  B 16 ? 0.75322 0.68083 0.48628 0.09445  -0.04466 -0.22462 16  DC  B "C2'" 
642 C "C1'" . DC  B 16 ? 0.71008 0.66286 0.47440 0.08388  -0.02923 -0.21997 16  DC  B "C1'" 
643 N N1    . DC  B 16 ? 0.74102 0.63751 0.46972 0.04713  -0.00172 -0.22149 16  DC  B N1    
644 C C2    . DC  B 16 ? 0.72577 0.63044 0.47344 0.03820  0.01370  -0.21550 16  DC  B C2    
645 O O2    . DC  B 16 ? 0.68521 0.65799 0.48949 0.05516  0.00529  -0.21237 16  DC  B O2    
646 N N3    . DC  B 16 ? 0.77134 0.61273 0.47744 0.01995  0.03017  -0.21039 16  DC  B N3    
647 C C4    . DC  B 16 ? 0.79302 0.57629 0.45453 0.00509  0.03235  -0.20410 16  DC  B C4    
648 N N4    . DC  B 16 ? 0.78469 0.60700 0.48321 0.03918  0.00414  -0.22163 16  DC  B N4    
649 C C5    . DC  B 16 ? 0.76912 0.59611 0.45271 -0.00804 0.03013  -0.23057 16  DC  B C5    
650 C C6    . DC  B 16 ? 0.80649 0.65270 0.49150 0.02454  0.00669  -0.23018 16  DC  B C6    
651 C C1    . HT1 C .  ? 1.07064 0.86370 0.95466 -0.15275 0.21608  -0.18017 101 HT1 B C1    
652 O O1    . HT1 C .  ? 1.03754 0.85988 0.97092 -0.17195 0.24404  -0.17740 101 HT1 B O1    
653 C C2    . HT1 C .  ? 1.12936 0.87606 0.95622 -0.16035 0.21726  -0.17947 101 HT1 B C2    
654 C C3    . HT1 C .  ? 1.08669 0.80547 0.86943 -0.14290 0.19023  -0.18235 101 HT1 B C3    
655 C C4    . HT1 C .  ? 1.04874 0.78839 0.84379 -0.11538 0.16209  -0.18710 101 HT1 B C4    
656 C C5    . HT1 C .  ? 0.95711 0.74188 0.80416 -0.10703 0.16116  -0.18755 101 HT1 B C5    
657 C C6    . HT1 C .  ? 0.89241 0.70318 0.78448 -0.12630 0.18727  -0.18376 101 HT1 B C6    
658 C C7    . HT1 C .  ? 1.04738 0.76654 0.80575 -0.09498 0.13415  -0.19197 101 HT1 B C7    
659 N N1    . HT1 C .  ? 0.99692 0.73668 0.76359 -0.06810 0.10837  -0.19764 101 HT1 B N1    
660 C C8    . HT1 C .  ? 1.03085 0.74338 0.75783 -0.05657 0.08857  -0.20282 101 HT1 B C8    
661 C C9    . HT1 C .  ? 1.12154 0.79097 0.81010 -0.07703 0.10113  -0.19848 101 HT1 B C9    
662 N N2    . HT1 C .  ? 1.13873 0.81190 0.84449 -0.09955 0.12865  -0.19216 101 HT1 B N2    
663 C C10   . HT1 C .  ? 1.10685 0.73949 0.74906 -0.07265 0.08589  -0.20072 101 HT1 B C10   
664 C C11   . HT1 C .  ? 1.05684 0.70267 0.69926 -0.04940 0.06108  -0.20897 101 HT1 B C11   
665 C C12   . HT1 C .  ? 0.99775 0.69398 0.68378 -0.02791 0.04904  -0.21626 101 HT1 B C12   
666 C C13   . HT1 C .  ? 0.98073 0.70571 0.70389 -0.03037 0.06130  -0.21166 101 HT1 B C13   
667 C C14   . HT1 C .  ? 1.00075 0.71682 0.69076 -0.00868 0.02893  -0.22659 101 HT1 B C14   
668 N N3    . HT1 C .  ? 0.92914 0.69387 0.65693 0.00818  0.02064  -0.23353 101 HT1 B N3    
669 C C15   . HT1 C .  ? 0.93182 0.70858 0.65677 0.01124  0.01337  -0.24265 101 HT1 B C15   
670 C C16   . HT1 C .  ? 1.00660 0.72773 0.67895 0.00461  0.00925  -0.23606 101 HT1 B C16   
671 N N4    . HT1 C .  ? 1.03541 0.72360 0.68953 -0.00725 0.01808  -0.22880 101 HT1 B N4    
672 C C17   . HT1 C .  ? 1.05153 0.75283 0.69273 0.01169  -0.00333 -0.23330 101 HT1 B C17   
673 C C18   . HT1 C .  ? 1.01593 0.74796 0.67453 0.02057  -0.00666 -0.23386 101 HT1 B C18   
674 C C19   . HT1 C .  ? 0.97794 0.76070 0.68413 0.01516  0.00844  -0.23809 101 HT1 B C19   
675 C C20   . HT1 C .  ? 0.94960 0.76462 0.69970 0.01050  0.01752  -0.24147 101 HT1 B C20   
676 N N5    . HT1 C .  ? 1.02018 0.80390 0.71433 0.03116  -0.00406 -0.22785 101 HT1 B N5    
677 C C21   . HT1 C .  ? 0.99913 0.81378 0.72045 0.04534  -0.00672 -0.21818 101 HT1 B C21   
678 C C22   . HT1 C .  ? 1.06197 0.90767 0.79926 0.06867  -0.02289 -0.21182 101 HT1 B C22   
679 N N6    . HT1 C .  ? 1.19433 1.01926 0.90415 0.07623  -0.03613 -0.21396 101 HT1 B N6    
680 C C23   . HT1 C .  ? 1.15149 0.93277 0.82279 0.08013  -0.04905 -0.21554 101 HT1 B C23   
681 C C24   . HT1 C .  ? 1.15349 0.90967 0.81329 0.05680  -0.03317 -0.22095 101 HT1 B C24   
682 C C25   . HT1 C .  ? 1.13028 0.99485 0.86380 0.10800  -0.05836 -0.20890 101 HT1 B C25   
683 C C26   . HT1 C .  ? 0.94590 0.78908 0.90581 -0.15808 0.23140  -0.18022 101 HT1 B C26   
684 C C27   . HT1 C .  ? 0.78740 0.68242 0.82014 -0.16540 0.24183  -0.17743 101 HT1 B C27   
# 
